data_4EEF
#
_entry.id   4EEF
#
_cell.length_a   72.333
_cell.length_b   126.151
_cell.length_c   243.290
_cell.angle_alpha   90.00
_cell.angle_beta   90.00
_cell.angle_gamma   90.00
#
_symmetry.space_group_name_H-M   'P 21 21 21'
#
loop_
_entity.id
_entity.type
_entity.pdbx_description
1 polymer 'Hemagglutinin HA1 chain'
2 polymer 'Hemagglutinin HA2 chain'
3 polymer 'F-HB80.4, DESIGNED HEMAGGLUTININ BINDING PROTEIN'
4 branched beta-D-mannopyranose-(1-4)-2-acetamido-2-deoxy-beta-D-glucopyranose-(1-4)-2-acetamido-2-deoxy-beta-D-glucopyranose
5 water water
#
loop_
_entity_poly.entity_id
_entity_poly.type
_entity_poly.pdbx_seq_one_letter_code
_entity_poly.pdbx_strand_id
1 'polypeptide(L)'
;ADPGDTICIGYHANNSTDTVDTVLEKNVTVTHSVNLLEDSHNGKLCKLKGIAPLQLGKCNIAGWLLGNPECDLLLTASSW
SYIVETSNSENGTCYPGDFIDYEELREQLSSVSSFEKFEIFPKTSSWPNHETTKGVTAACSYAGASSFYRNLLWLTKKGS
SYPKLSKSYVNNKGKEVLVLWGVHHPPTGTDQQSLYQNADAYVSVGSSKYNRRFTPEIAARPKVRDQAGRMNYYWTLLEP
GDTITFEATGNLIAPWYAFALNRGSGSGIITSDAPVHDCNTKCQTPHGAINSSLPFQNIHPVTIGECPKYVRSTKLRMAT
GLRNIPSIQSR
;
A,C,E
2 'polypeptide(L)'
;GLFGAIAGFIEGGWTGMIDGWYGYHHQNEQGSGYAADQKSTQNAIDGITNKVNSVIEKMNTQFTAVGKEFNNLERRIENL
NKKVDDGFLDIWTYNAELLVLLENERTLDFHDSNVRNLYEKVKSQLKNNAKEIGNGCFEFYHKCDDACMESVRNGTYDYP
KYSEESKLNREEIDGVSGR
;
B,D,F
3 'polypeptide(L)' MDYKDDDDKGSHMASTRGSGRPWKFSENIAFEIALSFTNKDTPDRWKKVAQYVKGRTPEEVKKHYELEHHHHHH G,H,I
#
loop_
_chem_comp.id
_chem_comp.type
_chem_comp.name
_chem_comp.formula
BMA D-saccharide, beta linking beta-D-mannopyranose 'C6 H12 O6'
NAG D-saccharide, beta linking 2-acetamido-2-deoxy-beta-D-glucopyranose 'C8 H15 N O6'
#
# COMPACT_ATOMS: atom_id res chain seq x y z
N GLY A 4 -39.37 -51.31 -7.56
CA GLY A 4 -39.25 -50.32 -8.62
C GLY A 4 -37.82 -50.13 -9.09
N ASP A 5 -37.58 -49.05 -9.84
CA ASP A 5 -36.23 -48.69 -10.27
C ASP A 5 -35.86 -47.30 -9.73
N THR A 6 -34.75 -47.19 -9.00
CA THR A 6 -34.33 -45.89 -8.46
C THR A 6 -33.01 -45.39 -9.10
N ILE A 7 -33.02 -44.16 -9.62
CA ILE A 7 -31.78 -43.42 -9.91
C ILE A 7 -31.65 -42.21 -9.00
N CYS A 8 -30.56 -42.16 -8.25
CA CYS A 8 -30.30 -41.00 -7.42
C CYS A 8 -29.27 -40.10 -8.09
N ILE A 9 -29.02 -38.95 -7.45
CA ILE A 9 -27.93 -38.07 -7.84
C ILE A 9 -27.13 -37.71 -6.61
N GLY A 10 -25.83 -37.53 -6.81
CA GLY A 10 -24.93 -37.31 -5.70
C GLY A 10 -23.52 -36.92 -6.11
N TYR A 11 -22.70 -36.65 -5.12
CA TYR A 11 -21.40 -36.04 -5.35
C TYR A 11 -20.25 -36.88 -4.81
N HIS A 12 -19.04 -36.35 -4.97
CA HIS A 12 -17.81 -37.03 -4.61
C HIS A 12 -17.50 -37.03 -3.11
N ALA A 13 -16.68 -38.01 -2.72
CA ALA A 13 -16.16 -38.12 -1.36
C ALA A 13 -14.83 -38.85 -1.37
N ASN A 14 -14.00 -38.54 -0.38
CA ASN A 14 -12.66 -39.11 -0.29
C ASN A 14 -12.17 -39.31 1.14
N ASN A 15 -10.95 -39.84 1.25
CA ASN A 15 -10.33 -40.06 2.54
C ASN A 15 -9.48 -38.87 2.95
N SER A 16 -9.48 -37.84 2.11
CA SER A 16 -8.63 -36.66 2.32
C SER A 16 -8.91 -35.98 3.65
N THR A 17 -7.84 -35.80 4.44
CA THR A 17 -7.92 -35.11 5.73
C THR A 17 -7.55 -33.64 5.58
N ASP A 18 -7.32 -33.23 4.34
CA ASP A 18 -7.01 -31.82 4.02
C ASP A 18 -8.09 -30.87 4.51
N THR A 19 -7.63 -29.76 5.09
CA THR A 19 -8.51 -28.82 5.77
C THR A 19 -8.19 -27.37 5.39
N VAL A 20 -9.20 -26.65 4.88
CA VAL A 20 -9.12 -25.21 4.61
C VAL A 20 -9.87 -24.40 5.67
N ASP A 21 -9.88 -23.09 5.51
CA ASP A 21 -10.77 -22.23 6.28
C ASP A 21 -11.69 -21.51 5.30
N THR A 22 -12.87 -21.15 5.78
CA THR A 22 -13.75 -20.27 5.04
C THR A 22 -14.22 -19.20 6.01
N VAL A 23 -15.01 -18.27 5.52
CA VAL A 23 -15.41 -17.12 6.34
C VAL A 23 -16.45 -17.51 7.38
N LEU A 24 -17.44 -18.30 6.98
CA LEU A 24 -18.46 -18.80 7.90
C LEU A 24 -17.90 -19.89 8.81
N GLU A 25 -17.23 -20.87 8.20
CA GLU A 25 -16.79 -22.05 8.91
C GLU A 25 -15.27 -22.30 8.77
N LYS A 26 -14.66 -22.78 9.85
CA LYS A 26 -13.26 -23.21 9.83
C LYS A 26 -13.08 -24.73 9.87
N ASN A 27 -11.81 -25.16 9.79
N ASN A 27 -11.83 -25.16 9.80
CA ASN A 27 -11.45 -26.57 9.86
CA ASN A 27 -11.46 -26.58 9.86
C ASN A 27 -12.17 -27.44 8.83
C ASN A 27 -12.21 -27.43 8.84
N VAL A 28 -12.59 -26.82 7.72
CA VAL A 28 -13.48 -27.50 6.77
C VAL A 28 -12.73 -28.46 5.85
N THR A 29 -13.08 -29.73 5.93
CA THR A 29 -12.35 -30.79 5.25
C THR A 29 -12.87 -30.96 3.82
N VAL A 30 -11.94 -31.02 2.86
CA VAL A 30 -12.25 -31.06 1.43
C VAL A 30 -11.60 -32.24 0.71
N THR A 31 -12.14 -32.57 -0.47
CA THR A 31 -11.61 -33.64 -1.31
C THR A 31 -10.27 -33.27 -1.94
N HIS A 32 -10.10 -31.97 -2.15
CA HIS A 32 -8.98 -31.40 -2.93
C HIS A 32 -8.53 -30.03 -2.42
N SER A 33 -7.22 -29.82 -2.45
CA SER A 33 -6.61 -28.61 -1.90
C SER A 33 -5.50 -28.12 -2.80
N VAL A 34 -5.06 -26.89 -2.54
CA VAL A 34 -3.72 -26.48 -2.91
C VAL A 34 -3.15 -25.71 -1.75
N ASN A 35 -1.85 -25.86 -1.56
CA ASN A 35 -1.12 -24.95 -0.69
C ASN A 35 -0.53 -23.85 -1.55
N LEU A 36 -0.80 -22.61 -1.18
CA LEU A 36 -0.28 -21.47 -1.92
C LEU A 36 1.00 -20.86 -1.31
N LEU A 37 1.40 -21.39 -0.16
CA LEU A 37 2.50 -20.83 0.64
C LEU A 37 3.71 -21.77 0.70
N GLU A 38 4.90 -21.24 0.45
CA GLU A 38 6.11 -22.04 0.45
C GLU A 38 6.88 -21.92 1.76
N ASP A 39 7.08 -23.05 2.43
CA ASP A 39 7.84 -23.16 3.68
C ASP A 39 9.27 -23.66 3.47
N SER A 40 9.64 -23.93 2.22
CA SER A 40 10.84 -24.74 2.01
C SER A 40 11.97 -24.13 1.15
N HIS A 41 13.16 -24.13 1.74
CA HIS A 41 14.38 -23.73 1.03
C HIS A 41 15.49 -24.80 1.13
N ASN A 42 16.61 -24.58 0.44
CA ASN A 42 17.71 -25.57 0.51
C ASN A 42 18.83 -25.23 1.51
N GLY A 43 18.73 -24.09 2.18
CA GLY A 43 19.66 -23.73 3.24
C GLY A 43 21.04 -23.31 2.77
N LYS A 44 21.14 -23.05 1.45
CA LYS A 44 22.42 -22.78 0.79
C LYS A 44 22.32 -21.50 -0.05
N LEU A 45 23.43 -20.75 -0.14
CA LEU A 45 23.54 -19.61 -1.06
C LEU A 45 24.06 -20.06 -2.42
N CYS A 46 23.29 -19.86 -3.47
CA CYS A 46 23.58 -20.52 -4.73
C CYS A 46 23.69 -19.50 -5.84
N LYS A 47 24.03 -20.00 -7.03
CA LYS A 47 24.22 -19.17 -8.20
C LYS A 47 22.89 -18.66 -8.71
N LEU A 48 22.96 -17.59 -9.49
CA LEU A 48 21.89 -17.20 -10.38
C LEU A 48 22.57 -17.07 -11.74
N LYS A 49 21.95 -17.59 -12.78
CA LYS A 49 22.45 -17.44 -14.16
C LYS A 49 23.90 -17.91 -14.39
N GLY A 50 24.27 -19.00 -13.73
CA GLY A 50 25.58 -19.60 -13.96
C GLY A 50 26.66 -18.99 -13.10
N ILE A 51 26.27 -17.97 -12.34
CA ILE A 51 27.23 -17.09 -11.68
C ILE A 51 27.18 -17.14 -10.16
N ALA A 52 28.34 -17.34 -9.54
CA ALA A 52 28.46 -17.42 -8.08
C ALA A 52 28.30 -16.06 -7.40
N PRO A 53 27.75 -16.06 -6.19
CA PRO A 53 27.80 -14.82 -5.41
C PRO A 53 29.24 -14.55 -4.99
N LEU A 54 29.54 -13.33 -4.57
CA LEU A 54 30.85 -12.97 -4.03
C LEU A 54 30.83 -13.03 -2.51
N GLN A 55 31.57 -13.97 -1.91
CA GLN A 55 31.46 -14.09 -0.46
C GLN A 55 32.52 -13.22 0.21
N LEU A 56 32.07 -12.14 0.87
CA LEU A 56 33.04 -11.19 1.44
C LEU A 56 33.68 -11.76 2.69
N GLY A 57 33.08 -12.83 3.22
CA GLY A 57 33.63 -13.53 4.37
C GLY A 57 33.80 -12.60 5.54
N LYS A 58 35.01 -12.52 6.08
CA LYS A 58 35.28 -11.75 7.29
C LYS A 58 35.43 -10.25 6.96
N CYS A 59 35.30 -9.92 5.68
CA CYS A 59 35.48 -8.55 5.22
C CYS A 59 34.15 -7.91 4.89
N ASN A 60 34.05 -6.60 5.05
CA ASN A 60 32.92 -5.87 4.47
C ASN A 60 33.34 -5.06 3.24
N ILE A 61 32.35 -4.44 2.61
CA ILE A 61 32.57 -3.75 1.33
C ILE A 61 33.71 -2.73 1.34
N ALA A 62 33.84 -1.98 2.43
CA ALA A 62 34.96 -1.07 2.52
C ALA A 62 36.29 -1.83 2.52
N GLY A 63 36.38 -2.87 3.34
CA GLY A 63 37.59 -3.68 3.40
C GLY A 63 37.92 -4.23 2.03
N TRP A 64 36.88 -4.69 1.33
CA TRP A 64 37.03 -5.24 -0.01
C TRP A 64 37.60 -4.19 -0.96
N LEU A 65 37.00 -3.01 -0.98
CA LEU A 65 37.33 -2.02 -2.00
C LEU A 65 38.67 -1.34 -1.72
N LEU A 66 38.93 -0.99 -0.46
CA LEU A 66 40.22 -0.39 -0.14
C LEU A 66 41.34 -1.44 -0.19
N GLY A 67 40.96 -2.71 -0.10
CA GLY A 67 41.96 -3.76 -0.01
C GLY A 67 42.66 -3.87 1.35
N ASN A 68 41.87 -3.92 2.43
CA ASN A 68 42.35 -4.33 3.76
C ASN A 68 43.17 -5.63 3.65
N PRO A 69 44.33 -5.68 4.33
CA PRO A 69 45.25 -6.82 4.18
C PRO A 69 44.66 -8.16 4.62
N GLU A 70 43.60 -8.15 5.40
CA GLU A 70 42.88 -9.38 5.71
C GLU A 70 42.01 -9.96 4.58
N CYS A 71 41.75 -9.17 3.55
CA CYS A 71 40.77 -9.50 2.51
C CYS A 71 41.38 -10.10 1.26
N ASP A 72 42.68 -10.35 1.31
CA ASP A 72 43.48 -10.67 0.13
C ASP A 72 42.92 -11.83 -0.71
N LEU A 73 42.03 -12.64 -0.13
CA LEU A 73 41.34 -13.66 -0.92
C LEU A 73 40.44 -13.06 -2.00
N LEU A 74 39.95 -11.85 -1.77
CA LEU A 74 39.00 -11.21 -2.70
C LEU A 74 39.66 -10.57 -3.93
N LEU A 75 40.97 -10.30 -3.87
CA LEU A 75 41.64 -9.50 -4.92
C LEU A 75 41.39 -9.94 -6.36
N THR A 76 41.18 -11.23 -6.59
CA THR A 76 41.02 -11.76 -7.96
C THR A 76 39.57 -11.76 -8.46
N ALA A 77 38.64 -11.55 -7.52
CA ALA A 77 37.20 -11.48 -7.81
C ALA A 77 36.87 -10.40 -8.82
N SER A 78 36.09 -10.77 -9.84
CA SER A 78 35.72 -9.90 -10.95
C SER A 78 34.19 -9.80 -11.13
N SER A 79 33.54 -10.93 -11.36
CA SER A 79 32.09 -10.99 -11.58
C SER A 79 31.43 -11.60 -10.38
N TRP A 80 30.19 -11.20 -10.11
CA TRP A 80 29.36 -11.85 -9.10
C TRP A 80 27.88 -11.64 -9.43
N SER A 81 27.02 -12.57 -9.00
CA SER A 81 25.58 -12.43 -9.14
CA SER A 81 25.57 -12.42 -9.16
C SER A 81 24.97 -11.56 -8.04
N TYR A 82 25.63 -11.52 -6.88
CA TYR A 82 25.19 -10.71 -5.75
C TYR A 82 26.23 -10.87 -4.66
N ILE A 83 26.23 -9.94 -3.71
CA ILE A 83 27.29 -9.80 -2.73
C ILE A 83 26.78 -10.27 -1.38
N VAL A 84 27.66 -10.91 -0.61
CA VAL A 84 27.29 -11.53 0.66
C VAL A 84 28.18 -11.03 1.80
N GLU A 85 27.58 -10.61 2.90
CA GLU A 85 28.37 -10.28 4.07
C GLU A 85 27.91 -11.25 5.17
N THR A 86 28.72 -11.44 6.20
CA THR A 86 28.33 -12.34 7.28
C THR A 86 28.19 -11.54 8.56
N SER A 87 27.77 -12.22 9.63
CA SER A 87 27.74 -11.60 10.95
C SER A 87 29.18 -11.42 11.41
N ASN A 88 30.08 -12.07 10.70
CA ASN A 88 31.50 -12.05 11.03
C ASN A 88 32.35 -11.00 10.29
N SER A 89 31.74 -10.10 9.52
CA SER A 89 32.63 -9.15 8.87
C SER A 89 32.84 -7.91 9.72
N GLU A 90 33.99 -7.84 10.38
CA GLU A 90 34.46 -6.57 10.89
C GLU A 90 35.52 -6.01 9.99
N ASN A 91 35.94 -6.72 8.95
CA ASN A 91 37.25 -6.31 8.46
C ASN A 91 37.14 -5.12 7.52
N GLY A 92 37.66 -4.03 8.09
CA GLY A 92 37.17 -2.68 7.87
C GLY A 92 37.98 -1.68 7.09
N THR A 93 37.83 -0.47 7.58
CA THR A 93 38.89 0.47 7.42
C THR A 93 39.74 0.23 8.68
N CYS A 94 40.90 -0.35 8.45
CA CYS A 94 41.77 -0.76 9.55
C CYS A 94 42.53 0.40 10.18
N TYR A 95 42.65 1.52 9.47
CA TYR A 95 43.07 2.77 10.10
C TYR A 95 41.83 3.57 10.34
N PRO A 96 41.66 4.02 11.59
CA PRO A 96 40.44 4.70 11.99
C PRO A 96 40.19 6.01 11.20
N GLY A 97 38.91 6.27 10.94
CA GLY A 97 38.46 7.51 10.32
C GLY A 97 37.12 7.31 9.62
N ASP A 98 36.60 8.38 9.03
CA ASP A 98 35.34 8.33 8.28
C ASP A 98 35.48 7.82 6.83
N PHE A 99 34.51 7.00 6.39
CA PHE A 99 34.34 6.67 4.99
C PHE A 99 33.08 7.44 4.50
N ILE A 100 33.32 8.47 3.70
CA ILE A 100 32.31 9.47 3.35
C ILE A 100 31.33 8.89 2.35
N ASP A 101 30.04 9.02 2.63
CA ASP A 101 28.99 8.49 1.74
C ASP A 101 29.09 6.98 1.56
N TYR A 102 29.49 6.29 2.63
CA TYR A 102 29.60 4.84 2.61
C TYR A 102 28.33 4.14 2.10
N GLU A 103 27.20 4.41 2.73
CA GLU A 103 25.94 3.77 2.34
C GLU A 103 25.56 3.96 0.83
N GLU A 104 25.73 5.17 0.32
CA GLU A 104 25.59 5.43 -1.13
C GLU A 104 26.53 4.58 -2.00
N LEU A 105 27.80 4.45 -1.60
CA LEU A 105 28.71 3.57 -2.34
C LEU A 105 28.17 2.14 -2.37
N ARG A 106 27.72 1.63 -1.23
CA ARG A 106 27.08 0.31 -1.21
C ARG A 106 25.89 0.25 -2.15
N GLU A 107 25.04 1.27 -2.06
CA GLU A 107 23.89 1.36 -2.92
C GLU A 107 24.32 1.34 -4.40
N GLN A 108 25.42 2.04 -4.71
CA GLN A 108 26.05 1.97 -6.02
C GLN A 108 26.42 0.53 -6.39
N LEU A 109 27.21 -0.13 -5.54
CA LEU A 109 27.71 -1.48 -5.82
C LEU A 109 26.64 -2.52 -6.18
N SER A 110 25.42 -2.27 -5.76
CA SER A 110 24.32 -3.20 -5.98
C SER A 110 23.81 -3.21 -7.40
N SER A 111 24.17 -2.19 -8.17
CA SER A 111 23.89 -2.20 -9.60
C SER A 111 25.10 -2.66 -10.44
N VAL A 112 26.17 -3.07 -9.75
CA VAL A 112 27.40 -3.55 -10.40
C VAL A 112 27.47 -5.07 -10.49
N SER A 113 27.52 -5.58 -11.71
CA SER A 113 27.66 -7.02 -11.98
C SER A 113 29.12 -7.50 -11.92
N SER A 114 30.00 -6.70 -12.51
CA SER A 114 31.43 -7.02 -12.60
C SER A 114 32.24 -5.75 -12.79
N PHE A 115 33.53 -5.85 -12.50
CA PHE A 115 34.47 -4.79 -12.80
C PHE A 115 35.81 -5.32 -13.31
N GLU A 116 36.59 -4.47 -13.98
CA GLU A 116 37.97 -4.80 -14.25
C GLU A 116 38.80 -3.88 -13.37
N LYS A 117 39.44 -4.45 -12.33
CA LYS A 117 40.38 -3.67 -11.52
C LYS A 117 41.65 -3.38 -12.34
N PHE A 118 42.29 -2.25 -12.07
CA PHE A 118 43.48 -1.84 -12.80
C PHE A 118 44.30 -0.84 -12.00
N GLU A 119 45.56 -0.67 -12.36
CA GLU A 119 46.44 0.16 -11.56
C GLU A 119 46.36 1.54 -12.18
N ILE A 120 45.70 2.47 -11.48
CA ILE A 120 45.39 3.83 -11.97
C ILE A 120 46.62 4.78 -11.88
N PHE A 121 47.36 4.69 -10.78
CA PHE A 121 48.62 5.37 -10.65
C PHE A 121 49.66 4.34 -10.19
N PRO A 122 50.34 3.68 -11.14
CA PRO A 122 51.28 2.61 -10.77
C PRO A 122 52.29 3.07 -9.72
N LYS A 123 52.45 2.29 -8.66
CA LYS A 123 53.33 2.63 -7.53
C LYS A 123 54.75 3.03 -7.94
N THR A 124 55.34 2.27 -8.86
CA THR A 124 56.73 2.48 -9.26
C THR A 124 56.94 3.77 -10.07
N SER A 125 56.16 3.94 -11.14
CA SER A 125 56.32 5.02 -12.10
C SER A 125 55.85 6.38 -11.61
N SER A 126 54.73 6.38 -10.91
CA SER A 126 53.91 7.58 -10.66
C SER A 126 54.54 8.67 -9.82
N TRP A 127 55.38 8.30 -8.86
CA TRP A 127 55.77 9.26 -7.83
C TRP A 127 57.28 9.36 -7.58
N PRO A 128 58.03 9.83 -8.60
CA PRO A 128 59.49 9.84 -8.48
C PRO A 128 59.98 10.71 -7.29
N ASN A 129 59.23 11.76 -6.97
CA ASN A 129 59.66 12.72 -5.95
C ASN A 129 59.14 12.45 -4.54
N HIS A 130 58.43 11.34 -4.35
CA HIS A 130 57.95 11.02 -3.02
C HIS A 130 58.30 9.60 -2.63
N GLU A 131 58.21 9.32 -1.33
CA GLU A 131 58.49 8.00 -0.79
C GLU A 131 57.23 7.15 -0.86
N THR A 132 57.32 6.05 -1.62
CA THR A 132 56.25 5.07 -1.71
C THR A 132 56.36 3.83 -0.80
N THR A 133 57.51 3.68 -0.16
CA THR A 133 57.79 2.46 0.61
C THR A 133 57.57 2.51 2.15
N LYS A 134 57.40 3.71 2.69
CA LYS A 134 57.29 3.93 4.15
C LYS A 134 55.83 3.96 4.66
N GLY A 135 54.90 3.61 3.79
CA GLY A 135 53.46 3.85 3.91
C GLY A 135 52.65 2.83 4.69
N VAL A 136 53.26 2.21 5.69
CA VAL A 136 52.61 1.14 6.45
C VAL A 136 52.40 1.60 7.88
N THR A 137 51.48 0.95 8.57
CA THR A 137 51.07 1.34 9.93
C THR A 137 50.68 0.11 10.76
N ALA A 138 50.83 0.17 12.08
CA ALA A 138 50.51 -1.01 12.88
C ALA A 138 49.01 -1.25 12.96
N ALA A 139 48.23 -0.25 12.54
CA ALA A 139 46.79 -0.38 12.61
C ALA A 139 46.27 -1.27 11.50
N CYS A 140 47.10 -1.53 10.49
CA CYS A 140 46.73 -2.54 9.51
C CYS A 140 47.90 -3.49 9.44
N SER A 141 47.76 -4.68 10.01
CA SER A 141 48.92 -5.50 10.20
C SER A 141 48.74 -6.85 9.59
N TYR A 142 49.65 -7.22 8.71
CA TYR A 142 49.51 -8.50 8.10
C TYR A 142 50.77 -9.29 8.42
N ALA A 143 50.55 -10.56 8.81
CA ALA A 143 51.63 -11.50 9.02
C ALA A 143 52.68 -10.96 10.01
N GLY A 144 52.19 -10.44 11.13
CA GLY A 144 53.04 -9.95 12.19
C GLY A 144 53.62 -8.56 11.97
N ALA A 145 53.50 -8.04 10.76
CA ALA A 145 54.17 -6.79 10.43
C ALA A 145 53.20 -5.65 10.12
N SER A 146 53.68 -4.42 10.31
CA SER A 146 52.97 -3.24 9.86
C SER A 146 52.76 -3.31 8.35
N SER A 147 51.61 -2.82 7.90
CA SER A 147 51.20 -2.88 6.50
C SER A 147 50.15 -1.79 6.18
N PHE A 148 49.47 -1.93 5.04
CA PHE A 148 48.47 -0.96 4.64
C PHE A 148 47.58 -1.51 3.55
N TYR A 149 46.57 -0.72 3.19
CA TYR A 149 45.58 -1.14 2.19
C TYR A 149 46.28 -1.51 0.88
N ARG A 150 45.73 -2.50 0.20
CA ARG A 150 46.25 -2.96 -1.07
C ARG A 150 46.01 -1.98 -2.21
N ASN A 151 44.85 -1.32 -2.19
CA ASN A 151 44.41 -0.51 -3.32
C ASN A 151 44.72 0.99 -3.22
N LEU A 152 45.33 1.40 -2.09
CA LEU A 152 45.75 2.79 -1.86
C LEU A 152 47.23 2.88 -1.45
N LEU A 153 47.88 3.99 -1.77
CA LEU A 153 49.29 4.15 -1.47
C LEU A 153 49.56 5.32 -0.55
N TRP A 154 50.25 5.09 0.57
CA TRP A 154 50.45 6.17 1.52
C TRP A 154 51.76 6.89 1.22
N LEU A 155 51.68 8.09 0.66
CA LEU A 155 52.88 8.80 0.24
C LEU A 155 53.53 9.52 1.39
N THR A 156 54.84 9.67 1.33
CA THR A 156 55.60 10.36 2.36
C THR A 156 56.80 11.08 1.79
N LYS A 157 57.34 11.99 2.60
CA LYS A 157 58.51 12.77 2.22
C LYS A 157 59.65 11.84 1.81
N LYS A 158 60.44 12.30 0.84
CA LYS A 158 61.63 11.59 0.36
C LYS A 158 62.79 12.38 0.92
N GLY A 159 63.51 11.80 1.88
CA GLY A 159 64.50 12.57 2.61
C GLY A 159 63.86 13.67 3.43
N SER A 160 64.28 14.91 3.19
CA SER A 160 63.68 16.09 3.82
C SER A 160 62.62 16.77 2.95
N SER A 161 62.28 16.17 1.81
CA SER A 161 61.46 16.88 0.82
C SER A 161 60.11 16.22 0.49
N TYR A 162 59.05 17.01 0.60
CA TYR A 162 57.76 16.59 0.10
C TYR A 162 57.35 17.68 -0.83
N PRO A 163 57.75 17.57 -2.08
CA PRO A 163 57.45 18.62 -3.06
C PRO A 163 56.00 18.52 -3.51
N LYS A 164 55.43 19.65 -3.94
CA LYS A 164 54.05 19.69 -4.42
C LYS A 164 53.90 18.67 -5.54
N LEU A 165 52.89 17.81 -5.40
CA LEU A 165 52.63 16.79 -6.41
C LEU A 165 51.35 17.08 -7.15
N SER A 166 51.33 16.69 -8.43
CA SER A 166 50.15 16.89 -9.23
C SER A 166 50.06 15.65 -10.11
N LYS A 167 48.89 15.00 -10.13
CA LYS A 167 48.77 13.78 -10.92
C LYS A 167 47.37 13.75 -11.51
N SER A 168 47.26 13.48 -12.81
CA SER A 168 45.97 13.39 -13.43
C SER A 168 45.76 12.02 -14.07
N TYR A 169 44.51 11.57 -14.10
CA TYR A 169 44.18 10.36 -14.83
C TYR A 169 42.94 10.61 -15.67
N VAL A 170 43.05 10.29 -16.96
CA VAL A 170 41.99 10.42 -17.97
C VAL A 170 41.31 9.07 -18.17
N ASN A 171 39.98 9.00 -18.11
CA ASN A 171 39.36 7.69 -18.16
C ASN A 171 39.05 7.30 -19.62
N ASN A 172 39.85 6.36 -20.10
CA ASN A 172 39.73 5.75 -21.42
C ASN A 172 39.03 4.39 -21.40
N LYS A 173 38.54 3.98 -20.23
CA LYS A 173 37.90 2.66 -20.13
C LYS A 173 36.56 2.55 -20.85
N GLY A 174 35.92 3.67 -21.17
CA GLY A 174 34.60 3.64 -21.79
C GLY A 174 33.50 3.17 -20.85
N LYS A 175 33.73 3.33 -19.54
CA LYS A 175 32.73 2.98 -18.54
C LYS A 175 33.03 3.76 -17.27
N GLU A 176 32.19 3.63 -16.25
CA GLU A 176 32.41 4.42 -15.04
C GLU A 176 33.66 3.88 -14.33
N VAL A 177 34.52 4.76 -13.85
CA VAL A 177 35.63 4.28 -13.03
C VAL A 177 35.48 4.73 -11.55
N LEU A 178 35.58 3.78 -10.64
CA LEU A 178 35.39 4.05 -9.22
C LEU A 178 36.77 4.36 -8.72
N VAL A 179 36.99 5.63 -8.38
CA VAL A 179 38.28 6.01 -7.82
C VAL A 179 38.16 6.30 -6.34
N LEU A 180 39.00 5.66 -5.53
CA LEU A 180 39.03 5.86 -4.08
C LEU A 180 40.31 6.47 -3.57
N TRP A 181 40.21 7.19 -2.46
CA TRP A 181 41.39 7.77 -1.88
C TRP A 181 41.14 8.23 -0.46
N GLY A 182 42.19 8.75 0.17
CA GLY A 182 42.07 9.19 1.53
C GLY A 182 42.90 10.40 1.86
N VAL A 183 42.52 11.04 2.97
CA VAL A 183 43.25 12.16 3.53
C VAL A 183 43.61 11.85 4.97
N HIS A 184 44.85 12.16 5.33
CA HIS A 184 45.37 11.79 6.66
C HIS A 184 45.51 12.94 7.62
N HIS A 185 44.92 12.79 8.79
CA HIS A 185 45.04 13.80 9.81
C HIS A 185 45.82 13.24 10.99
N PRO A 186 47.08 13.67 11.13
CA PRO A 186 47.89 13.20 12.25
C PRO A 186 47.45 13.82 13.58
N PRO A 187 47.87 13.22 14.71
CA PRO A 187 47.65 13.75 16.07
C PRO A 187 48.45 15.02 16.43
N THR A 188 49.68 15.14 15.92
CA THR A 188 50.60 16.20 16.33
C THR A 188 51.43 16.79 15.19
N GLY A 189 51.75 18.07 15.30
CA GLY A 189 52.62 18.74 14.34
C GLY A 189 53.97 18.05 14.14
N THR A 190 54.45 17.35 15.14
CA THR A 190 55.67 16.57 14.97
C THR A 190 55.40 15.50 13.93
N ASP A 191 54.23 14.88 14.06
CA ASP A 191 53.80 13.78 13.20
C ASP A 191 53.56 14.26 11.77
N GLN A 192 52.95 15.44 11.64
CA GLN A 192 52.84 16.08 10.35
C GLN A 192 54.22 16.23 9.76
N GLN A 193 55.12 16.85 10.53
CA GLN A 193 56.46 17.12 10.03
C GLN A 193 57.25 15.83 9.75
N SER A 194 57.08 14.83 10.58
CA SER A 194 57.82 13.58 10.39
C SER A 194 57.34 12.86 9.12
N LEU A 195 56.03 12.96 8.86
CA LEU A 195 55.39 12.29 7.73
C LEU A 195 55.47 13.07 6.41
N TYR A 196 54.81 14.22 6.39
CA TYR A 196 54.70 15.04 5.18
C TYR A 196 55.66 16.23 5.09
N GLN A 197 56.42 16.46 6.17
CA GLN A 197 57.47 17.48 6.22
C GLN A 197 56.96 18.94 6.14
N ASN A 198 55.73 19.15 5.70
CA ASN A 198 55.23 20.49 5.49
C ASN A 198 54.15 20.82 6.54
N ALA A 199 54.44 21.83 7.35
CA ALA A 199 53.64 22.10 8.55
C ALA A 199 52.18 22.38 8.27
N ASP A 200 51.91 23.27 7.32
CA ASP A 200 50.54 23.46 6.85
C ASP A 200 50.49 22.97 5.42
N ALA A 201 49.45 22.21 5.09
CA ALA A 201 49.42 21.45 3.86
C ALA A 201 47.99 21.29 3.37
N TYR A 202 47.84 20.86 2.12
CA TYR A 202 46.53 20.58 1.56
C TYR A 202 46.56 19.39 0.59
N VAL A 203 45.41 18.75 0.45
CA VAL A 203 45.13 17.84 -0.67
C VAL A 203 43.97 18.46 -1.45
N SER A 204 44.12 18.56 -2.77
CA SER A 204 43.04 19.09 -3.58
C SER A 204 42.67 17.99 -4.56
N VAL A 205 41.38 17.82 -4.83
CA VAL A 205 40.96 16.80 -5.78
C VAL A 205 39.88 17.33 -6.69
N GLY A 206 40.08 17.27 -8.01
CA GLY A 206 38.98 17.66 -8.87
C GLY A 206 38.78 16.95 -10.19
N SER A 207 37.54 17.03 -10.66
CA SER A 207 37.07 16.30 -11.83
C SER A 207 35.98 17.17 -12.48
N SER A 208 35.22 16.65 -13.42
CA SER A 208 34.04 17.40 -13.86
C SER A 208 32.94 17.40 -12.78
N LYS A 209 32.74 16.28 -12.07
CA LYS A 209 31.85 16.26 -10.89
C LYS A 209 32.50 16.87 -9.64
N TYR A 210 33.75 16.50 -9.36
CA TYR A 210 34.32 16.68 -8.02
C TYR A 210 35.16 17.92 -7.89
N ASN A 211 34.87 18.73 -6.88
CA ASN A 211 35.80 19.79 -6.48
C ASN A 211 35.97 19.96 -4.97
N ARG A 212 37.18 19.70 -4.46
CA ARG A 212 37.44 19.81 -3.01
C ARG A 212 38.87 20.18 -2.68
N ARG A 213 39.04 20.98 -1.63
CA ARG A 213 40.36 21.22 -1.06
C ARG A 213 40.38 20.82 0.42
N PHE A 214 41.15 19.81 0.75
CA PHE A 214 41.17 19.33 2.13
C PHE A 214 42.37 19.88 2.87
N THR A 215 42.14 20.28 4.13
CA THR A 215 43.25 20.74 4.94
C THR A 215 43.27 19.82 6.15
N PRO A 216 44.45 19.38 6.58
CA PRO A 216 44.51 18.40 7.67
C PRO A 216 44.06 19.02 8.98
N GLU A 217 43.31 18.26 9.77
CA GLU A 217 42.93 18.70 11.10
C GLU A 217 43.80 17.97 12.13
N ILE A 218 44.74 18.69 12.73
CA ILE A 218 45.66 18.10 13.69
C ILE A 218 45.12 18.22 15.12
N ALA A 219 44.83 17.08 15.74
CA ALA A 219 44.18 17.07 17.06
C ALA A 219 44.58 15.86 17.90
N ALA A 220 44.63 16.06 19.21
CA ALA A 220 44.76 14.94 20.12
C ALA A 220 43.39 14.26 20.19
N ARG A 221 43.35 12.97 19.88
CA ARG A 221 42.10 12.21 19.82
C ARG A 221 42.19 10.93 20.65
N PRO A 222 41.03 10.43 21.11
CA PRO A 222 40.98 9.10 21.73
C PRO A 222 41.58 8.06 20.77
N LYS A 223 42.16 6.99 21.29
CA LYS A 223 42.91 6.08 20.41
C LYS A 223 42.10 4.88 19.95
N VAL A 224 41.97 4.76 18.63
CA VAL A 224 41.28 3.63 18.03
C VAL A 224 42.31 2.80 17.30
N ARG A 225 42.35 1.50 17.58
CA ARG A 225 43.45 0.63 17.11
C ARG A 225 44.84 1.27 17.32
N ASP A 226 45.00 1.93 18.46
CA ASP A 226 46.26 2.57 18.87
C ASP A 226 46.60 3.90 18.18
N GLN A 227 45.77 4.34 17.24
CA GLN A 227 46.06 5.59 16.51
C GLN A 227 45.33 6.76 17.11
N ALA A 228 46.02 7.86 17.37
CA ALA A 228 45.37 9.14 17.67
C ALA A 228 44.93 9.84 16.38
N GLY A 229 45.65 9.56 15.30
CA GLY A 229 45.33 10.18 14.03
C GLY A 229 44.02 9.66 13.49
N ARG A 230 43.55 10.28 12.40
CA ARG A 230 42.41 9.77 11.65
C ARG A 230 42.70 9.77 10.14
N MET A 231 42.02 8.89 9.41
CA MET A 231 42.10 8.83 7.94
C MET A 231 40.70 8.86 7.31
N ASN A 232 40.37 9.90 6.56
CA ASN A 232 39.09 9.90 5.87
C ASN A 232 39.20 9.25 4.47
N TYR A 233 38.22 8.45 4.11
CA TYR A 233 38.22 7.86 2.80
C TYR A 233 37.13 8.48 1.90
N TYR A 234 37.49 8.75 0.65
CA TYR A 234 36.54 9.31 -0.30
C TYR A 234 36.50 8.52 -1.57
N TRP A 235 35.44 8.76 -2.34
CA TRP A 235 35.29 8.11 -3.62
C TRP A 235 34.53 9.00 -4.60
N THR A 236 34.63 8.66 -5.88
CA THR A 236 33.81 9.31 -6.89
C THR A 236 33.71 8.36 -8.05
N LEU A 237 32.68 8.52 -8.87
CA LEU A 237 32.59 7.76 -10.08
C LEU A 237 33.08 8.65 -11.20
N LEU A 238 34.22 8.31 -11.79
CA LEU A 238 34.76 9.15 -12.84
C LEU A 238 34.12 8.73 -14.15
N GLU A 239 33.37 9.65 -14.76
CA GLU A 239 32.61 9.35 -15.98
C GLU A 239 33.52 9.12 -17.17
N PRO A 240 33.00 8.42 -18.19
CA PRO A 240 33.81 8.25 -19.41
C PRO A 240 34.30 9.54 -20.04
N GLY A 241 35.60 9.58 -20.30
CA GLY A 241 36.22 10.74 -20.90
C GLY A 241 36.71 11.77 -19.92
N ASP A 242 36.23 11.69 -18.68
CA ASP A 242 36.54 12.71 -17.70
C ASP A 242 37.96 12.63 -17.15
N THR A 243 38.45 13.72 -16.57
CA THR A 243 39.76 13.72 -15.93
C THR A 243 39.56 13.90 -14.43
N ILE A 244 40.36 13.23 -13.61
CA ILE A 244 40.42 13.53 -12.17
C ILE A 244 41.86 13.94 -11.85
N THR A 245 42.05 15.06 -11.17
CA THR A 245 43.39 15.55 -10.92
C THR A 245 43.60 15.69 -9.42
N PHE A 246 44.71 15.16 -8.92
CA PHE A 246 45.04 15.25 -7.50
C PHE A 246 46.21 16.19 -7.36
N GLU A 247 46.17 17.04 -6.33
CA GLU A 247 47.33 17.84 -5.96
C GLU A 247 47.44 17.88 -4.47
N ALA A 248 48.67 17.77 -3.98
CA ALA A 248 48.91 17.81 -2.54
C ALA A 248 50.27 18.39 -2.18
N THR A 249 50.31 19.06 -1.02
CA THR A 249 51.56 19.32 -0.31
C THR A 249 51.84 18.31 0.81
N GLY A 250 50.89 17.40 1.06
CA GLY A 250 51.11 16.32 2.00
C GLY A 250 49.80 15.59 2.25
N ASN A 251 49.80 14.58 3.14
CA ASN A 251 48.54 14.03 3.66
C ASN A 251 47.67 13.21 2.73
N LEU A 252 48.10 13.05 1.48
CA LEU A 252 47.31 12.32 0.48
C LEU A 252 47.51 10.80 0.50
N ILE A 253 46.44 10.05 0.77
CA ILE A 253 46.58 8.62 0.57
C ILE A 253 46.07 8.40 -0.84
N ALA A 254 46.98 8.14 -1.76
CA ALA A 254 46.69 8.25 -3.19
C ALA A 254 45.99 7.01 -3.65
N PRO A 255 45.20 7.14 -4.71
CA PRO A 255 44.69 5.93 -5.36
C PRO A 255 45.90 5.14 -5.82
N TRP A 256 45.78 3.82 -5.83
CA TRP A 256 46.79 2.96 -6.41
C TRP A 256 46.06 2.12 -7.44
N TYR A 257 45.08 1.36 -6.97
CA TYR A 257 44.23 0.57 -7.85
C TYR A 257 42.83 1.20 -7.92
N ALA A 258 42.16 1.03 -9.03
CA ALA A 258 40.79 1.54 -9.19
C ALA A 258 39.93 0.53 -9.90
N PHE A 259 38.64 0.84 -10.06
CA PHE A 259 37.74 -0.12 -10.70
C PHE A 259 36.92 0.43 -11.88
N ALA A 260 37.07 -0.18 -13.05
CA ALA A 260 36.14 0.13 -14.15
C ALA A 260 34.89 -0.76 -14.04
N LEU A 261 33.74 -0.12 -13.90
CA LEU A 261 32.51 -0.84 -13.53
C LEU A 261 31.61 -1.24 -14.70
N ASN A 262 30.98 -2.41 -14.55
CA ASN A 262 29.90 -2.82 -15.42
C ASN A 262 28.60 -2.94 -14.63
N ARG A 263 27.56 -2.31 -15.16
CA ARG A 263 26.29 -2.25 -14.48
C ARG A 263 25.40 -3.40 -14.93
N GLY A 264 24.60 -3.91 -14.01
CA GLY A 264 23.44 -4.70 -14.40
C GLY A 264 22.43 -4.78 -13.29
N SER A 265 21.17 -5.02 -13.63
CA SER A 265 20.10 -5.01 -12.64
C SER A 265 19.96 -6.34 -11.92
N GLY A 266 18.99 -6.39 -11.02
CA GLY A 266 18.63 -7.61 -10.33
C GLY A 266 19.72 -8.21 -9.48
N SER A 267 20.48 -7.37 -8.78
CA SER A 267 21.40 -7.86 -7.76
C SER A 267 21.23 -7.03 -6.51
N GLY A 268 22.06 -7.33 -5.51
CA GLY A 268 22.04 -6.58 -4.26
C GLY A 268 23.05 -7.15 -3.30
N ILE A 269 22.97 -6.70 -2.05
CA ILE A 269 23.88 -7.12 -1.02
C ILE A 269 23.08 -7.74 0.12
N ILE A 270 23.26 -9.04 0.35
CA ILE A 270 22.55 -9.72 1.42
C ILE A 270 23.49 -10.11 2.56
N THR A 271 22.90 -10.20 3.74
CA THR A 271 23.62 -10.66 4.90
C THR A 271 23.11 -12.04 5.35
N SER A 272 24.05 -12.98 5.53
CA SER A 272 23.72 -14.29 6.06
C SER A 272 24.93 -15.18 6.28
N ASP A 273 24.70 -16.15 7.15
CA ASP A 273 25.73 -17.08 7.56
C ASP A 273 25.63 -18.42 6.80
N ALA A 274 24.67 -18.53 5.87
CA ALA A 274 24.54 -19.73 5.05
C ALA A 274 25.78 -19.95 4.21
N PRO A 275 26.16 -21.22 4.03
CA PRO A 275 27.24 -21.71 3.17
C PRO A 275 26.89 -21.55 1.71
N VAL A 276 27.91 -21.37 0.88
CA VAL A 276 27.76 -21.25 -0.57
C VAL A 276 27.97 -22.64 -1.16
N HIS A 277 27.17 -23.01 -2.15
CA HIS A 277 27.33 -24.31 -2.80
C HIS A 277 27.29 -24.18 -4.32
N ASP A 278 27.35 -25.29 -5.03
CA ASP A 278 27.35 -25.23 -6.49
C ASP A 278 25.96 -25.23 -7.11
N CYS A 279 24.95 -25.14 -6.26
CA CYS A 279 23.55 -25.14 -6.71
C CYS A 279 23.25 -23.92 -7.58
N ASN A 280 22.21 -24.01 -8.41
CA ASN A 280 21.71 -22.88 -9.17
C ASN A 280 20.22 -22.69 -8.80
N THR A 281 19.74 -21.44 -8.79
CA THR A 281 18.35 -21.13 -8.41
C THR A 281 17.82 -19.91 -9.14
N LYS A 282 16.49 -19.81 -9.24
CA LYS A 282 15.87 -18.60 -9.77
C LYS A 282 15.63 -17.54 -8.70
N CYS A 283 15.68 -17.96 -7.43
CA CYS A 283 15.29 -17.14 -6.29
C CYS A 283 16.15 -17.43 -5.06
N GLN A 284 16.65 -16.39 -4.39
CA GLN A 284 17.59 -16.57 -3.28
C GLN A 284 17.22 -15.76 -2.05
N THR A 285 17.29 -16.35 -0.86
CA THR A 285 17.08 -15.55 0.36
C THR A 285 18.31 -15.71 1.25
N PRO A 286 18.36 -14.98 2.38
CA PRO A 286 19.48 -15.20 3.30
C PRO A 286 19.41 -16.55 4.00
N HIS A 287 18.20 -17.09 4.16
CA HIS A 287 18.06 -18.41 4.76
C HIS A 287 18.41 -19.54 3.79
N GLY A 288 18.08 -19.37 2.52
CA GLY A 288 18.40 -20.39 1.52
C GLY A 288 17.72 -20.06 0.21
N ALA A 289 17.78 -20.99 -0.74
CA ALA A 289 17.23 -20.78 -2.07
C ALA A 289 15.91 -21.50 -2.25
N ILE A 290 15.05 -20.92 -3.08
CA ILE A 290 13.72 -21.44 -3.34
C ILE A 290 13.59 -21.90 -4.80
N ASN A 291 13.07 -23.12 -4.99
CA ASN A 291 12.54 -23.53 -6.28
C ASN A 291 11.08 -23.85 -5.98
N SER A 292 10.16 -23.02 -6.46
CA SER A 292 8.74 -23.22 -6.18
C SER A 292 7.89 -22.60 -7.28
N SER A 293 6.75 -23.20 -7.59
CA SER A 293 5.81 -22.60 -8.51
C SER A 293 4.74 -21.83 -7.73
N LEU A 294 4.85 -21.87 -6.40
CA LEU A 294 3.90 -21.23 -5.51
C LEU A 294 3.98 -19.69 -5.55
N PRO A 295 2.80 -19.02 -5.43
CA PRO A 295 2.67 -17.55 -5.41
C PRO A 295 3.17 -16.89 -4.12
N PHE A 296 3.21 -17.62 -3.02
CA PHE A 296 3.62 -17.02 -1.75
C PHE A 296 4.69 -17.80 -1.03
N GLN A 297 5.40 -17.06 -0.17
CA GLN A 297 6.43 -17.60 0.71
C GLN A 297 6.48 -16.91 2.09
N ASN A 298 6.63 -17.73 3.14
CA ASN A 298 6.79 -17.24 4.51
C ASN A 298 8.26 -17.18 4.94
N ILE A 299 9.17 -17.46 4.00
CA ILE A 299 10.56 -17.76 4.38
C ILE A 299 11.32 -16.51 4.82
N HIS A 300 11.58 -15.62 3.87
CA HIS A 300 12.30 -14.39 4.18
C HIS A 300 11.75 -13.20 3.38
N PRO A 301 11.72 -12.02 4.00
CA PRO A 301 11.33 -10.82 3.25
C PRO A 301 12.31 -10.51 2.11
N VAL A 302 13.62 -10.62 2.36
CA VAL A 302 14.68 -10.32 1.37
C VAL A 302 14.83 -11.36 0.25
N THR A 303 14.92 -10.92 -1.00
CA THR A 303 14.98 -11.85 -2.14
C THR A 303 15.90 -11.35 -3.26
N ILE A 304 16.62 -12.27 -3.90
CA ILE A 304 17.30 -11.93 -5.14
C ILE A 304 16.78 -12.82 -6.25
N GLY A 305 16.50 -12.23 -7.40
CA GLY A 305 15.95 -12.95 -8.53
C GLY A 305 14.43 -12.95 -8.53
N GLU A 306 13.84 -13.87 -9.30
CA GLU A 306 12.39 -13.99 -9.44
C GLU A 306 11.82 -14.95 -8.38
N CYS A 307 10.99 -14.42 -7.48
CA CYS A 307 10.54 -15.14 -6.28
C CYS A 307 9.03 -15.13 -6.02
N PRO A 308 8.55 -16.08 -5.19
CA PRO A 308 7.20 -15.95 -4.66
C PRO A 308 7.14 -14.74 -3.75
N LYS A 309 5.97 -14.13 -3.61
CA LYS A 309 5.77 -12.99 -2.72
C LYS A 309 5.86 -13.43 -1.26
N TYR A 310 6.36 -12.55 -0.41
CA TYR A 310 6.50 -12.83 1.01
C TYR A 310 5.27 -12.38 1.79
N VAL A 311 4.87 -13.18 2.77
CA VAL A 311 3.83 -12.79 3.70
C VAL A 311 4.16 -13.24 5.11
N ARG A 312 3.32 -12.89 6.07
CA ARG A 312 3.54 -13.28 7.46
C ARG A 312 2.79 -14.57 7.81
N SER A 313 2.12 -15.14 6.80
CA SER A 313 1.23 -16.30 6.98
C SER A 313 1.91 -17.61 7.36
N THR A 314 1.37 -18.27 8.39
CA THR A 314 1.76 -19.63 8.71
C THR A 314 1.05 -20.61 7.77
N LYS A 315 -0.19 -20.26 7.41
CA LYS A 315 -1.04 -21.19 6.65
C LYS A 315 -1.77 -20.50 5.51
N LEU A 316 -1.52 -20.92 4.27
CA LEU A 316 -2.36 -20.47 3.15
C LEU A 316 -2.84 -21.65 2.36
N ARG A 317 -4.14 -21.93 2.44
CA ARG A 317 -4.69 -23.14 1.81
C ARG A 317 -6.05 -22.89 1.15
N MET A 318 -6.16 -23.33 -0.09
CA MET A 318 -7.30 -22.95 -0.94
C MET A 318 -8.09 -24.16 -1.44
N ALA A 319 -9.40 -24.13 -1.22
CA ALA A 319 -10.27 -25.20 -1.66
C ALA A 319 -10.45 -25.27 -3.18
N THR A 320 -10.49 -26.49 -3.69
CA THR A 320 -10.78 -26.78 -5.10
C THR A 320 -11.98 -27.75 -5.23
N GLY A 321 -11.84 -28.96 -4.69
CA GLY A 321 -12.93 -29.91 -4.69
C GLY A 321 -14.07 -29.59 -3.72
N LEU A 322 -15.02 -30.51 -3.62
CA LEU A 322 -16.11 -30.47 -2.65
C LEU A 322 -15.57 -30.68 -1.25
N ARG A 323 -16.36 -30.35 -0.24
CA ARG A 323 -16.06 -30.85 1.09
C ARG A 323 -16.36 -32.34 1.08
N ASN A 324 -16.13 -32.98 2.22
CA ASN A 324 -16.02 -34.44 2.28
C ASN A 324 -16.73 -35.09 3.46
N ILE A 325 -17.50 -36.14 3.17
CA ILE A 325 -18.21 -36.90 4.21
C ILE A 325 -17.42 -38.13 4.71
N PRO A 326 -17.34 -38.27 6.04
CA PRO A 326 -16.79 -39.47 6.70
C PRO A 326 -17.74 -40.68 6.57
N SER A 327 -19.00 -40.41 6.26
CA SER A 327 -20.02 -41.45 6.04
C SER A 327 -20.07 -42.45 7.19
N ILE A 328 -20.40 -41.98 8.40
CA ILE A 328 -20.26 -42.78 9.63
C ILE A 328 -18.84 -43.37 9.74
N GLY B 1 -25.26 -25.38 4.18
CA GLY B 1 -25.50 -25.37 2.75
C GLY B 1 -25.93 -23.99 2.29
N LEU B 2 -25.93 -23.78 0.99
CA LEU B 2 -26.33 -22.50 0.43
C LEU B 2 -27.44 -22.76 -0.57
N PHE B 3 -27.11 -23.54 -1.57
CA PHE B 3 -28.06 -24.04 -2.57
C PHE B 3 -28.86 -25.22 -2.04
N GLY B 4 -28.39 -25.75 -0.90
CA GLY B 4 -29.12 -26.74 -0.14
C GLY B 4 -28.87 -28.17 -0.54
N ALA B 5 -28.09 -28.40 -1.58
CA ALA B 5 -27.92 -29.76 -2.10
C ALA B 5 -26.69 -30.57 -1.59
N ILE B 6 -25.94 -30.00 -0.63
CA ILE B 6 -24.82 -30.71 0.03
C ILE B 6 -24.85 -30.41 1.51
N ALA B 7 -24.48 -31.40 2.33
CA ALA B 7 -24.75 -31.39 3.78
C ALA B 7 -26.24 -31.07 3.93
N GLY B 8 -26.97 -31.46 2.89
CA GLY B 8 -28.23 -30.86 2.47
C GLY B 8 -29.48 -31.67 2.74
N PHE B 9 -30.40 -31.60 1.79
CA PHE B 9 -31.41 -32.64 1.64
C PHE B 9 -30.74 -33.94 1.18
N ILE B 10 -29.56 -33.83 0.58
CA ILE B 10 -28.65 -34.98 0.42
C ILE B 10 -27.53 -34.81 1.45
N GLU B 11 -27.55 -35.58 2.52
CA GLU B 11 -26.72 -35.27 3.68
C GLU B 11 -25.35 -35.91 3.63
N GLY B 12 -25.07 -36.57 2.51
CA GLY B 12 -23.80 -37.26 2.33
C GLY B 12 -23.52 -37.60 0.88
N GLY B 13 -22.25 -37.82 0.59
CA GLY B 13 -21.81 -38.21 -0.74
C GLY B 13 -21.45 -39.68 -0.79
N TRP B 14 -20.80 -40.09 -1.87
CA TRP B 14 -20.51 -41.50 -2.08
C TRP B 14 -19.02 -41.76 -2.30
N THR B 15 -18.41 -42.46 -1.35
CA THR B 15 -17.02 -42.90 -1.46
C THR B 15 -16.75 -43.60 -2.79
N GLY B 16 -17.69 -44.46 -3.17
CA GLY B 16 -17.52 -45.37 -4.29
C GLY B 16 -17.66 -44.88 -5.72
N MET B 17 -17.85 -43.59 -5.92
CA MET B 17 -17.73 -43.05 -7.28
C MET B 17 -16.39 -42.34 -7.34
N ILE B 18 -15.42 -42.96 -8.00
CA ILE B 18 -14.08 -42.41 -8.04
C ILE B 18 -13.82 -41.65 -9.33
N ASP B 19 -14.84 -41.62 -10.21
CA ASP B 19 -14.66 -41.23 -11.60
C ASP B 19 -14.72 -39.73 -11.91
N GLY B 20 -15.21 -38.93 -10.97
CA GLY B 20 -15.33 -37.51 -11.20
C GLY B 20 -15.97 -36.82 -10.01
N TRP B 21 -16.31 -35.55 -10.18
CA TRP B 21 -16.87 -34.76 -9.09
C TRP B 21 -18.34 -35.10 -8.83
N TYR B 22 -19.11 -35.27 -9.90
CA TYR B 22 -20.54 -35.56 -9.79
C TYR B 22 -20.95 -36.73 -10.68
N GLY B 23 -22.10 -37.32 -10.38
CA GLY B 23 -22.57 -38.50 -11.10
C GLY B 23 -23.85 -39.10 -10.56
N TYR B 24 -24.16 -40.31 -11.02
CA TYR B 24 -25.45 -40.93 -10.73
C TYR B 24 -25.33 -42.35 -10.21
N HIS B 25 -25.78 -42.57 -8.96
CA HIS B 25 -26.03 -43.94 -8.50
C HIS B 25 -27.41 -44.36 -9.08
N HIS B 26 -27.45 -45.45 -9.84
CA HIS B 26 -28.69 -45.99 -10.33
C HIS B 26 -28.91 -47.50 -10.12
N GLN B 27 -30.14 -47.85 -9.79
CA GLN B 27 -30.50 -49.21 -9.50
C GLN B 27 -31.73 -49.68 -10.28
N ASN B 28 -31.69 -50.93 -10.74
CA ASN B 28 -32.74 -51.51 -11.58
C ASN B 28 -32.66 -53.03 -11.66
N GLU B 29 -33.46 -53.60 -12.57
CA GLU B 29 -33.49 -55.04 -12.83
C GLU B 29 -32.09 -55.60 -12.97
N GLN B 30 -31.38 -55.14 -14.00
CA GLN B 30 -29.98 -55.53 -14.22
C GLN B 30 -29.09 -55.34 -12.98
N GLY B 31 -28.91 -54.11 -12.49
CA GLY B 31 -27.96 -53.86 -11.42
C GLY B 31 -27.40 -52.45 -11.21
N SER B 32 -26.74 -52.29 -10.06
CA SER B 32 -26.51 -50.99 -9.43
C SER B 32 -25.07 -50.52 -9.49
N GLY B 33 -24.86 -49.21 -9.43
CA GLY B 33 -23.53 -48.63 -9.46
C GLY B 33 -23.49 -47.14 -9.78
N TYR B 34 -22.26 -46.62 -9.87
CA TYR B 34 -22.03 -45.21 -10.10
C TYR B 34 -21.51 -44.98 -11.52
N ALA B 35 -21.96 -43.88 -12.12
CA ALA B 35 -21.37 -43.37 -13.36
C ALA B 35 -21.28 -41.85 -13.25
N ALA B 36 -20.08 -41.31 -13.43
CA ALA B 36 -19.86 -39.88 -13.24
C ALA B 36 -20.44 -39.07 -14.39
N ASP B 37 -20.69 -37.79 -14.14
CA ASP B 37 -21.04 -36.85 -15.20
C ASP B 37 -19.75 -36.15 -15.64
N GLN B 38 -19.35 -36.38 -16.88
CA GLN B 38 -18.08 -35.87 -17.39
C GLN B 38 -18.29 -34.49 -18.02
N LYS B 39 -19.51 -33.97 -17.88
CA LYS B 39 -19.88 -32.69 -18.49
C LYS B 39 -19.80 -31.54 -17.49
N SER B 40 -20.59 -31.64 -16.43
CA SER B 40 -20.57 -30.66 -15.35
C SER B 40 -19.29 -30.75 -14.50
N THR B 41 -18.62 -31.90 -14.53
CA THR B 41 -17.33 -32.04 -13.85
C THR B 41 -16.20 -31.30 -14.58
N GLN B 42 -16.07 -31.53 -15.89
CA GLN B 42 -15.12 -30.79 -16.71
C GLN B 42 -15.48 -29.30 -16.78
N ASN B 43 -16.75 -28.98 -16.54
CA ASN B 43 -17.18 -27.59 -16.43
C ASN B 43 -16.65 -26.96 -15.15
N ALA B 44 -16.79 -27.66 -14.03
CA ALA B 44 -16.39 -27.15 -12.73
C ALA B 44 -14.88 -27.05 -12.55
N ILE B 45 -14.16 -28.06 -13.06
CA ILE B 45 -12.70 -28.08 -13.03
C ILE B 45 -12.18 -26.86 -13.77
N ASP B 46 -12.43 -26.82 -15.08
CA ASP B 46 -11.94 -25.75 -15.95
C ASP B 46 -12.30 -24.37 -15.44
N GLY B 47 -13.45 -24.27 -14.76
CA GLY B 47 -13.86 -23.07 -14.10
C GLY B 47 -13.05 -22.82 -12.83
N ILE B 48 -12.89 -23.84 -11.98
CA ILE B 48 -12.17 -23.65 -10.73
C ILE B 48 -10.66 -23.41 -10.89
N THR B 49 -9.99 -24.13 -11.80
CA THR B 49 -8.55 -23.94 -11.96
C THR B 49 -8.34 -22.55 -12.48
N ASN B 50 -9.32 -22.10 -13.25
CA ASN B 50 -9.31 -20.78 -13.83
C ASN B 50 -9.47 -19.73 -12.75
N LYS B 51 -10.15 -20.08 -11.65
CA LYS B 51 -10.19 -19.20 -10.48
C LYS B 51 -8.80 -19.17 -9.83
N VAL B 52 -8.21 -20.35 -9.62
CA VAL B 52 -6.86 -20.48 -9.06
C VAL B 52 -5.80 -19.83 -9.95
N ASN B 53 -5.93 -20.01 -11.26
CA ASN B 53 -5.09 -19.34 -12.23
C ASN B 53 -5.16 -17.81 -12.15
N SER B 54 -6.37 -17.28 -11.96
CA SER B 54 -6.64 -15.84 -11.99
C SER B 54 -6.01 -15.01 -10.86
N VAL B 55 -6.04 -15.53 -9.64
CA VAL B 55 -5.41 -14.85 -8.49
C VAL B 55 -3.88 -14.78 -8.65
N ILE B 56 -3.30 -15.87 -9.13
CA ILE B 56 -1.85 -15.95 -9.34
C ILE B 56 -1.40 -15.14 -10.57
N GLU B 57 -2.26 -15.08 -11.58
CA GLU B 57 -2.04 -14.24 -12.76
C GLU B 57 -2.06 -12.75 -12.38
N LYS B 58 -2.71 -12.45 -11.25
CA LYS B 58 -2.73 -11.11 -10.68
C LYS B 58 -1.54 -10.92 -9.73
N MET B 59 -0.71 -11.96 -9.63
CA MET B 59 0.57 -11.85 -8.94
C MET B 59 1.71 -11.76 -9.95
N ASN B 60 2.29 -10.58 -10.10
CA ASN B 60 3.62 -10.49 -10.66
C ASN B 60 4.47 -11.19 -9.60
N THR B 61 5.51 -11.91 -10.02
CA THR B 61 6.41 -12.48 -9.05
C THR B 61 7.11 -11.34 -8.37
N GLN B 62 7.63 -11.60 -7.19
CA GLN B 62 8.55 -10.67 -6.56
C GLN B 62 9.79 -10.55 -7.45
N PHE B 63 10.29 -9.33 -7.65
CA PHE B 63 11.62 -9.18 -8.18
C PHE B 63 12.49 -8.55 -7.08
N THR B 64 13.77 -8.35 -7.35
CA THR B 64 14.75 -8.22 -6.27
C THR B 64 14.49 -7.08 -5.28
N ALA B 65 14.34 -7.46 -4.02
CA ALA B 65 14.09 -6.54 -2.94
C ALA B 65 15.09 -6.85 -1.84
N VAL B 66 16.05 -5.95 -1.62
CA VAL B 66 17.03 -6.15 -0.55
C VAL B 66 17.08 -4.96 0.41
N GLY B 67 17.50 -5.22 1.65
CA GLY B 67 17.54 -4.18 2.68
C GLY B 67 18.42 -2.99 2.34
N LYS B 68 18.18 -1.87 3.03
CA LYS B 68 18.94 -0.64 2.78
C LYS B 68 19.75 -0.25 4.00
N GLU B 69 20.91 0.36 3.76
CA GLU B 69 21.78 0.85 4.82
C GLU B 69 21.62 2.35 5.07
N PHE B 70 21.68 2.74 6.34
CA PHE B 70 21.59 4.12 6.76
C PHE B 70 22.59 4.35 7.87
N ASN B 71 23.21 5.52 7.94
CA ASN B 71 24.02 5.85 9.10
C ASN B 71 23.23 6.37 10.31
N ASN B 72 23.94 6.65 11.39
CA ASN B 72 23.33 7.12 12.63
C ASN B 72 22.61 8.49 12.58
N LEU B 73 22.82 9.28 11.52
CA LEU B 73 22.09 10.54 11.36
C LEU B 73 20.91 10.50 10.36
N GLU B 74 20.71 9.32 9.78
CA GLU B 74 19.64 9.02 8.84
C GLU B 74 18.49 8.24 9.52
N ARG B 75 18.42 8.29 10.86
CA ARG B 75 17.35 7.56 11.55
C ARG B 75 15.95 7.78 10.94
N ARG B 76 15.58 9.02 10.67
CA ARG B 76 14.22 9.26 10.18
C ARG B 76 13.90 8.56 8.87
N ILE B 77 14.83 8.56 7.92
CA ILE B 77 14.50 7.95 6.64
C ILE B 77 14.61 6.45 6.75
N GLU B 78 15.37 6.00 7.74
CA GLU B 78 15.42 4.58 8.04
C GLU B 78 14.04 4.07 8.56
N ASN B 79 13.52 4.72 9.60
CA ASN B 79 12.14 4.48 10.04
C ASN B 79 11.08 4.65 8.94
N LEU B 80 11.25 5.67 8.12
CA LEU B 80 10.39 5.77 6.93
C LEU B 80 10.47 4.49 6.14
N ASN B 81 11.70 4.04 5.91
CA ASN B 81 11.95 2.83 5.15
C ASN B 81 11.31 1.59 5.79
N LYS B 82 11.48 1.42 7.09
CA LYS B 82 10.81 0.36 7.83
C LYS B 82 9.30 0.42 7.65
N LYS B 83 8.75 1.62 7.84
CA LYS B 83 7.31 1.85 7.74
C LYS B 83 6.73 1.44 6.38
N VAL B 84 7.43 1.77 5.30
CA VAL B 84 6.99 1.33 3.96
C VAL B 84 7.03 -0.18 3.85
N ASP B 85 8.03 -0.80 4.47
CA ASP B 85 8.23 -2.23 4.31
C ASP B 85 7.15 -2.99 5.05
N ASP B 86 6.92 -2.57 6.29
CA ASP B 86 5.91 -3.18 7.14
C ASP B 86 4.55 -2.95 6.52
N GLY B 87 4.30 -1.71 6.13
CA GLY B 87 3.03 -1.34 5.55
C GLY B 87 2.63 -2.23 4.39
N PHE B 88 3.55 -2.42 3.46
CA PHE B 88 3.23 -3.16 2.25
C PHE B 88 2.99 -4.65 2.55
N LEU B 89 3.66 -5.13 3.59
CA LEU B 89 3.53 -6.51 4.04
C LEU B 89 2.16 -6.72 4.71
N ASP B 90 1.83 -5.84 5.66
CA ASP B 90 0.52 -5.87 6.31
C ASP B 90 -0.62 -5.91 5.32
N ILE B 91 -0.51 -5.15 4.24
CA ILE B 91 -1.54 -5.17 3.21
C ILE B 91 -1.59 -6.47 2.44
N TRP B 92 -0.44 -6.93 1.94
CA TRP B 92 -0.39 -8.17 1.17
C TRP B 92 -0.71 -9.41 2.00
N THR B 93 -0.40 -9.36 3.30
CA THR B 93 -0.76 -10.46 4.19
C THR B 93 -2.28 -10.51 4.30
N TYR B 94 -2.87 -9.35 4.57
CA TYR B 94 -4.32 -9.16 4.57
C TYR B 94 -4.99 -9.66 3.30
N ASN B 95 -4.53 -9.15 2.16
CA ASN B 95 -5.18 -9.44 0.89
C ASN B 95 -5.13 -10.92 0.57
N ALA B 96 -4.02 -11.56 0.94
CA ALA B 96 -3.85 -12.98 0.69
C ALA B 96 -4.69 -13.85 1.62
N GLU B 97 -4.62 -13.56 2.92
CA GLU B 97 -5.39 -14.30 3.91
C GLU B 97 -6.90 -14.17 3.68
N LEU B 98 -7.37 -12.93 3.62
CA LEU B 98 -8.79 -12.62 3.46
C LEU B 98 -9.38 -13.23 2.21
N LEU B 99 -8.66 -13.09 1.11
CA LEU B 99 -9.14 -13.58 -0.17
C LEU B 99 -9.36 -15.08 -0.14
N VAL B 100 -8.47 -15.80 0.52
CA VAL B 100 -8.55 -17.25 0.54
C VAL B 100 -9.72 -17.72 1.42
N LEU B 101 -9.90 -17.09 2.59
CA LEU B 101 -11.12 -17.31 3.36
C LEU B 101 -12.38 -17.00 2.52
N LEU B 102 -12.39 -15.86 1.86
CA LEU B 102 -13.53 -15.47 1.04
C LEU B 102 -13.80 -16.44 -0.10
N GLU B 103 -12.80 -16.72 -0.91
CA GLU B 103 -13.02 -17.51 -2.10
C GLU B 103 -13.23 -18.99 -1.82
N ASN B 104 -12.90 -19.45 -0.62
CA ASN B 104 -13.11 -20.85 -0.28
C ASN B 104 -14.59 -21.12 -0.08
N GLU B 105 -15.23 -20.21 0.64
CA GLU B 105 -16.66 -20.26 0.87
C GLU B 105 -17.42 -20.17 -0.44
N ARG B 106 -16.88 -19.39 -1.37
CA ARG B 106 -17.48 -19.23 -2.70
C ARG B 106 -17.23 -20.43 -3.62
N THR B 107 -16.23 -21.24 -3.28
CA THR B 107 -15.92 -22.47 -3.99
C THR B 107 -16.80 -23.65 -3.52
N LEU B 108 -16.96 -23.73 -2.19
CA LEU B 108 -17.76 -24.76 -1.53
C LEU B 108 -19.20 -24.77 -2.05
N ASP B 109 -19.82 -23.61 -2.07
CA ASP B 109 -21.20 -23.54 -2.53
C ASP B 109 -21.28 -23.29 -4.04
N PHE B 110 -20.13 -23.29 -4.70
CA PHE B 110 -20.12 -23.41 -6.17
C PHE B 110 -20.49 -24.84 -6.50
N HIS B 111 -19.91 -25.78 -5.75
CA HIS B 111 -20.22 -27.20 -5.92
C HIS B 111 -21.64 -27.48 -5.46
N ASP B 112 -22.03 -26.83 -4.37
CA ASP B 112 -23.38 -26.96 -3.86
C ASP B 112 -24.42 -26.53 -4.89
N SER B 113 -24.09 -25.54 -5.70
CA SER B 113 -24.96 -25.16 -6.82
C SER B 113 -25.00 -26.24 -7.89
N ASN B 114 -23.83 -26.80 -8.21
CA ASN B 114 -23.69 -27.78 -9.29
C ASN B 114 -24.35 -29.16 -9.05
N VAL B 115 -24.50 -29.56 -7.80
CA VAL B 115 -25.30 -30.75 -7.47
C VAL B 115 -26.79 -30.43 -7.65
N ARG B 116 -27.25 -29.34 -7.04
CA ARG B 116 -28.60 -28.84 -7.24
C ARG B 116 -28.95 -28.68 -8.73
N ASN B 117 -28.04 -28.09 -9.50
CA ASN B 117 -28.23 -27.85 -10.94
C ASN B 117 -28.42 -29.13 -11.76
N LEU B 118 -27.72 -30.20 -11.40
CA LEU B 118 -27.83 -31.47 -12.09
C LEU B 118 -29.10 -32.25 -11.68
N TYR B 119 -29.46 -32.14 -10.39
CA TYR B 119 -30.66 -32.77 -9.87
C TYR B 119 -31.91 -32.37 -10.67
N GLU B 120 -32.04 -31.06 -10.93
CA GLU B 120 -33.21 -30.51 -11.63
C GLU B 120 -33.13 -30.67 -13.15
N LYS B 121 -31.93 -30.88 -13.67
CA LYS B 121 -31.76 -31.20 -15.10
C LYS B 121 -32.33 -32.59 -15.37
N VAL B 122 -32.46 -33.39 -14.31
CA VAL B 122 -33.11 -34.70 -14.31
C VAL B 122 -34.62 -34.61 -14.03
N LYS B 123 -34.99 -34.05 -12.86
CA LYS B 123 -36.38 -33.82 -12.50
C LYS B 123 -37.17 -33.16 -13.62
N SER B 124 -36.52 -32.25 -14.34
CA SER B 124 -37.16 -31.58 -15.48
C SER B 124 -37.14 -32.47 -16.73
N GLN B 125 -36.31 -33.50 -16.71
CA GLN B 125 -36.28 -34.48 -17.80
C GLN B 125 -37.22 -35.65 -17.48
N LEU B 126 -37.72 -35.67 -16.24
CA LEU B 126 -38.56 -36.76 -15.76
C LEU B 126 -40.05 -36.44 -15.79
N LYS B 127 -40.45 -35.42 -15.04
CA LYS B 127 -41.87 -35.07 -14.88
C LYS B 127 -42.66 -36.26 -14.32
N ASN B 128 -43.66 -36.69 -15.08
CA ASN B 128 -44.59 -37.77 -14.69
C ASN B 128 -43.94 -39.09 -14.28
N ASN B 129 -42.84 -39.43 -14.94
CA ASN B 129 -42.22 -40.75 -14.84
C ASN B 129 -41.90 -41.28 -13.44
N ALA B 130 -41.61 -40.39 -12.48
CA ALA B 130 -41.07 -40.84 -11.21
C ALA B 130 -41.51 -39.99 -10.02
N LYS B 131 -41.05 -40.35 -8.84
CA LYS B 131 -41.38 -39.63 -7.62
C LYS B 131 -40.12 -39.18 -6.90
N GLU B 132 -40.24 -38.13 -6.09
CA GLU B 132 -39.11 -37.66 -5.30
C GLU B 132 -39.32 -38.00 -3.83
N ILE B 133 -38.51 -38.94 -3.33
CA ILE B 133 -38.57 -39.33 -1.93
C ILE B 133 -37.62 -38.42 -1.14
N GLY B 134 -36.82 -37.67 -1.89
CA GLY B 134 -35.82 -36.78 -1.34
C GLY B 134 -34.46 -37.43 -1.40
N ASN B 135 -33.44 -36.73 -0.87
CA ASN B 135 -32.08 -37.25 -0.79
C ASN B 135 -31.48 -37.72 -2.13
N GLY B 136 -31.92 -37.09 -3.22
CA GLY B 136 -31.39 -37.35 -4.54
C GLY B 136 -32.20 -38.33 -5.33
N CYS B 137 -33.15 -38.97 -4.66
CA CYS B 137 -33.81 -40.16 -5.21
C CYS B 137 -35.04 -39.86 -6.09
N PHE B 138 -34.97 -40.32 -7.34
CA PHE B 138 -36.12 -40.36 -8.24
C PHE B 138 -36.48 -41.82 -8.52
N GLU B 139 -37.59 -42.30 -7.95
CA GLU B 139 -38.00 -43.70 -8.15
C GLU B 139 -38.91 -43.87 -9.37
N PHE B 140 -38.45 -44.63 -10.35
CA PHE B 140 -39.16 -44.79 -11.62
C PHE B 140 -40.45 -45.60 -11.49
N TYR B 141 -41.58 -45.00 -11.89
CA TYR B 141 -42.81 -45.74 -12.08
C TYR B 141 -42.58 -46.77 -13.15
N HIS B 142 -42.40 -46.28 -14.37
CA HIS B 142 -42.13 -47.15 -15.50
C HIS B 142 -40.78 -47.84 -15.37
N LYS B 143 -40.65 -48.99 -16.04
CA LYS B 143 -39.42 -49.77 -16.07
C LYS B 143 -38.32 -49.05 -16.86
N CYS B 144 -37.08 -49.25 -16.45
CA CYS B 144 -35.95 -48.71 -17.20
C CYS B 144 -34.82 -49.72 -17.27
N ASP B 145 -34.25 -49.86 -18.46
CA ASP B 145 -32.99 -50.57 -18.61
C ASP B 145 -31.88 -49.62 -18.20
N ASP B 146 -30.65 -50.01 -18.52
CA ASP B 146 -29.44 -49.24 -18.31
C ASP B 146 -29.48 -48.14 -19.36
N ALA B 147 -29.85 -48.56 -20.58
CA ALA B 147 -29.78 -47.73 -21.78
C ALA B 147 -30.71 -46.55 -21.59
N CYS B 148 -31.95 -46.85 -21.23
CA CYS B 148 -32.92 -45.81 -20.88
C CYS B 148 -32.44 -44.86 -19.80
N MET B 149 -31.69 -45.47 -18.87
CA MET B 149 -31.08 -44.83 -17.70
C MET B 149 -29.79 -44.09 -18.16
N GLU B 150 -29.01 -44.67 -19.07
CA GLU B 150 -27.90 -43.89 -19.64
C GLU B 150 -28.44 -42.68 -20.43
N SER B 151 -29.68 -42.81 -20.93
CA SER B 151 -30.40 -41.71 -21.60
C SER B 151 -30.77 -40.47 -20.76
N VAL B 152 -31.08 -40.61 -19.47
CA VAL B 152 -31.26 -39.42 -18.62
C VAL B 152 -29.91 -38.74 -18.42
N ARG B 153 -28.91 -39.57 -18.15
CA ARG B 153 -27.54 -39.12 -18.01
C ARG B 153 -27.03 -38.50 -19.31
N ASN B 154 -27.51 -39.02 -20.44
CA ASN B 154 -27.21 -38.46 -21.75
C ASN B 154 -27.95 -37.14 -21.92
N GLY B 155 -29.16 -37.10 -21.36
CA GLY B 155 -30.07 -35.98 -21.51
C GLY B 155 -31.01 -36.22 -22.69
N THR B 156 -30.57 -37.09 -23.60
CA THR B 156 -31.36 -37.47 -24.76
C THR B 156 -32.54 -38.32 -24.32
N TYR B 157 -33.63 -38.27 -25.05
CA TYR B 157 -34.81 -39.02 -24.64
C TYR B 157 -35.82 -39.02 -25.75
N ASP B 158 -36.96 -39.63 -25.44
CA ASP B 158 -38.23 -38.96 -25.69
C ASP B 158 -39.17 -39.35 -24.56
N TYR B 159 -39.79 -38.32 -24.01
CA TYR B 159 -40.61 -38.37 -22.80
C TYR B 159 -41.88 -39.25 -22.84
N PRO B 160 -42.66 -39.21 -23.95
CA PRO B 160 -43.91 -39.98 -23.93
C PRO B 160 -43.70 -41.49 -24.03
N LYS B 161 -42.52 -41.92 -24.45
CA LYS B 161 -42.27 -43.33 -24.71
C LYS B 161 -42.58 -44.22 -23.52
N TYR B 162 -42.13 -43.80 -22.34
CA TYR B 162 -42.33 -44.55 -21.10
C TYR B 162 -43.52 -44.06 -20.29
N SER B 163 -44.24 -43.08 -20.84
CA SER B 163 -45.38 -42.46 -20.16
C SER B 163 -46.53 -43.42 -19.84
N GLU B 164 -47.06 -44.09 -20.87
CA GLU B 164 -48.18 -45.02 -20.69
C GLU B 164 -47.82 -46.20 -19.75
N GLU B 165 -46.54 -46.58 -19.77
CA GLU B 165 -46.00 -47.61 -18.91
C GLU B 165 -46.13 -47.19 -17.45
N SER B 166 -45.84 -45.91 -17.21
CA SER B 166 -45.81 -45.31 -15.88
C SER B 166 -47.18 -44.98 -15.29
N LYS B 167 -48.05 -44.36 -16.10
CA LYS B 167 -49.24 -43.65 -15.62
C LYS B 167 -50.29 -44.43 -14.82
N LEU B 168 -50.55 -45.68 -15.17
CA LEU B 168 -51.56 -46.45 -14.47
C LEU B 168 -50.97 -47.20 -13.25
N ASN B 169 -49.67 -47.00 -13.01
CA ASN B 169 -48.99 -47.53 -11.83
C ASN B 169 -49.23 -46.68 -10.59
N ARG B 170 -49.73 -45.46 -10.83
CA ARG B 170 -49.83 -44.44 -9.80
C ARG B 170 -51.04 -44.59 -8.86
N GLU B 171 -51.94 -45.50 -9.20
CA GLU B 171 -53.31 -45.44 -8.69
C GLU B 171 -53.61 -46.32 -7.47
N GLU B 172 -53.54 -47.63 -7.67
CA GLU B 172 -54.19 -48.58 -6.76
C GLU B 172 -53.59 -48.72 -5.36
N ILE B 173 -52.39 -48.20 -5.13
CA ILE B 173 -51.89 -48.03 -3.77
C ILE B 173 -51.74 -46.54 -3.43
N GLY C 4 -51.91 -25.99 -24.93
CA GLY C 4 -52.68 -25.15 -25.83
C GLY C 4 -51.94 -23.89 -26.23
N ASP C 5 -52.11 -22.83 -25.44
CA ASP C 5 -51.34 -21.59 -25.62
C ASP C 5 -50.13 -21.62 -24.70
N THR C 6 -49.32 -20.57 -24.75
CA THR C 6 -48.01 -20.56 -24.09
C THR C 6 -47.58 -19.23 -23.46
N ILE C 7 -46.91 -19.33 -22.31
CA ILE C 7 -46.02 -18.26 -21.86
C ILE C 7 -44.62 -18.83 -21.69
N CYS C 8 -43.69 -18.31 -22.46
CA CYS C 8 -42.28 -18.64 -22.28
C CYS C 8 -41.64 -17.47 -21.55
N ILE C 9 -40.71 -17.77 -20.65
CA ILE C 9 -39.88 -16.72 -20.04
C ILE C 9 -38.43 -16.88 -20.48
N GLY C 10 -37.82 -15.77 -20.89
CA GLY C 10 -36.48 -15.76 -21.44
C GLY C 10 -35.85 -14.38 -21.28
N TYR C 11 -34.58 -14.27 -21.65
CA TYR C 11 -33.81 -13.06 -21.35
C TYR C 11 -33.38 -12.32 -22.60
N HIS C 12 -32.65 -11.24 -22.38
CA HIS C 12 -32.26 -10.32 -23.44
C HIS C 12 -31.08 -10.85 -24.26
N ALA C 13 -31.06 -10.46 -25.54
CA ALA C 13 -29.94 -10.76 -26.45
C ALA C 13 -29.88 -9.66 -27.51
N ASN C 14 -28.67 -9.35 -27.98
CA ASN C 14 -28.50 -8.36 -29.04
C ASN C 14 -27.25 -8.62 -29.85
N ASN C 15 -26.92 -7.67 -30.73
CA ASN C 15 -25.76 -7.78 -31.62
C ASN C 15 -24.47 -7.20 -31.01
N SER C 16 -24.53 -6.79 -29.75
CA SER C 16 -23.34 -6.35 -29.02
C SER C 16 -22.26 -7.44 -28.99
N THR C 17 -21.05 -7.05 -29.41
CA THR C 17 -19.90 -7.95 -29.53
C THR C 17 -19.03 -7.94 -28.27
N ASP C 18 -19.41 -7.10 -27.32
CA ASP C 18 -18.56 -6.77 -26.18
C ASP C 18 -18.31 -7.91 -25.18
N THR C 19 -17.10 -7.96 -24.64
CA THR C 19 -16.59 -9.15 -23.97
C THR C 19 -16.08 -8.86 -22.56
N VAL C 20 -16.26 -9.82 -21.64
CA VAL C 20 -15.90 -9.67 -20.22
C VAL C 20 -15.18 -10.91 -19.70
N ASP C 21 -14.15 -10.75 -18.87
CA ASP C 21 -13.59 -11.89 -18.12
C ASP C 21 -14.20 -11.91 -16.71
N THR C 22 -14.45 -13.10 -16.18
CA THR C 22 -14.89 -13.23 -14.80
C THR C 22 -13.96 -14.25 -14.14
N VAL C 23 -14.18 -14.56 -12.86
CA VAL C 23 -13.28 -15.44 -12.11
C VAL C 23 -13.26 -16.88 -12.63
N LEU C 24 -14.44 -17.45 -12.85
CA LEU C 24 -14.54 -18.83 -13.35
C LEU C 24 -14.33 -18.93 -14.85
N GLU C 25 -14.79 -17.95 -15.58
CA GLU C 25 -14.77 -18.05 -17.03
C GLU C 25 -14.19 -16.80 -17.65
N LYS C 26 -13.67 -16.94 -18.86
CA LYS C 26 -13.02 -15.84 -19.54
C LYS C 26 -13.74 -15.48 -20.83
N ASN C 27 -13.50 -14.28 -21.32
CA ASN C 27 -13.97 -13.87 -22.64
C ASN C 27 -15.48 -14.05 -22.87
N VAL C 28 -16.27 -13.88 -21.80
CA VAL C 28 -17.72 -14.01 -21.88
C VAL C 28 -18.35 -12.86 -22.66
N THR C 29 -19.17 -13.20 -23.65
CA THR C 29 -19.88 -12.16 -24.36
C THR C 29 -21.04 -11.71 -23.47
N VAL C 30 -21.39 -10.43 -23.53
CA VAL C 30 -22.44 -9.90 -22.69
C VAL C 30 -23.22 -8.82 -23.43
N THR C 31 -24.41 -8.51 -22.94
CA THR C 31 -25.31 -7.58 -23.61
C THR C 31 -24.85 -6.15 -23.43
N HIS C 32 -24.86 -5.70 -22.19
CA HIS C 32 -24.40 -4.36 -21.87
C HIS C 32 -23.26 -4.44 -20.85
N SER C 33 -22.33 -3.50 -20.95
CA SER C 33 -21.13 -3.51 -20.10
C SER C 33 -20.62 -2.10 -19.91
N VAL C 34 -19.79 -1.91 -18.89
CA VAL C 34 -19.14 -0.61 -18.64
C VAL C 34 -17.62 -0.71 -18.71
N ASN C 35 -17.00 0.09 -19.57
CA ASN C 35 -15.55 0.23 -19.57
C ASN C 35 -15.12 1.16 -18.44
N LEU C 36 -14.27 0.65 -17.53
CA LEU C 36 -13.81 1.40 -16.37
C LEU C 36 -12.46 2.10 -16.58
N LEU C 37 -11.93 2.01 -17.79
CA LEU C 37 -10.52 2.33 -18.01
C LEU C 37 -10.28 3.24 -19.21
N GLU C 38 -9.64 4.37 -18.96
CA GLU C 38 -9.42 5.34 -20.01
C GLU C 38 -8.06 5.17 -20.71
N ASP C 39 -8.09 4.78 -21.98
CA ASP C 39 -6.90 4.65 -22.81
C ASP C 39 -6.66 5.88 -23.69
N SER C 40 -7.52 6.88 -23.56
CA SER C 40 -7.49 7.96 -24.55
C SER C 40 -6.99 9.30 -24.02
N HIS C 41 -6.13 9.93 -24.82
CA HIS C 41 -5.78 11.33 -24.62
C HIS C 41 -5.71 12.05 -25.97
N ASN C 42 -5.47 13.36 -25.96
CA ASN C 42 -5.36 14.13 -27.19
C ASN C 42 -3.95 14.41 -27.69
N GLY C 43 -2.95 13.92 -26.94
CA GLY C 43 -1.56 14.05 -27.35
C GLY C 43 -1.10 15.50 -27.37
N LYS C 44 -1.75 16.31 -26.55
CA LYS C 44 -1.49 17.74 -26.46
C LYS C 44 -1.36 18.22 -25.00
N LEU C 45 -0.65 19.32 -24.78
CA LEU C 45 -0.54 19.91 -23.45
C LEU C 45 -1.43 21.12 -23.27
N CYS C 46 -2.47 20.95 -22.46
CA CYS C 46 -3.56 21.90 -22.39
C CYS C 46 -3.47 22.81 -21.17
N LYS C 47 -4.41 23.74 -21.11
CA LYS C 47 -4.53 24.70 -20.02
C LYS C 47 -5.19 24.04 -18.82
N LEU C 48 -4.92 24.57 -17.64
CA LEU C 48 -5.71 24.24 -16.46
C LEU C 48 -6.39 25.49 -15.90
N LYS C 49 -7.71 25.44 -15.78
CA LYS C 49 -8.50 26.59 -15.34
C LYS C 49 -8.08 27.87 -16.07
N GLY C 50 -7.94 27.74 -17.38
CA GLY C 50 -7.73 28.88 -18.28
C GLY C 50 -6.32 29.40 -18.31
N ILE C 51 -5.46 28.71 -17.56
CA ILE C 51 -4.08 29.13 -17.41
C ILE C 51 -3.13 28.19 -18.15
N ALA C 52 -2.18 28.75 -18.89
CA ALA C 52 -1.33 27.93 -19.73
C ALA C 52 -0.10 27.47 -18.97
N PRO C 53 0.37 26.26 -19.30
CA PRO C 53 1.66 25.79 -18.78
C PRO C 53 2.80 26.73 -19.16
N LEU C 54 3.80 26.89 -18.30
CA LEU C 54 5.06 27.54 -18.68
C LEU C 54 5.93 26.55 -19.43
N GLN C 55 6.34 26.89 -20.66
CA GLN C 55 7.14 25.96 -21.47
C GLN C 55 8.63 26.34 -21.43
N LEU C 56 9.43 25.52 -20.77
CA LEU C 56 10.84 25.84 -20.55
C LEU C 56 11.63 25.58 -21.82
N GLY C 57 11.07 24.74 -22.68
CA GLY C 57 11.61 24.51 -24.00
C GLY C 57 12.95 23.84 -24.00
N LYS C 58 13.91 24.50 -24.62
CA LYS C 58 15.27 23.98 -24.66
C LYS C 58 16.01 24.34 -23.37
N CYS C 59 15.35 25.07 -22.47
CA CYS C 59 15.95 25.42 -21.18
C CYS C 59 15.46 24.55 -20.03
N ASN C 60 16.01 24.74 -18.84
CA ASN C 60 15.46 24.05 -17.68
C ASN C 60 15.33 25.00 -16.49
N ILE C 61 14.87 24.49 -15.35
CA ILE C 61 14.57 25.36 -14.21
C ILE C 61 15.76 26.23 -13.86
N ALA C 62 16.95 25.65 -13.84
CA ALA C 62 18.16 26.40 -13.57
C ALA C 62 18.35 27.55 -14.55
N GLY C 63 18.30 27.25 -15.85
CA GLY C 63 18.53 28.28 -16.86
C GLY C 63 17.51 29.40 -16.77
N TRP C 64 16.28 29.00 -16.51
CA TRP C 64 15.18 29.94 -16.32
C TRP C 64 15.49 30.86 -15.16
N LEU C 65 15.71 30.31 -13.99
CA LEU C 65 15.81 31.14 -12.81
C LEU C 65 17.10 31.96 -12.77
N LEU C 66 18.17 31.39 -13.32
CA LEU C 66 19.43 32.09 -13.33
C LEU C 66 19.40 33.11 -14.42
N GLY C 67 18.63 32.81 -15.48
CA GLY C 67 18.67 33.65 -16.64
C GLY C 67 19.84 33.38 -17.55
N ASN C 68 20.03 32.09 -17.85
CA ASN C 68 20.87 31.65 -18.94
C ASN C 68 20.49 32.42 -20.20
N PRO C 69 21.50 32.93 -20.92
CA PRO C 69 21.40 33.75 -22.13
C PRO C 69 20.58 33.10 -23.25
N GLU C 70 20.52 31.78 -23.28
CA GLU C 70 19.76 31.11 -24.33
C GLU C 70 18.32 30.96 -23.87
N CYS C 71 18.02 31.48 -22.69
CA CYS C 71 16.67 31.39 -22.14
C CYS C 71 15.79 32.61 -22.34
N ASP C 72 16.29 33.62 -23.04
CA ASP C 72 15.68 34.96 -23.00
C ASP C 72 14.16 35.05 -23.20
N LEU C 73 13.59 34.15 -23.98
CA LEU C 73 12.14 34.06 -24.12
C LEU C 73 11.44 34.07 -22.77
N LEU C 74 11.95 33.28 -21.83
CA LEU C 74 11.25 33.06 -20.55
C LEU C 74 11.22 34.25 -19.58
N LEU C 75 11.94 35.34 -19.91
CA LEU C 75 11.96 36.52 -19.05
C LEU C 75 10.58 37.13 -18.79
N THR C 76 9.61 36.85 -19.66
CA THR C 76 8.32 37.54 -19.63
C THR C 76 7.30 36.80 -18.79
N ALA C 77 7.71 35.70 -18.18
CA ALA C 77 6.72 34.80 -17.59
C ALA C 77 6.50 35.16 -16.13
N SER C 78 5.32 35.63 -15.79
CA SER C 78 4.96 35.72 -14.38
C SER C 78 4.00 34.65 -13.90
N SER C 79 3.46 33.82 -14.80
CA SER C 79 2.35 32.96 -14.39
C SER C 79 2.20 31.67 -15.19
N TRP C 80 1.84 30.58 -14.52
CA TRP C 80 1.71 29.27 -15.18
C TRP C 80 0.80 28.30 -14.43
N SER C 81 0.18 27.37 -15.14
CA SER C 81 -0.58 26.30 -14.49
C SER C 81 0.34 25.19 -13.96
N TYR C 82 1.32 24.84 -14.77
CA TYR C 82 2.35 23.88 -14.40
C TYR C 82 3.57 24.13 -15.27
N ILE C 83 4.73 23.60 -14.88
CA ILE C 83 5.97 23.87 -15.59
C ILE C 83 6.42 22.67 -16.44
N VAL C 84 6.87 22.94 -17.67
CA VAL C 84 7.14 21.86 -18.61
C VAL C 84 8.58 21.79 -19.12
N GLU C 85 9.21 20.62 -18.95
CA GLU C 85 10.58 20.38 -19.43
C GLU C 85 10.57 19.36 -20.54
N THR C 86 11.50 19.47 -21.47
CA THR C 86 11.49 18.58 -22.63
C THR C 86 12.73 17.70 -22.61
N SER C 87 12.82 16.79 -23.57
CA SER C 87 13.96 15.93 -23.66
C SER C 87 15.09 16.79 -24.18
N ASN C 88 14.70 17.91 -24.76
CA ASN C 88 15.62 18.75 -25.54
C ASN C 88 16.26 19.88 -24.75
N SER C 89 15.93 19.97 -23.47
CA SER C 89 16.35 21.10 -22.65
C SER C 89 17.71 20.88 -22.00
N GLU C 90 18.77 21.15 -22.76
CA GLU C 90 20.12 21.00 -22.25
C GLU C 90 20.71 22.27 -21.64
N ASN C 91 19.98 23.37 -21.70
CA ASN C 91 20.52 24.64 -21.23
C ASN C 91 20.15 24.98 -19.79
N GLY C 92 21.15 24.94 -18.93
CA GLY C 92 21.00 25.27 -17.52
C GLY C 92 22.07 26.23 -17.07
N THR C 93 22.87 25.78 -16.11
CA THR C 93 24.02 26.54 -15.64
C THR C 93 25.07 26.41 -16.77
N CYS C 94 25.38 27.52 -17.41
CA CYS C 94 26.29 27.53 -18.56
C CYS C 94 27.72 27.61 -18.13
N TYR C 95 27.93 28.25 -16.99
CA TYR C 95 29.21 28.19 -16.31
C TYR C 95 29.18 27.02 -15.31
N PRO C 96 30.14 26.09 -15.40
CA PRO C 96 30.08 24.81 -14.66
C PRO C 96 30.20 24.92 -13.14
N GLY C 97 29.53 24.00 -12.44
CA GLY C 97 29.56 23.94 -10.98
C GLY C 97 28.31 23.28 -10.43
N ASP C 98 28.13 23.32 -9.11
CA ASP C 98 26.95 22.71 -8.48
C ASP C 98 25.82 23.69 -8.16
N PHE C 99 24.59 23.27 -8.46
CA PHE C 99 23.43 24.02 -8.00
C PHE C 99 22.98 23.38 -6.68
N ILE C 100 23.28 24.08 -5.59
CA ILE C 100 23.11 23.50 -4.28
C ILE C 100 21.63 23.43 -3.97
N ASP C 101 21.17 22.24 -3.61
CA ASP C 101 19.80 22.04 -3.21
C ASP C 101 18.87 22.30 -4.37
N TYR C 102 19.42 22.07 -5.56
CA TYR C 102 18.65 22.22 -6.80
C TYR C 102 17.31 21.47 -6.74
N GLU C 103 17.35 20.18 -6.46
CA GLU C 103 16.14 19.36 -6.42
C GLU C 103 15.08 19.89 -5.44
N GLU C 104 15.55 20.43 -4.32
CA GLU C 104 14.67 21.00 -3.32
C GLU C 104 14.01 22.23 -3.92
N LEU C 105 14.81 23.05 -4.61
CA LEU C 105 14.30 24.23 -5.27
C LEU C 105 13.16 23.86 -6.19
N ARG C 106 13.38 22.85 -7.02
CA ARG C 106 12.36 22.40 -7.96
C ARG C 106 11.10 21.95 -7.24
N GLU C 107 11.25 21.35 -6.05
CA GLU C 107 10.10 20.95 -5.22
C GLU C 107 9.28 22.18 -4.72
N GLN C 108 9.97 23.22 -4.25
CA GLN C 108 9.33 24.50 -3.94
C GLN C 108 8.51 24.99 -5.15
N LEU C 109 9.13 25.08 -6.33
CA LEU C 109 8.45 25.63 -7.52
C LEU C 109 7.14 24.96 -7.90
N SER C 110 6.99 23.70 -7.51
CA SER C 110 5.74 22.97 -7.75
C SER C 110 4.57 23.54 -6.96
N SER C 111 4.92 24.29 -5.92
CA SER C 111 3.97 24.94 -5.04
C SER C 111 3.71 26.40 -5.46
N VAL C 112 4.29 26.83 -6.58
CA VAL C 112 4.28 28.25 -6.97
C VAL C 112 3.49 28.50 -8.24
N SER C 113 2.36 29.17 -8.12
CA SER C 113 1.49 29.44 -9.27
C SER C 113 1.94 30.63 -10.11
N SER C 114 2.52 31.61 -9.43
CA SER C 114 2.93 32.85 -10.11
C SER C 114 4.02 33.51 -9.29
N PHE C 115 4.74 34.41 -9.95
CA PHE C 115 5.59 35.35 -9.22
C PHE C 115 5.74 36.70 -9.94
N GLU C 116 6.42 37.64 -9.27
CA GLU C 116 6.78 38.92 -9.85
C GLU C 116 8.28 39.09 -9.77
N LYS C 117 8.94 39.24 -10.91
CA LYS C 117 10.35 39.48 -10.92
C LYS C 117 10.67 40.93 -10.60
N PHE C 118 11.74 41.18 -9.85
CA PHE C 118 12.19 42.54 -9.57
C PHE C 118 13.71 42.62 -9.39
N GLU C 119 14.22 43.84 -9.46
CA GLU C 119 15.64 44.06 -9.38
C GLU C 119 15.96 44.32 -7.92
N ILE C 120 16.64 43.39 -7.29
CA ILE C 120 16.92 43.51 -5.87
C ILE C 120 18.14 44.40 -5.59
N PHE C 121 19.17 44.22 -6.39
CA PHE C 121 20.38 44.97 -6.25
C PHE C 121 20.66 45.47 -7.65
N PRO C 122 20.14 46.66 -7.97
CA PRO C 122 20.35 47.22 -9.31
C PRO C 122 21.84 47.39 -9.66
N LYS C 123 22.18 46.98 -10.89
CA LYS C 123 23.57 46.91 -11.34
C LYS C 123 24.26 48.29 -11.35
N THR C 124 23.52 49.31 -11.78
CA THR C 124 24.09 50.64 -11.96
C THR C 124 24.33 51.37 -10.62
N SER C 125 23.39 51.22 -9.69
CA SER C 125 23.44 51.84 -8.35
C SER C 125 24.28 51.16 -7.24
N SER C 126 24.20 49.84 -7.13
CA SER C 126 24.48 49.14 -5.86
C SER C 126 25.96 48.94 -5.54
N TRP C 127 26.81 49.08 -6.56
CA TRP C 127 28.21 48.63 -6.43
C TRP C 127 29.25 49.68 -6.87
N PRO C 128 29.34 50.78 -6.13
CA PRO C 128 30.25 51.88 -6.51
C PRO C 128 31.72 51.50 -6.38
N ASN C 129 32.03 50.59 -5.47
CA ASN C 129 33.42 50.19 -5.21
C ASN C 129 33.87 48.94 -5.97
N HIS C 130 33.02 48.40 -6.82
CA HIS C 130 33.33 47.16 -7.50
C HIS C 130 33.05 47.23 -8.98
N GLU C 131 33.61 46.28 -9.73
CA GLU C 131 33.61 46.39 -11.18
C GLU C 131 32.53 45.48 -11.78
N THR C 132 31.48 46.11 -12.27
CA THR C 132 30.30 45.42 -12.80
C THR C 132 30.28 45.15 -14.30
N THR C 133 31.21 45.73 -15.07
CA THR C 133 31.15 45.63 -16.53
C THR C 133 31.90 44.45 -17.16
N LYS C 134 32.79 43.84 -16.37
CA LYS C 134 33.73 42.78 -16.81
C LYS C 134 33.27 41.30 -16.60
N GLY C 135 32.04 41.11 -16.17
CA GLY C 135 31.49 39.88 -15.59
C GLY C 135 30.96 38.89 -16.62
N VAL C 136 31.58 38.86 -17.77
CA VAL C 136 31.10 37.99 -18.84
C VAL C 136 32.12 36.90 -19.15
N THR C 137 31.67 35.85 -19.85
CA THR C 137 32.52 34.69 -20.13
C THR C 137 32.07 33.96 -21.37
N ALA C 138 32.97 33.21 -21.99
CA ALA C 138 32.62 32.48 -23.21
C ALA C 138 31.72 31.25 -22.94
N ALA C 139 31.69 30.80 -21.68
CA ALA C 139 30.86 29.67 -21.29
C ALA C 139 29.39 30.07 -21.37
N CYS C 140 29.09 31.35 -21.14
CA CYS C 140 27.72 31.76 -21.37
C CYS C 140 27.64 32.78 -22.51
N SER C 141 27.21 32.32 -23.68
CA SER C 141 27.36 33.15 -24.85
C SER C 141 26.03 33.51 -25.48
N TYR C 142 25.88 34.80 -25.72
CA TYR C 142 24.71 35.30 -26.42
C TYR C 142 25.16 35.79 -27.78
N ALA C 143 24.75 35.06 -28.81
CA ALA C 143 24.98 35.48 -30.18
C ALA C 143 26.47 35.69 -30.47
N GLY C 144 27.28 34.67 -30.17
CA GLY C 144 28.70 34.69 -30.49
C GLY C 144 29.56 35.65 -29.69
N ALA C 145 29.04 36.14 -28.57
CA ALA C 145 29.82 37.00 -27.69
C ALA C 145 29.72 36.53 -26.24
N SER C 146 30.77 36.77 -25.47
CA SER C 146 30.74 36.54 -24.04
C SER C 146 29.63 37.33 -23.38
N SER C 147 28.86 36.65 -22.54
CA SER C 147 27.80 37.27 -21.74
C SER C 147 27.74 36.57 -20.40
N PHE C 148 26.68 36.83 -19.65
CA PHE C 148 26.46 36.18 -18.37
C PHE C 148 25.00 35.87 -18.13
N TYR C 149 24.70 35.42 -16.92
CA TYR C 149 23.32 35.23 -16.54
C TYR C 149 22.61 36.56 -16.43
N ARG C 150 21.37 36.59 -16.92
CA ARG C 150 20.54 37.77 -16.82
C ARG C 150 20.14 38.15 -15.38
N ASN C 151 20.03 37.16 -14.50
CA ASN C 151 19.54 37.43 -13.15
C ASN C 151 20.60 37.60 -12.07
N LEU C 152 21.87 37.48 -12.44
CA LEU C 152 22.99 37.66 -11.50
C LEU C 152 24.07 38.54 -12.10
N LEU C 153 24.93 39.06 -11.25
CA LEU C 153 25.99 39.99 -11.66
C LEU C 153 27.34 39.53 -11.20
N TRP C 154 28.31 39.45 -12.11
CA TRP C 154 29.61 38.95 -11.70
C TRP C 154 30.49 40.10 -11.28
N LEU C 155 30.74 40.23 -9.97
CA LEU C 155 31.52 41.33 -9.44
C LEU C 155 33.00 41.00 -9.48
N THR C 156 33.79 41.94 -9.98
CA THR C 156 35.24 41.82 -10.02
C THR C 156 35.89 43.02 -9.34
N LYS C 157 37.16 42.90 -8.99
CA LYS C 157 37.88 44.00 -8.35
C LYS C 157 37.93 45.25 -9.22
N LYS C 158 37.97 46.41 -8.56
CA LYS C 158 38.15 47.68 -9.26
C LYS C 158 39.59 48.15 -9.04
N GLY C 159 40.28 48.46 -10.13
CA GLY C 159 41.72 48.73 -10.07
C GLY C 159 42.43 47.51 -9.51
N SER C 160 43.21 47.73 -8.45
CA SER C 160 43.79 46.63 -7.67
C SER C 160 42.95 46.32 -6.44
N SER C 161 41.80 46.98 -6.32
CA SER C 161 41.05 46.98 -5.08
C SER C 161 39.79 46.10 -5.02
N TYR C 162 39.76 45.19 -4.05
CA TYR C 162 38.52 44.50 -3.69
C TYR C 162 38.13 44.78 -2.23
N PRO C 163 37.43 45.89 -1.98
CA PRO C 163 37.04 46.25 -0.62
C PRO C 163 35.92 45.32 -0.09
N LYS C 164 35.87 45.10 1.21
CA LYS C 164 34.73 44.38 1.79
C LYS C 164 33.42 45.11 1.44
N LEU C 165 32.48 44.36 0.86
CA LEU C 165 31.14 44.88 0.54
C LEU C 165 30.15 44.39 1.58
N SER C 166 29.13 45.20 1.85
CA SER C 166 27.98 44.79 2.67
C SER C 166 26.74 45.31 1.99
N LYS C 167 25.85 44.42 1.59
CA LYS C 167 24.61 44.88 1.00
C LYS C 167 23.44 44.19 1.67
N SER C 168 22.45 44.98 2.03
CA SER C 168 21.30 44.38 2.66
C SER C 168 20.08 44.65 1.84
N TYR C 169 19.11 43.77 2.03
CA TYR C 169 17.81 43.99 1.43
C TYR C 169 16.80 43.51 2.47
N VAL C 170 15.69 44.24 2.53
CA VAL C 170 14.65 44.02 3.51
C VAL C 170 13.46 43.60 2.68
N ASN C 171 12.78 42.52 3.04
CA ASN C 171 11.70 42.11 2.16
C ASN C 171 10.39 42.84 2.51
N ASN C 172 10.02 43.73 1.57
CA ASN C 172 8.84 44.60 1.64
C ASN C 172 7.64 44.10 0.82
N LYS C 173 7.77 42.94 0.20
CA LYS C 173 6.78 42.50 -0.79
C LYS C 173 5.55 41.80 -0.18
N GLY C 174 5.57 41.56 1.14
CA GLY C 174 4.45 40.89 1.81
C GLY C 174 4.25 39.42 1.46
N LYS C 175 5.24 38.85 0.78
CA LYS C 175 5.24 37.44 0.45
C LYS C 175 6.66 36.98 0.43
N GLU C 176 6.85 35.70 0.13
CA GLU C 176 8.17 35.10 0.07
C GLU C 176 8.97 35.64 -1.08
N VAL C 177 10.22 35.97 -0.81
CA VAL C 177 11.09 36.34 -1.91
C VAL C 177 12.16 35.29 -2.14
N LEU C 178 12.30 34.88 -3.40
CA LEU C 178 13.36 33.94 -3.79
C LEU C 178 14.57 34.72 -4.28
N VAL C 179 15.63 34.66 -3.47
CA VAL C 179 16.95 35.24 -3.79
C VAL C 179 17.98 34.16 -4.29
N LEU C 180 18.59 34.39 -5.47
CA LEU C 180 19.68 33.54 -6.00
C LEU C 180 21.06 34.20 -6.03
N TRP C 181 22.10 33.41 -5.78
CA TRP C 181 23.45 33.94 -5.94
C TRP C 181 24.48 32.88 -6.31
N GLY C 182 25.74 33.29 -6.43
CA GLY C 182 26.74 32.33 -6.77
C GLY C 182 28.02 32.67 -6.09
N VAL C 183 28.86 31.66 -5.93
CA VAL C 183 30.21 31.85 -5.46
C VAL C 183 31.17 31.24 -6.47
N HIS C 184 32.13 32.05 -6.89
CA HIS C 184 33.08 31.61 -7.89
C HIS C 184 34.30 30.92 -7.27
N HIS C 185 34.70 29.82 -7.89
CA HIS C 185 35.90 29.07 -7.47
C HIS C 185 36.91 28.97 -8.62
N PRO C 186 37.84 29.92 -8.68
CA PRO C 186 38.95 29.89 -9.63
C PRO C 186 39.82 28.63 -9.43
N PRO C 187 40.46 28.12 -10.50
CA PRO C 187 41.27 26.88 -10.48
C PRO C 187 42.59 26.97 -9.75
N THR C 188 43.17 28.16 -9.71
CA THR C 188 44.42 28.41 -9.01
C THR C 188 44.26 29.61 -8.06
N GLY C 189 45.19 29.76 -7.12
CA GLY C 189 45.19 30.91 -6.24
C GLY C 189 45.67 32.15 -6.98
N THR C 190 46.29 31.92 -8.12
CA THR C 190 46.86 33.01 -8.87
C THR C 190 45.76 33.73 -9.63
N ASP C 191 44.76 32.96 -10.09
CA ASP C 191 43.63 33.54 -10.81
C ASP C 191 42.72 34.22 -9.81
N GLN C 192 42.72 33.69 -8.59
CA GLN C 192 41.97 34.24 -7.46
C GLN C 192 42.32 35.72 -7.22
N GLN C 193 43.61 36.04 -7.31
CA GLN C 193 44.07 37.42 -7.17
C GLN C 193 43.70 38.24 -8.39
N SER C 194 43.96 37.69 -9.57
CA SER C 194 43.72 38.41 -10.82
C SER C 194 42.29 38.92 -10.86
N LEU C 195 41.42 38.20 -10.17
CA LEU C 195 39.99 38.53 -10.15
C LEU C 195 39.57 39.38 -8.94
N TYR C 196 39.63 38.76 -7.79
CA TYR C 196 39.20 39.32 -6.53
C TYR C 196 40.30 39.88 -5.59
N GLN C 197 41.55 39.76 -6.02
CA GLN C 197 42.68 40.38 -5.32
C GLN C 197 43.07 39.70 -4.00
N ASN C 198 42.17 38.91 -3.44
CA ASN C 198 42.38 38.47 -2.06
C ASN C 198 42.49 36.98 -1.89
N ALA C 199 43.61 36.55 -1.31
CA ALA C 199 43.92 35.14 -1.15
C ALA C 199 42.91 34.39 -0.27
N ASP C 200 42.56 34.95 0.88
CA ASP C 200 41.46 34.38 1.64
C ASP C 200 40.27 35.33 1.49
N ALA C 201 39.28 34.87 0.76
CA ALA C 201 38.13 35.70 0.51
C ALA C 201 36.97 34.90 1.05
N TYR C 202 35.93 35.59 1.49
CA TYR C 202 34.76 34.89 1.96
C TYR C 202 33.55 35.57 1.40
N VAL C 203 32.50 34.80 1.17
CA VAL C 203 31.19 35.34 0.95
C VAL C 203 30.39 34.87 2.17
N SER C 204 29.82 35.82 2.90
CA SER C 204 28.91 35.50 3.99
C SER C 204 27.53 35.96 3.57
N VAL C 205 26.55 35.08 3.77
CA VAL C 205 25.15 35.41 3.56
C VAL C 205 24.37 35.06 4.83
N GLY C 206 23.53 35.98 5.27
CA GLY C 206 22.77 35.75 6.48
C GLY C 206 21.41 36.42 6.46
N SER C 207 20.53 35.87 7.29
CA SER C 207 19.21 36.42 7.56
C SER C 207 18.74 35.96 8.94
N SER C 208 17.45 36.14 9.24
CA SER C 208 16.93 35.57 10.48
C SER C 208 17.09 34.05 10.45
N LYS C 209 16.91 33.49 9.26
CA LYS C 209 16.95 32.05 9.02
C LYS C 209 18.32 31.62 8.49
N TYR C 210 18.68 32.11 7.32
CA TYR C 210 19.91 31.71 6.65
C TYR C 210 21.18 32.20 7.35
N ASN C 211 22.10 31.27 7.61
CA ASN C 211 23.47 31.66 7.88
C ASN C 211 24.38 30.69 7.17
N ARG C 212 25.22 31.19 6.28
CA ARG C 212 26.22 30.36 5.60
C ARG C 212 27.45 31.16 5.20
N ARG C 213 28.62 30.52 5.34
CA ARG C 213 29.86 31.13 4.89
C ARG C 213 30.53 30.26 3.81
N PHE C 214 31.00 30.93 2.74
CA PHE C 214 31.67 30.28 1.62
C PHE C 214 33.05 30.85 1.44
N THR C 215 34.03 29.97 1.36
CA THR C 215 35.37 30.39 0.99
C THR C 215 35.63 29.67 -0.32
N PRO C 216 36.41 30.32 -1.21
CA PRO C 216 36.83 29.72 -2.46
C PRO C 216 37.60 28.41 -2.23
N GLU C 217 37.17 27.37 -2.95
CA GLU C 217 37.84 26.08 -2.94
C GLU C 217 38.64 26.03 -4.22
N ILE C 218 39.95 26.15 -4.07
CA ILE C 218 40.86 26.16 -5.20
C ILE C 218 41.49 24.78 -5.38
N ALA C 219 41.28 24.18 -6.56
CA ALA C 219 41.90 22.90 -6.94
C ALA C 219 42.07 22.76 -8.45
N ALA C 220 43.17 22.11 -8.87
CA ALA C 220 43.39 21.81 -10.30
C ALA C 220 42.18 21.08 -10.91
N ARG C 221 41.67 21.58 -12.03
CA ARG C 221 40.41 21.05 -12.54
C ARG C 221 40.47 20.84 -14.02
N PRO C 222 39.74 19.83 -14.48
CA PRO C 222 39.51 19.66 -15.91
C PRO C 222 38.57 20.73 -16.42
N LYS C 223 38.69 21.13 -17.68
CA LYS C 223 37.78 22.14 -18.24
C LYS C 223 36.41 21.58 -18.60
N VAL C 224 35.39 22.31 -18.15
CA VAL C 224 34.03 22.02 -18.59
C VAL C 224 33.60 23.30 -19.32
N ARG C 225 33.01 23.14 -20.50
CA ARG C 225 32.73 24.27 -21.40
C ARG C 225 33.92 25.23 -21.46
N ASP C 226 35.11 24.66 -21.63
CA ASP C 226 36.37 25.41 -21.62
C ASP C 226 36.69 26.18 -20.36
N GLN C 227 36.17 25.76 -19.22
CA GLN C 227 36.46 26.47 -17.97
CA GLN C 227 36.44 26.48 -17.98
C GLN C 227 37.06 25.58 -16.92
N ALA C 228 38.23 25.99 -16.42
CA ALA C 228 38.85 25.35 -15.27
C ALA C 228 38.22 25.88 -14.00
N GLY C 229 37.51 27.00 -14.11
CA GLY C 229 36.82 27.55 -12.97
C GLY C 229 35.55 26.78 -12.74
N ARG C 230 34.91 27.09 -11.62
CA ARG C 230 33.65 26.51 -11.20
C ARG C 230 32.86 27.60 -10.49
N MET C 231 31.53 27.50 -10.57
CA MET C 231 30.64 28.44 -9.89
C MET C 231 29.58 27.60 -9.17
N ASN C 232 29.34 27.86 -7.88
CA ASN C 232 28.22 27.18 -7.23
C ASN C 232 27.00 28.07 -7.14
N TYR C 233 25.82 27.50 -7.37
CA TYR C 233 24.61 28.30 -7.31
C TYR C 233 23.84 28.03 -6.01
N TYR C 234 23.41 29.10 -5.35
CA TYR C 234 22.74 29.00 -4.06
C TYR C 234 21.42 29.77 -4.04
N TRP C 235 20.48 29.35 -3.20
CA TRP C 235 19.24 30.09 -3.09
C TRP C 235 18.74 30.10 -1.66
N THR C 236 17.82 31.02 -1.37
CA THR C 236 17.08 31.02 -0.11
C THR C 236 15.74 31.72 -0.27
N LEU C 237 14.75 31.31 0.51
CA LEU C 237 13.45 31.95 0.49
C LEU C 237 13.41 32.95 1.61
N LEU C 238 13.38 34.22 1.24
CA LEU C 238 13.36 35.28 2.24
C LEU C 238 11.91 35.53 2.66
N GLU C 239 11.66 35.37 3.97
CA GLU C 239 10.32 35.59 4.54
C GLU C 239 10.01 37.08 4.55
N PRO C 240 8.71 37.44 4.46
CA PRO C 240 8.30 38.85 4.52
C PRO C 240 8.85 39.52 5.77
N GLY C 241 9.35 40.75 5.62
CA GLY C 241 9.86 41.49 6.76
C GLY C 241 11.29 41.14 7.14
N ASP C 242 11.76 39.98 6.68
CA ASP C 242 13.12 39.56 6.97
C ASP C 242 14.12 40.34 6.11
N THR C 243 15.35 40.40 6.59
CA THR C 243 16.44 41.06 5.90
C THR C 243 17.52 40.05 5.57
N ILE C 244 18.00 40.07 4.32
CA ILE C 244 19.16 39.29 3.96
C ILE C 244 20.38 40.20 3.78
N THR C 245 21.51 39.81 4.37
CA THR C 245 22.71 40.61 4.28
C THR C 245 23.80 39.84 3.57
N PHE C 246 24.40 40.48 2.57
CA PHE C 246 25.54 39.95 1.83
C PHE C 246 26.83 40.64 2.26
N GLU C 247 27.82 39.86 2.66
CA GLU C 247 29.11 40.40 3.04
C GLU C 247 30.18 39.58 2.33
N ALA C 248 30.94 40.21 1.44
CA ALA C 248 31.97 39.50 0.66
C ALA C 248 33.33 40.20 0.49
N THR C 249 34.40 39.44 0.71
CA THR C 249 35.77 39.86 0.41
C THR C 249 36.30 39.34 -0.95
N GLY C 250 35.41 38.70 -1.72
CA GLY C 250 35.69 38.25 -3.09
C GLY C 250 34.73 37.17 -3.55
N ASN C 251 34.79 36.78 -4.82
CA ASN C 251 34.09 35.57 -5.31
C ASN C 251 32.55 35.56 -5.34
N LEU C 252 31.92 36.63 -4.86
CA LEU C 252 30.47 36.73 -4.90
C LEU C 252 29.98 37.06 -6.32
N ILE C 253 29.06 36.23 -6.82
CA ILE C 253 28.29 36.49 -8.03
C ILE C 253 26.98 36.97 -7.44
N ALA C 254 26.68 38.26 -7.57
CA ALA C 254 25.61 38.88 -6.77
C ALA C 254 24.23 38.69 -7.37
N PRO C 255 23.21 38.62 -6.51
CA PRO C 255 21.85 38.67 -7.05
C PRO C 255 21.65 39.99 -7.79
N TRP C 256 20.95 39.95 -8.92
CA TRP C 256 20.60 41.14 -9.66
C TRP C 256 19.07 41.20 -9.61
N TYR C 257 18.46 40.19 -10.23
CA TYR C 257 17.02 39.97 -10.15
C TYR C 257 16.61 38.83 -9.20
N ALA C 258 15.55 39.08 -8.45
CA ALA C 258 14.96 38.05 -7.61
C ALA C 258 13.47 37.93 -7.90
N PHE C 259 12.80 37.08 -7.12
CA PHE C 259 11.41 36.75 -7.40
C PHE C 259 10.62 36.71 -6.12
N ALA C 260 9.54 37.48 -6.11
CA ALA C 260 8.55 37.47 -5.05
C ALA C 260 7.47 36.50 -5.52
N LEU C 261 7.07 35.56 -4.66
CA LEU C 261 6.29 34.41 -5.13
C LEU C 261 4.88 34.30 -4.58
N ASN C 262 4.02 33.66 -5.36
CA ASN C 262 2.69 33.30 -4.92
C ASN C 262 2.44 31.81 -4.99
N ARG C 263 2.17 31.23 -3.83
CA ARG C 263 1.86 29.83 -3.72
C ARG C 263 0.46 29.56 -4.23
N GLY C 264 0.27 28.38 -4.79
CA GLY C 264 -1.05 27.77 -4.85
C GLY C 264 -0.94 26.28 -5.13
N SER C 265 -1.91 25.52 -4.66
CA SER C 265 -1.83 24.07 -4.73
C SER C 265 -2.07 23.53 -6.14
N GLY C 266 -1.64 22.29 -6.35
CA GLY C 266 -2.04 21.53 -7.53
C GLY C 266 -1.22 21.72 -8.78
N SER C 267 0.00 22.20 -8.65
CA SER C 267 0.83 22.35 -9.83
C SER C 267 2.04 21.43 -9.77
N GLY C 268 2.84 21.42 -10.82
CA GLY C 268 4.04 20.64 -10.77
C GLY C 268 4.94 20.92 -11.95
N ILE C 269 5.93 20.05 -12.12
CA ILE C 269 6.81 20.09 -13.25
C ILE C 269 6.71 18.74 -13.92
N ILE C 270 6.42 18.73 -15.21
CA ILE C 270 6.41 17.47 -15.95
C ILE C 270 7.40 17.50 -17.10
N THR C 271 7.75 16.32 -17.58
CA THR C 271 8.64 16.22 -18.72
C THR C 271 7.84 15.68 -19.90
N SER C 272 7.74 16.45 -20.98
CA SER C 272 6.98 16.03 -22.16
C SER C 272 7.49 16.60 -23.46
N ASP C 273 7.44 15.79 -24.52
CA ASP C 273 7.74 16.34 -25.83
C ASP C 273 6.46 16.74 -26.59
N ALA C 274 5.30 16.52 -25.98
CA ALA C 274 4.03 16.94 -26.55
C ALA C 274 3.94 18.47 -26.67
N PRO C 275 3.34 18.96 -27.78
CA PRO C 275 3.14 20.40 -28.07
C PRO C 275 1.99 21.02 -27.28
N VAL C 276 2.17 22.29 -26.89
CA VAL C 276 1.17 23.07 -26.16
C VAL C 276 0.03 23.50 -27.07
N HIS C 277 -1.20 23.40 -26.57
CA HIS C 277 -2.37 23.85 -27.33
C HIS C 277 -3.21 24.86 -26.55
N ASP C 278 -4.30 25.34 -27.17
CA ASP C 278 -5.21 26.31 -26.54
C ASP C 278 -6.41 25.64 -25.87
N CYS C 279 -6.43 24.30 -25.88
CA CYS C 279 -7.45 23.51 -25.18
C CYS C 279 -7.37 23.74 -23.66
N ASN C 280 -8.45 23.46 -22.93
CA ASN C 280 -8.45 23.49 -21.47
C ASN C 280 -8.79 22.09 -20.99
N THR C 281 -8.38 21.73 -19.77
CA THR C 281 -8.69 20.40 -19.22
C THR C 281 -8.64 20.35 -17.69
N LYS C 282 -9.23 19.31 -17.11
CA LYS C 282 -9.11 19.06 -15.68
C LYS C 282 -7.98 18.10 -15.32
N CYS C 283 -7.38 17.46 -16.35
CA CYS C 283 -6.36 16.44 -16.12
C CYS C 283 -5.23 16.47 -17.19
N GLN C 284 -3.98 16.49 -16.76
CA GLN C 284 -2.88 16.50 -17.71
C GLN C 284 -1.87 15.40 -17.42
N THR C 285 -1.38 14.73 -18.47
CA THR C 285 -0.27 13.77 -18.38
C THR C 285 0.79 14.21 -19.38
N PRO C 286 2.02 13.75 -19.20
CA PRO C 286 3.09 13.96 -20.18
C PRO C 286 2.66 13.58 -21.59
N HIS C 287 1.93 12.48 -21.71
CA HIS C 287 1.42 12.01 -23.00
C HIS C 287 0.36 12.92 -23.62
N GLY C 288 -0.54 13.46 -22.79
CA GLY C 288 -1.56 14.39 -23.26
C GLY C 288 -2.69 14.55 -22.24
N ALA C 289 -3.64 15.44 -22.51
CA ALA C 289 -4.74 15.70 -21.55
C ALA C 289 -5.83 14.61 -21.57
N ILE C 290 -6.57 14.49 -20.47
CA ILE C 290 -7.63 13.49 -20.35
C ILE C 290 -8.99 14.08 -20.02
N ASN C 291 -10.00 13.76 -20.81
CA ASN C 291 -11.37 14.04 -20.41
C ASN C 291 -12.07 12.72 -20.12
N SER C 292 -12.34 12.47 -18.83
CA SER C 292 -12.97 11.22 -18.45
C SER C 292 -13.76 11.32 -17.16
N SER C 293 -14.85 10.57 -17.08
CA SER C 293 -15.50 10.30 -15.81
C SER C 293 -15.04 8.93 -15.29
N LEU C 294 -14.23 8.24 -16.09
CA LEU C 294 -13.73 6.91 -15.75
C LEU C 294 -12.81 6.93 -14.52
N PRO C 295 -12.94 5.93 -13.64
CA PRO C 295 -12.16 5.83 -12.40
C PRO C 295 -10.69 5.50 -12.63
N PHE C 296 -10.34 4.94 -13.78
CA PHE C 296 -8.96 4.51 -14.00
C PHE C 296 -8.38 4.97 -15.32
N GLN C 297 -7.06 4.98 -15.39
CA GLN C 297 -6.36 5.23 -16.64
C GLN C 297 -5.02 4.49 -16.67
N ASN C 298 -4.68 3.96 -17.83
CA ASN C 298 -3.40 3.31 -18.07
C ASN C 298 -2.38 4.21 -18.79
N ILE C 299 -2.75 5.45 -19.01
CA ILE C 299 -1.94 6.38 -19.80
C ILE C 299 -0.58 6.78 -19.21
N HIS C 300 -0.54 7.09 -17.90
CA HIS C 300 0.68 7.59 -17.26
C HIS C 300 0.49 7.85 -15.76
N PRO C 301 1.47 7.46 -14.94
CA PRO C 301 1.38 7.67 -13.49
C PRO C 301 1.54 9.12 -13.07
N VAL C 302 2.07 9.97 -13.97
CA VAL C 302 2.18 11.40 -13.68
C VAL C 302 0.93 12.16 -14.13
N THR C 303 0.22 12.73 -13.16
CA THR C 303 -1.02 13.46 -13.47
C THR C 303 -1.05 14.77 -12.70
N ILE C 304 -1.61 15.80 -13.34
CA ILE C 304 -1.87 17.09 -12.67
C ILE C 304 -3.37 17.46 -12.82
N GLY C 305 -4.00 17.85 -11.71
CA GLY C 305 -5.43 18.11 -11.69
C GLY C 305 -6.21 16.99 -11.05
N GLU C 306 -7.53 17.04 -11.16
CA GLU C 306 -8.37 15.95 -10.70
C GLU C 306 -8.33 14.86 -11.77
N CYS C 307 -7.86 13.67 -11.40
CA CYS C 307 -7.62 12.63 -12.39
C CYS C 307 -8.04 11.26 -11.91
N PRO C 308 -8.27 10.33 -12.86
CA PRO C 308 -8.45 8.91 -12.53
C PRO C 308 -7.17 8.30 -11.96
N LYS C 309 -7.31 7.23 -11.19
CA LYS C 309 -6.16 6.51 -10.64
C LYS C 309 -5.43 5.69 -11.73
N TYR C 310 -4.13 5.92 -11.84
CA TYR C 310 -3.27 5.14 -12.73
C TYR C 310 -3.14 3.69 -12.28
N VAL C 311 -3.33 2.77 -13.23
CA VAL C 311 -3.06 1.34 -13.04
C VAL C 311 -2.45 0.78 -14.33
N ARG C 312 -1.80 -0.38 -14.23
CA ARG C 312 -1.09 -0.99 -15.37
C ARG C 312 -1.99 -1.65 -16.42
N SER C 313 -3.24 -1.92 -16.05
CA SER C 313 -4.17 -2.70 -16.88
C SER C 313 -4.40 -2.19 -18.33
N THR C 314 -4.46 -3.15 -19.25
CA THR C 314 -4.98 -2.96 -20.61
C THR C 314 -6.51 -3.02 -20.68
N LYS C 315 -7.11 -3.84 -19.82
CA LYS C 315 -8.54 -4.08 -19.87
C LYS C 315 -9.20 -4.05 -18.50
N LEU C 316 -10.13 -3.12 -18.31
CA LEU C 316 -11.04 -3.21 -17.17
C LEU C 316 -12.45 -2.95 -17.67
N ARG C 317 -13.30 -3.99 -17.62
CA ARG C 317 -14.68 -3.83 -18.05
C ARG C 317 -15.59 -4.51 -17.07
N MET C 318 -16.47 -3.72 -16.47
CA MET C 318 -17.44 -4.26 -15.54
C MET C 318 -18.65 -4.74 -16.32
N ALA C 319 -19.15 -5.92 -15.97
CA ALA C 319 -20.38 -6.42 -16.58
C ALA C 319 -21.60 -5.71 -15.98
N THR C 320 -22.49 -5.22 -16.83
CA THR C 320 -23.79 -4.73 -16.36
C THR C 320 -24.86 -5.69 -16.82
N GLY C 321 -24.98 -5.81 -18.14
CA GLY C 321 -26.07 -6.56 -18.74
C GLY C 321 -25.94 -8.06 -18.68
N LEU C 322 -26.72 -8.74 -19.52
CA LEU C 322 -26.84 -10.17 -19.43
C LEU C 322 -25.72 -10.83 -20.20
N ARG C 323 -25.71 -12.15 -20.13
CA ARG C 323 -24.99 -12.94 -21.09
C ARG C 323 -25.79 -12.88 -22.40
N ASN C 324 -25.11 -12.91 -23.54
CA ASN C 324 -25.79 -12.74 -24.83
C ASN C 324 -25.78 -14.07 -25.58
N ILE C 325 -26.94 -14.71 -25.70
CA ILE C 325 -27.07 -15.95 -26.46
C ILE C 325 -28.20 -15.86 -27.47
N PRO C 326 -27.92 -15.32 -28.67
CA PRO C 326 -28.93 -15.27 -29.73
C PRO C 326 -28.82 -16.49 -30.65
N GLY D 1 -23.73 -22.03 -15.03
CA GLY D 1 -24.85 -21.18 -14.68
C GLY D 1 -25.33 -21.56 -13.29
N LEU D 2 -25.18 -20.64 -12.34
CA LEU D 2 -25.28 -21.01 -10.92
C LEU D 2 -26.70 -21.17 -10.34
N PHE D 3 -27.66 -20.34 -10.76
CA PHE D 3 -29.06 -20.55 -10.38
C PHE D 3 -29.86 -21.41 -11.39
N GLY D 4 -29.19 -21.90 -12.43
CA GLY D 4 -29.79 -22.83 -13.38
C GLY D 4 -30.59 -22.20 -14.51
N ALA D 5 -30.52 -20.89 -14.65
CA ALA D 5 -31.39 -20.17 -15.58
C ALA D 5 -30.78 -19.91 -16.97
N ILE D 6 -29.70 -19.13 -17.00
CA ILE D 6 -29.15 -18.63 -18.25
C ILE D 6 -28.02 -19.51 -18.75
N ALA D 7 -28.17 -19.97 -20.00
CA ALA D 7 -27.52 -21.19 -20.49
C ALA D 7 -27.94 -22.38 -19.61
N GLY D 8 -29.13 -22.23 -19.03
CA GLY D 8 -29.77 -23.24 -18.19
C GLY D 8 -30.81 -23.98 -18.99
N PHE D 9 -31.89 -24.38 -18.32
CA PHE D 9 -32.99 -25.07 -18.98
C PHE D 9 -33.58 -24.23 -20.14
N ILE D 10 -33.54 -22.92 -19.98
CA ILE D 10 -33.73 -22.05 -21.14
C ILE D 10 -32.33 -21.77 -21.64
N GLU D 11 -32.02 -22.31 -22.82
CA GLU D 11 -30.64 -22.42 -23.30
C GLU D 11 -30.20 -21.18 -24.10
N GLY D 12 -31.13 -20.26 -24.35
CA GLY D 12 -30.81 -19.09 -25.14
C GLY D 12 -31.57 -17.83 -24.77
N GLY D 13 -31.15 -16.72 -25.38
CA GLY D 13 -31.82 -15.44 -25.22
C GLY D 13 -32.68 -15.03 -26.40
N TRP D 14 -33.43 -13.96 -26.21
CA TRP D 14 -34.33 -13.49 -27.24
C TRP D 14 -33.85 -12.19 -27.85
N THR D 15 -33.43 -12.25 -29.11
CA THR D 15 -33.12 -11.05 -29.86
C THR D 15 -34.42 -10.30 -30.14
N GLY D 16 -35.51 -11.06 -30.20
CA GLY D 16 -36.82 -10.52 -30.52
C GLY D 16 -37.44 -9.67 -29.42
N MET D 17 -36.88 -9.73 -28.22
CA MET D 17 -37.43 -8.92 -27.12
C MET D 17 -36.57 -7.68 -26.90
N ILE D 18 -37.12 -6.54 -27.31
CA ILE D 18 -36.43 -5.25 -27.24
C ILE D 18 -36.41 -4.65 -25.84
N ASP D 19 -37.58 -4.58 -25.24
CA ASP D 19 -37.87 -3.55 -24.24
C ASP D 19 -37.43 -3.83 -22.79
N GLY D 20 -36.78 -4.95 -22.55
CA GLY D 20 -36.29 -5.25 -21.23
C GLY D 20 -35.27 -6.38 -21.16
N TRP D 21 -34.67 -6.55 -19.98
CA TRP D 21 -33.68 -7.61 -19.78
C TRP D 21 -34.31 -9.00 -19.72
N TYR D 22 -35.33 -9.15 -18.88
CA TYR D 22 -36.07 -10.42 -18.80
C TYR D 22 -37.57 -10.22 -18.92
N GLY D 23 -38.22 -11.05 -19.75
CA GLY D 23 -39.62 -10.85 -20.07
C GLY D 23 -40.33 -12.06 -20.64
N TYR D 24 -41.53 -11.84 -21.17
CA TYR D 24 -42.41 -12.92 -21.63
C TYR D 24 -42.60 -12.97 -23.15
N HIS D 25 -42.68 -14.18 -23.70
CA HIS D 25 -43.26 -14.36 -25.03
C HIS D 25 -44.70 -14.80 -24.85
N HIS D 26 -45.37 -15.14 -25.96
CA HIS D 26 -46.57 -15.97 -25.94
C HIS D 26 -47.09 -16.20 -27.33
N GLN D 27 -47.89 -17.24 -27.49
CA GLN D 27 -48.76 -17.35 -28.64
C GLN D 27 -50.13 -17.83 -28.20
N ASN D 28 -51.13 -17.00 -28.46
CA ASN D 28 -52.51 -17.47 -28.52
C ASN D 28 -53.01 -17.17 -29.93
N GLU D 29 -54.26 -17.51 -30.24
CA GLU D 29 -54.71 -17.50 -31.62
C GLU D 29 -54.79 -16.11 -32.25
N GLN D 30 -54.93 -15.09 -31.40
CA GLN D 30 -54.94 -13.71 -31.90
C GLN D 30 -53.55 -13.19 -32.22
N GLY D 31 -52.52 -13.91 -31.78
CA GLY D 31 -51.17 -13.61 -32.21
C GLY D 31 -50.01 -13.94 -31.27
N SER D 32 -48.81 -13.56 -31.71
CA SER D 32 -47.58 -13.69 -30.95
C SER D 32 -47.13 -12.31 -30.46
N GLY D 33 -46.49 -12.27 -29.30
CA GLY D 33 -45.83 -11.05 -28.87
C GLY D 33 -44.75 -11.27 -27.82
N TYR D 34 -43.80 -10.36 -27.77
CA TYR D 34 -42.83 -10.30 -26.69
C TYR D 34 -43.17 -9.09 -25.83
N ALA D 35 -43.10 -9.26 -24.51
CA ALA D 35 -43.28 -8.15 -23.58
C ALA D 35 -42.49 -8.44 -22.31
N ALA D 36 -42.05 -7.40 -21.61
CA ALA D 36 -41.01 -7.55 -20.61
C ALA D 36 -41.47 -7.14 -19.22
N ASP D 37 -40.73 -7.56 -18.20
CA ASP D 37 -41.09 -7.24 -16.82
C ASP D 37 -40.47 -5.91 -16.39
N GLN D 38 -41.32 -4.93 -16.07
CA GLN D 38 -40.87 -3.58 -15.73
C GLN D 38 -40.61 -3.42 -14.23
N LYS D 39 -40.73 -4.51 -13.49
CA LYS D 39 -40.35 -4.49 -12.07
C LYS D 39 -38.98 -5.13 -11.86
N SER D 40 -38.87 -6.42 -12.19
CA SER D 40 -37.62 -7.16 -12.01
C SER D 40 -36.40 -6.57 -12.75
N THR D 41 -36.64 -6.00 -13.94
CA THR D 41 -35.55 -5.34 -14.67
C THR D 41 -35.14 -4.05 -13.95
N GLN D 42 -36.14 -3.34 -13.43
CA GLN D 42 -35.88 -2.12 -12.68
C GLN D 42 -35.23 -2.36 -11.30
N ASN D 43 -35.34 -3.57 -10.77
CA ASN D 43 -34.65 -3.90 -9.51
C ASN D 43 -33.17 -4.18 -9.75
N ALA D 44 -32.86 -4.79 -10.90
CA ALA D 44 -31.48 -5.04 -11.32
C ALA D 44 -30.73 -3.76 -11.67
N ILE D 45 -31.28 -2.96 -12.58
CA ILE D 45 -30.67 -1.67 -12.95
C ILE D 45 -30.48 -0.75 -11.72
N ASP D 46 -31.44 -0.76 -10.78
CA ASP D 46 -31.26 -0.06 -9.50
C ASP D 46 -30.09 -0.62 -8.70
N GLY D 47 -30.03 -1.94 -8.55
CA GLY D 47 -28.96 -2.58 -7.81
C GLY D 47 -27.57 -2.53 -8.43
N ILE D 48 -27.47 -2.95 -9.68
CA ILE D 48 -26.20 -2.98 -10.43
C ILE D 48 -25.58 -1.60 -10.58
N THR D 49 -26.33 -0.63 -11.11
CA THR D 49 -25.78 0.70 -11.29
C THR D 49 -25.56 1.39 -9.94
N ASN D 50 -26.08 0.82 -8.87
CA ASN D 50 -25.61 1.21 -7.55
C ASN D 50 -24.29 0.51 -7.25
N LYS D 51 -24.20 -0.76 -7.61
CA LYS D 51 -23.01 -1.58 -7.34
C LYS D 51 -21.79 -0.99 -8.04
N VAL D 52 -21.97 -0.50 -9.26
CA VAL D 52 -20.88 0.15 -9.96
C VAL D 52 -20.56 1.43 -9.22
N ASN D 53 -21.61 2.15 -8.86
CA ASN D 53 -21.46 3.40 -8.13
C ASN D 53 -20.82 3.22 -6.73
N SER D 54 -21.08 2.11 -6.06
CA SER D 54 -20.45 1.88 -4.76
C SER D 54 -18.95 1.71 -4.93
N VAL D 55 -18.57 0.96 -5.98
CA VAL D 55 -17.18 0.68 -6.29
C VAL D 55 -16.37 1.95 -6.59
N ILE D 56 -16.87 2.78 -7.50
CA ILE D 56 -16.20 4.04 -7.84
C ILE D 56 -16.13 5.03 -6.67
N GLU D 57 -17.20 5.09 -5.88
CA GLU D 57 -17.30 6.01 -4.75
C GLU D 57 -16.30 5.66 -3.65
N LYS D 58 -16.03 4.38 -3.48
CA LYS D 58 -15.07 3.94 -2.47
C LYS D 58 -13.67 4.40 -2.84
N MET D 59 -13.38 4.35 -4.13
CA MET D 59 -12.18 4.95 -4.68
C MET D 59 -12.32 6.44 -4.58
N ASN D 60 -11.20 7.14 -4.46
CA ASN D 60 -11.19 8.57 -4.76
CA ASN D 60 -11.21 8.56 -4.77
C ASN D 60 -10.89 8.71 -6.24
N THR D 61 -10.77 9.95 -6.70
CA THR D 61 -10.17 10.18 -8.01
C THR D 61 -8.99 11.08 -7.66
N GLN D 62 -7.80 10.72 -8.12
CA GLN D 62 -6.57 11.25 -7.55
C GLN D 62 -6.15 12.64 -8.04
N PHE D 63 -5.90 13.54 -7.09
CA PHE D 63 -5.34 14.86 -7.38
C PHE D 63 -3.85 14.77 -7.71
N THR D 64 -3.22 15.93 -7.92
CA THR D 64 -1.90 16.01 -8.57
C THR D 64 -0.80 15.14 -7.94
N ALA D 65 -0.18 14.31 -8.78
CA ALA D 65 0.88 13.39 -8.36
C ALA D 65 2.08 13.59 -9.26
N VAL D 66 3.17 14.12 -8.70
CA VAL D 66 4.39 14.37 -9.47
C VAL D 66 5.63 13.73 -8.83
N GLY D 67 6.37 12.99 -9.66
CA GLY D 67 7.57 12.30 -9.21
C GLY D 67 8.63 13.29 -8.81
N LYS D 68 9.57 12.85 -8.00
CA LYS D 68 10.49 13.81 -7.41
C LYS D 68 11.85 13.58 -8.07
N GLU D 69 12.82 14.40 -7.71
CA GLU D 69 14.13 14.29 -8.29
C GLU D 69 15.17 14.18 -7.20
N PHE D 70 16.24 13.47 -7.53
CA PHE D 70 17.29 13.17 -6.58
C PHE D 70 18.61 13.37 -7.28
N ASN D 71 19.60 13.87 -6.58
CA ASN D 71 20.89 13.96 -7.21
C ASN D 71 21.66 12.62 -7.17
N ASN D 72 22.90 12.64 -7.61
CA ASN D 72 23.63 11.39 -7.80
C ASN D 72 24.21 10.82 -6.50
N LEU D 73 24.16 11.60 -5.43
CA LEU D 73 24.47 11.11 -4.08
C LEU D 73 23.23 10.72 -3.30
N GLU D 74 22.10 10.82 -3.95
CA GLU D 74 20.80 10.55 -3.37
C GLU D 74 20.22 9.16 -3.70
N ARG D 75 21.03 8.29 -4.30
CA ARG D 75 20.50 7.02 -4.83
C ARG D 75 19.65 6.15 -3.89
N ARG D 76 19.93 6.12 -2.58
CA ARG D 76 19.10 5.32 -1.66
C ARG D 76 17.65 5.83 -1.53
N ILE D 77 17.46 7.12 -1.21
CA ILE D 77 16.09 7.67 -1.14
C ILE D 77 15.38 7.64 -2.50
N GLU D 78 16.14 7.80 -3.59
CA GLU D 78 15.52 7.62 -4.90
C GLU D 78 14.94 6.24 -5.06
N ASN D 79 15.62 5.24 -4.52
CA ASN D 79 15.09 3.89 -4.60
C ASN D 79 13.95 3.65 -3.61
N LEU D 80 14.02 4.22 -2.40
CA LEU D 80 12.89 4.21 -1.46
C LEU D 80 11.64 4.78 -2.12
N ASN D 81 11.85 5.81 -2.93
CA ASN D 81 10.73 6.45 -3.57
C ASN D 81 10.17 5.57 -4.67
N LYS D 82 11.05 4.85 -5.35
CA LYS D 82 10.61 3.98 -6.45
C LYS D 82 9.84 2.82 -5.85
N LYS D 83 10.35 2.31 -4.73
CA LYS D 83 9.71 1.24 -4.00
C LYS D 83 8.27 1.61 -3.68
N VAL D 84 8.09 2.81 -3.15
CA VAL D 84 6.76 3.28 -2.77
C VAL D 84 5.84 3.42 -3.97
N ASP D 85 6.30 4.07 -5.05
CA ASP D 85 5.46 4.24 -6.23
C ASP D 85 5.07 2.89 -6.85
N ASP D 86 6.07 2.01 -7.01
CA ASP D 86 5.84 0.69 -7.59
C ASP D 86 4.93 -0.16 -6.72
N GLY D 87 5.10 -0.06 -5.39
CA GLY D 87 4.30 -0.83 -4.47
C GLY D 87 2.82 -0.45 -4.53
N PHE D 88 2.53 0.82 -4.31
CA PHE D 88 1.15 1.28 -4.41
C PHE D 88 0.54 0.89 -5.76
N LEU D 89 1.33 1.03 -6.82
CA LEU D 89 0.87 0.70 -8.18
C LEU D 89 0.59 -0.79 -8.30
N ASP D 90 1.27 -1.59 -7.48
CA ASP D 90 0.99 -3.02 -7.47
C ASP D 90 -0.30 -3.33 -6.75
N ILE D 91 -0.49 -2.80 -5.54
CA ILE D 91 -1.75 -3.08 -4.84
C ILE D 91 -3.00 -2.54 -5.57
N TRP D 92 -2.92 -1.35 -6.16
CA TRP D 92 -4.11 -0.76 -6.77
C TRP D 92 -4.50 -1.47 -8.07
N THR D 93 -3.51 -1.93 -8.80
CA THR D 93 -3.76 -2.62 -10.05
C THR D 93 -4.41 -3.96 -9.73
N TYR D 94 -3.88 -4.63 -8.71
CA TYR D 94 -4.45 -5.90 -8.23
C TYR D 94 -5.89 -5.72 -7.72
N ASN D 95 -6.07 -4.85 -6.72
CA ASN D 95 -7.40 -4.65 -6.11
C ASN D 95 -8.46 -4.32 -7.14
N ALA D 96 -8.10 -3.50 -8.13
CA ALA D 96 -9.01 -3.20 -9.22
C ALA D 96 -9.29 -4.45 -10.05
N GLU D 97 -8.24 -5.10 -10.55
CA GLU D 97 -8.43 -6.22 -11.45
C GLU D 97 -9.12 -7.41 -10.80
N LEU D 98 -8.90 -7.56 -9.50
CA LEU D 98 -9.51 -8.65 -8.75
C LEU D 98 -10.99 -8.39 -8.59
N LEU D 99 -11.33 -7.16 -8.26
CA LEU D 99 -12.72 -6.77 -7.98
C LEU D 99 -13.60 -6.95 -9.21
N VAL D 100 -13.19 -6.33 -10.31
CA VAL D 100 -13.90 -6.43 -11.58
C VAL D 100 -14.09 -7.90 -12.02
N LEU D 101 -13.16 -8.77 -11.62
CA LEU D 101 -13.28 -10.20 -11.91
C LEU D 101 -14.34 -10.87 -11.06
N LEU D 102 -14.23 -10.69 -9.76
CA LEU D 102 -15.13 -11.30 -8.81
C LEU D 102 -16.54 -10.75 -8.98
N GLU D 103 -16.64 -9.44 -9.04
CA GLU D 103 -17.93 -8.77 -9.09
C GLU D 103 -18.58 -8.89 -10.46
N ASN D 104 -17.82 -9.32 -11.46
CA ASN D 104 -18.44 -9.69 -12.71
C ASN D 104 -19.05 -11.08 -12.60
N GLU D 105 -18.57 -11.89 -11.67
CA GLU D 105 -19.20 -13.18 -11.40
C GLU D 105 -20.50 -12.93 -10.65
N ARG D 106 -20.41 -12.15 -9.59
CA ARG D 106 -21.56 -11.90 -8.72
C ARG D 106 -22.64 -11.03 -9.42
N THR D 107 -22.27 -10.36 -10.50
CA THR D 107 -23.26 -9.67 -11.33
C THR D 107 -24.00 -10.69 -12.20
N LEU D 108 -23.24 -11.54 -12.88
CA LEU D 108 -23.80 -12.49 -13.83
C LEU D 108 -24.67 -13.53 -13.15
N ASP D 109 -24.39 -13.79 -11.87
CA ASP D 109 -25.24 -14.68 -11.06
C ASP D 109 -26.52 -13.99 -10.55
N PHE D 110 -26.41 -12.70 -10.23
CA PHE D 110 -27.56 -11.90 -9.81
C PHE D 110 -28.55 -11.75 -10.96
N HIS D 111 -28.05 -11.78 -12.18
CA HIS D 111 -28.92 -11.87 -13.35
C HIS D 111 -29.65 -13.21 -13.33
N ASP D 112 -28.91 -14.29 -13.10
CA ASP D 112 -29.45 -15.65 -13.07
C ASP D 112 -30.49 -15.81 -11.97
N SER D 113 -30.27 -15.16 -10.83
CA SER D 113 -31.23 -15.19 -9.73
C SER D 113 -32.57 -14.54 -10.10
N ASN D 114 -32.52 -13.49 -10.92
CA ASN D 114 -33.73 -12.78 -11.31
C ASN D 114 -34.60 -13.58 -12.28
N VAL D 115 -33.98 -14.23 -13.27
CA VAL D 115 -34.69 -15.13 -14.19
C VAL D 115 -35.03 -16.44 -13.49
N ARG D 116 -34.50 -16.62 -12.29
CA ARG D 116 -34.83 -17.79 -11.49
C ARG D 116 -36.20 -17.61 -10.87
N ASN D 117 -36.29 -16.66 -9.94
CA ASN D 117 -37.51 -16.49 -9.16
C ASN D 117 -38.71 -16.14 -10.03
N LEU D 118 -38.44 -15.59 -11.21
CA LEU D 118 -39.48 -15.31 -12.20
C LEU D 118 -40.29 -16.58 -12.51
N TYR D 119 -39.59 -17.70 -12.72
CA TYR D 119 -40.23 -19.01 -12.74
C TYR D 119 -41.01 -19.21 -11.44
N GLU D 120 -40.28 -19.23 -10.33
CA GLU D 120 -40.83 -19.58 -9.01
C GLU D 120 -41.92 -18.62 -8.51
N LYS D 121 -42.13 -17.53 -9.25
CA LYS D 121 -43.30 -16.69 -9.13
C LYS D 121 -44.40 -17.27 -10.01
N VAL D 122 -44.15 -17.28 -11.33
CA VAL D 122 -45.06 -17.87 -12.33
C VAL D 122 -45.50 -19.30 -11.98
N LYS D 123 -44.56 -20.22 -11.90
CA LYS D 123 -44.89 -21.60 -11.50
C LYS D 123 -45.71 -21.69 -10.23
N SER D 124 -45.40 -20.85 -9.23
CA SER D 124 -46.16 -20.83 -7.99
C SER D 124 -47.60 -20.34 -8.23
N GLN D 125 -47.78 -19.56 -9.29
CA GLN D 125 -49.09 -19.08 -9.72
C GLN D 125 -49.86 -20.10 -10.57
N LEU D 126 -49.35 -20.38 -11.76
CA LEU D 126 -50.00 -21.32 -12.68
C LEU D 126 -50.33 -22.66 -12.00
N LYS D 127 -49.43 -23.10 -11.11
CA LYS D 127 -49.63 -24.31 -10.32
C LYS D 127 -50.00 -25.50 -11.19
N ASN D 128 -51.17 -26.06 -10.91
CA ASN D 128 -51.66 -27.18 -11.70
C ASN D 128 -52.25 -26.76 -13.07
N ASN D 129 -52.62 -25.48 -13.24
CA ASN D 129 -53.29 -25.07 -14.49
C ASN D 129 -52.52 -25.18 -15.82
N ALA D 130 -51.23 -25.50 -15.75
CA ALA D 130 -50.49 -25.83 -16.95
C ALA D 130 -49.38 -26.74 -16.49
N LYS D 131 -48.79 -27.49 -17.40
CA LYS D 131 -47.67 -28.35 -17.04
C LYS D 131 -46.41 -27.74 -17.62
N GLU D 132 -45.30 -27.84 -16.90
CA GLU D 132 -44.02 -27.31 -17.35
C GLU D 132 -43.39 -28.25 -18.38
N ILE D 133 -43.11 -27.72 -19.56
CA ILE D 133 -42.40 -28.47 -20.59
C ILE D 133 -40.92 -28.53 -20.22
N GLY D 134 -40.49 -27.53 -19.44
CA GLY D 134 -39.12 -27.46 -18.94
C GLY D 134 -38.31 -26.40 -19.65
N ASN D 135 -38.87 -25.89 -20.75
CA ASN D 135 -38.16 -25.01 -21.66
C ASN D 135 -38.17 -23.54 -21.24
N GLY D 136 -38.95 -23.26 -20.19
CA GLY D 136 -39.24 -21.89 -19.78
C GLY D 136 -40.62 -21.52 -20.29
N CYS D 137 -41.06 -22.26 -21.31
CA CYS D 137 -42.41 -22.14 -21.83
C CYS D 137 -43.37 -22.95 -20.98
N PHE D 138 -44.63 -22.53 -20.95
CA PHE D 138 -45.72 -23.31 -20.38
C PHE D 138 -46.79 -23.59 -21.42
N GLU D 139 -46.94 -24.86 -21.81
CA GLU D 139 -48.08 -25.25 -22.62
C GLU D 139 -49.25 -25.14 -21.66
N PHE D 140 -50.29 -24.43 -22.07
CA PHE D 140 -51.43 -24.21 -21.21
C PHE D 140 -52.47 -25.32 -21.39
N TYR D 141 -52.84 -25.96 -20.28
CA TYR D 141 -53.85 -27.02 -20.28
C TYR D 141 -55.23 -26.50 -20.65
N HIS D 142 -55.57 -25.31 -20.18
CA HIS D 142 -56.79 -24.63 -20.60
C HIS D 142 -56.48 -23.58 -21.66
N LYS D 143 -57.51 -22.91 -22.15
CA LYS D 143 -57.33 -21.93 -23.21
C LYS D 143 -57.35 -20.53 -22.61
N CYS D 144 -56.49 -19.66 -23.11
CA CYS D 144 -56.35 -18.34 -22.51
C CYS D 144 -55.91 -17.28 -23.52
N ASP D 145 -55.83 -16.03 -23.07
CA ASP D 145 -55.80 -14.91 -23.99
C ASP D 145 -55.08 -13.67 -23.46
N ASP D 146 -55.08 -12.62 -24.28
CA ASP D 146 -54.41 -11.35 -23.97
C ASP D 146 -54.81 -10.74 -22.61
N ALA D 147 -56.05 -10.97 -22.16
CA ALA D 147 -56.46 -10.53 -20.84
C ALA D 147 -55.93 -11.51 -19.78
N CYS D 148 -55.97 -12.79 -20.13
CA CYS D 148 -55.45 -13.85 -19.26
C CYS D 148 -53.93 -13.81 -19.18
N MET D 149 -53.28 -13.51 -20.30
CA MET D 149 -51.83 -13.36 -20.39
C MET D 149 -51.32 -12.25 -19.48
N GLU D 150 -51.95 -11.07 -19.58
CA GLU D 150 -51.61 -9.90 -18.76
C GLU D 150 -51.77 -10.19 -17.27
N SER D 151 -52.73 -11.06 -16.94
CA SER D 151 -52.96 -11.49 -15.56
C SER D 151 -51.69 -12.03 -14.90
N VAL D 152 -50.99 -12.92 -15.60
CA VAL D 152 -49.76 -13.52 -15.11
C VAL D 152 -48.63 -12.50 -15.04
N ARG D 153 -48.49 -11.71 -16.11
CA ARG D 153 -47.50 -10.64 -16.20
C ARG D 153 -47.62 -9.63 -15.04
N ASN D 154 -48.85 -9.40 -14.58
CA ASN D 154 -49.05 -8.52 -13.43
C ASN D 154 -49.04 -9.30 -12.12
N GLY D 155 -49.00 -10.62 -12.23
CA GLY D 155 -48.91 -11.49 -11.07
C GLY D 155 -50.19 -11.58 -10.27
N THR D 156 -51.33 -11.33 -10.93
CA THR D 156 -52.63 -11.57 -10.30
C THR D 156 -53.39 -12.58 -11.14
N TYR D 157 -53.63 -13.76 -10.59
CA TYR D 157 -54.18 -14.84 -11.38
C TYR D 157 -55.22 -15.63 -10.61
N ASP D 158 -56.32 -15.98 -11.26
CA ASP D 158 -57.32 -16.82 -10.62
C ASP D 158 -57.16 -18.26 -11.12
N TYR D 159 -56.63 -19.11 -10.22
CA TYR D 159 -56.53 -20.55 -10.45
C TYR D 159 -57.89 -21.28 -10.42
N PRO D 160 -58.70 -21.07 -9.35
CA PRO D 160 -59.98 -21.78 -9.35
C PRO D 160 -60.92 -21.37 -10.50
N LYS D 161 -60.67 -20.22 -11.12
CA LYS D 161 -61.45 -19.82 -12.28
C LYS D 161 -61.17 -20.71 -13.49
N TYR D 162 -59.89 -20.93 -13.76
CA TYR D 162 -59.44 -21.73 -14.91
C TYR D 162 -59.12 -23.20 -14.57
N SER D 163 -59.30 -23.57 -13.29
CA SER D 163 -58.95 -24.90 -12.79
C SER D 163 -59.67 -26.04 -13.52
N GLU D 164 -61.00 -25.93 -13.58
CA GLU D 164 -61.89 -26.94 -14.16
C GLU D 164 -61.69 -27.25 -15.65
N GLU D 165 -61.37 -26.24 -16.44
CA GLU D 165 -61.31 -26.40 -17.89
C GLU D 165 -60.04 -27.13 -18.26
N SER D 166 -59.00 -26.92 -17.45
CA SER D 166 -57.78 -27.68 -17.56
C SER D 166 -58.09 -29.07 -17.06
N LYS D 167 -58.84 -29.12 -15.97
CA LYS D 167 -59.05 -30.36 -15.23
C LYS D 167 -59.74 -31.44 -16.04
N LEU D 168 -60.24 -31.09 -17.23
CA LEU D 168 -60.67 -32.09 -18.19
C LEU D 168 -59.41 -32.74 -18.78
N ASN D 169 -58.65 -31.94 -19.52
CA ASN D 169 -57.42 -32.39 -20.15
C ASN D 169 -56.31 -32.80 -19.17
N ARG D 170 -56.40 -32.30 -17.94
CA ARG D 170 -55.48 -32.73 -16.89
C ARG D 170 -55.67 -34.17 -16.47
N GLU D 171 -56.89 -34.49 -16.06
CA GLU D 171 -57.15 -35.73 -15.35
C GLU D 171 -57.05 -36.94 -16.25
N GLU D 172 -57.24 -36.73 -17.55
CA GLU D 172 -56.79 -37.73 -18.49
C GLU D 172 -55.29 -37.52 -18.49
N ILE D 173 -54.55 -38.57 -18.12
CA ILE D 173 -53.11 -38.47 -17.83
C ILE D 173 -52.72 -37.23 -17.03
N GLY E 4 -59.86 -25.96 9.65
CA GLY E 4 -58.64 -26.20 8.90
C GLY E 4 -57.38 -26.13 9.77
N ASP E 5 -56.37 -26.89 9.37
CA ASP E 5 -55.09 -26.91 10.08
C ASP E 5 -53.94 -26.63 9.10
N THR E 6 -52.93 -25.90 9.56
CA THR E 6 -51.79 -25.52 8.72
C THR E 6 -50.51 -25.19 9.52
N ILE E 7 -49.36 -25.24 8.84
CA ILE E 7 -48.09 -24.72 9.38
C ILE E 7 -47.51 -23.65 8.42
N CYS E 8 -47.01 -22.57 8.99
CA CYS E 8 -46.36 -21.54 8.20
C CYS E 8 -45.00 -21.24 8.77
N ILE E 9 -43.97 -21.15 7.93
CA ILE E 9 -42.67 -20.74 8.41
C ILE E 9 -42.40 -19.29 8.01
N GLY E 10 -41.27 -18.74 8.47
CA GLY E 10 -40.95 -17.35 8.24
C GLY E 10 -39.85 -16.89 9.17
N TYR E 11 -39.61 -15.58 9.21
CA TYR E 11 -38.44 -15.06 9.92
C TYR E 11 -38.73 -13.94 10.92
N HIS E 12 -37.67 -13.47 11.56
CA HIS E 12 -37.72 -12.45 12.60
C HIS E 12 -38.03 -11.04 12.05
N ALA E 13 -38.52 -10.17 12.93
CA ALA E 13 -38.67 -8.74 12.64
C ALA E 13 -38.61 -8.00 13.96
N ASN E 14 -38.26 -6.72 13.92
CA ASN E 14 -37.89 -6.01 15.14
C ASN E 14 -38.21 -4.53 15.09
N ASN E 15 -37.83 -3.84 16.15
CA ASN E 15 -38.01 -2.40 16.25
C ASN E 15 -36.77 -1.62 15.79
N SER E 16 -35.73 -2.32 15.37
CA SER E 16 -34.42 -1.70 15.15
C SER E 16 -34.41 -0.73 13.98
N THR E 17 -33.98 0.50 14.27
CA THR E 17 -33.88 1.57 13.27
C THR E 17 -32.46 1.61 12.69
N ASP E 18 -31.63 0.68 13.15
CA ASP E 18 -30.28 0.48 12.63
C ASP E 18 -30.35 0.15 11.15
N THR E 19 -29.59 0.88 10.36
CA THR E 19 -29.56 0.63 8.93
C THR E 19 -28.11 0.47 8.45
N VAL E 20 -27.88 -0.51 7.58
CA VAL E 20 -26.55 -0.70 6.99
C VAL E 20 -26.59 -0.53 5.47
N ASP E 21 -25.42 -0.65 4.86
CA ASP E 21 -25.33 -0.56 3.41
C ASP E 21 -24.91 -1.89 2.79
N THR E 22 -25.46 -2.20 1.63
CA THR E 22 -25.01 -3.33 0.83
C THR E 22 -24.57 -2.78 -0.51
N VAL E 23 -24.13 -3.67 -1.39
CA VAL E 23 -23.58 -3.27 -2.68
C VAL E 23 -24.67 -2.94 -3.69
N LEU E 24 -25.73 -3.73 -3.69
CA LEU E 24 -26.86 -3.51 -4.58
C LEU E 24 -27.79 -2.44 -4.04
N GLU E 25 -27.82 -2.30 -2.72
CA GLU E 25 -28.86 -1.51 -2.09
C GLU E 25 -28.34 -0.68 -0.96
N LYS E 26 -28.68 0.60 -0.99
CA LYS E 26 -28.26 1.59 0.00
C LYS E 26 -29.30 1.74 1.11
N ASN E 27 -28.82 1.96 2.33
N ASN E 27 -28.83 1.97 2.33
CA ASN E 27 -29.70 2.29 3.46
CA ASN E 27 -29.71 2.28 3.45
C ASN E 27 -30.74 1.19 3.73
C ASN E 27 -30.74 1.19 3.73
N VAL E 28 -30.28 0.03 4.19
CA VAL E 28 -31.15 -1.11 4.42
C VAL E 28 -31.28 -1.50 5.90
N THR E 29 -32.53 -1.55 6.39
CA THR E 29 -32.80 -1.71 7.82
C THR E 29 -32.63 -3.17 8.26
N VAL E 30 -32.15 -3.36 9.48
CA VAL E 30 -31.67 -4.66 9.93
C VAL E 30 -31.95 -4.90 11.42
N THR E 31 -32.18 -6.16 11.79
CA THR E 31 -32.48 -6.53 13.18
C THR E 31 -31.30 -6.29 14.11
N HIS E 32 -30.15 -6.82 13.75
CA HIS E 32 -28.97 -6.77 14.60
C HIS E 32 -27.73 -6.30 13.83
N SER E 33 -27.06 -5.28 14.35
CA SER E 33 -25.99 -4.61 13.63
C SER E 33 -24.88 -4.15 14.57
N VAL E 34 -23.66 -4.05 14.03
CA VAL E 34 -22.49 -3.69 14.84
C VAL E 34 -21.64 -2.57 14.23
N ASN E 35 -21.46 -1.48 14.98
CA ASN E 35 -20.55 -0.42 14.58
C ASN E 35 -19.14 -0.95 14.78
N LEU E 36 -18.37 -0.95 13.69
CA LEU E 36 -16.97 -1.32 13.75
C LEU E 36 -16.10 -0.09 14.01
N LEU E 37 -16.71 1.09 13.98
CA LEU E 37 -15.97 2.34 13.89
C LEU E 37 -16.09 3.25 15.12
N GLU E 38 -14.99 3.40 15.89
CA GLU E 38 -15.03 4.21 17.12
C GLU E 38 -15.08 5.71 16.82
N ASP E 39 -16.10 6.39 17.31
CA ASP E 39 -16.31 7.82 17.04
C ASP E 39 -15.84 8.75 18.15
N SER E 40 -15.39 8.20 19.27
CA SER E 40 -15.40 8.98 20.49
C SER E 40 -14.22 8.76 21.42
N HIS E 41 -13.90 9.82 22.16
CA HIS E 41 -12.78 9.79 23.10
C HIS E 41 -13.10 10.63 24.32
N ASN E 42 -12.19 10.61 25.29
CA ASN E 42 -12.39 11.31 26.56
C ASN E 42 -11.83 12.73 26.60
N GLY E 43 -11.32 13.20 25.46
CA GLY E 43 -10.76 14.55 25.37
C GLY E 43 -9.66 14.86 26.36
N LYS E 44 -8.92 13.84 26.79
CA LYS E 44 -7.84 14.07 27.75
C LYS E 44 -6.53 13.36 27.34
N LEU E 45 -5.42 13.79 27.94
CA LEU E 45 -4.17 13.05 27.74
C LEU E 45 -3.92 12.21 28.99
N CYS E 46 -4.13 10.92 28.84
CA CYS E 46 -4.11 10.03 29.99
C CYS E 46 -2.77 9.36 30.08
N LYS E 47 -2.62 8.42 31.01
CA LYS E 47 -1.32 7.78 31.16
C LYS E 47 -1.29 6.50 30.35
N LEU E 48 -0.11 5.88 30.29
CA LEU E 48 0.02 4.55 29.73
C LEU E 48 0.90 3.77 30.68
N LYS E 49 0.40 2.62 31.15
CA LYS E 49 1.08 1.84 32.19
C LYS E 49 1.41 2.71 33.41
N GLY E 50 0.43 3.53 33.82
CA GLY E 50 0.58 4.37 34.99
C GLY E 50 1.78 5.30 35.00
N ILE E 51 2.23 5.71 33.81
CA ILE E 51 3.24 6.76 33.68
C ILE E 51 2.57 8.00 33.05
N ALA E 52 2.89 9.17 33.59
CA ALA E 52 2.38 10.44 33.04
C ALA E 52 3.24 10.88 31.85
N PRO E 53 2.59 11.50 30.84
CA PRO E 53 3.36 12.08 29.74
C PRO E 53 4.16 13.28 30.26
N LEU E 54 5.21 13.65 29.53
CA LEU E 54 5.95 14.86 29.85
C LEU E 54 5.32 16.03 29.11
N GLN E 55 4.86 17.05 29.84
CA GLN E 55 4.22 18.20 29.22
C GLN E 55 5.26 19.32 29.04
N LEU E 56 5.58 19.62 27.79
CA LEU E 56 6.62 20.60 27.51
C LEU E 56 6.15 22.03 27.73
N GLY E 57 4.84 22.20 27.79
CA GLY E 57 4.25 23.50 28.04
C GLY E 57 4.58 24.51 26.97
N LYS E 58 5.15 25.62 27.40
CA LYS E 58 5.51 26.70 26.50
C LYS E 58 6.82 26.36 25.82
N CYS E 59 7.49 25.35 26.35
CA CYS E 59 8.75 24.86 25.81
C CYS E 59 8.62 23.88 24.64
N ASN E 60 9.67 23.81 23.81
CA ASN E 60 9.82 22.68 22.88
C ASN E 60 11.05 21.83 23.23
N ILE E 61 11.28 20.75 22.48
CA ILE E 61 12.36 19.82 22.83
C ILE E 61 13.72 20.50 22.91
N ALA E 62 13.99 21.41 21.98
CA ALA E 62 15.21 22.20 22.04
C ALA E 62 15.38 22.88 23.41
N GLY E 63 14.37 23.63 23.86
CA GLY E 63 14.45 24.38 25.11
C GLY E 63 14.59 23.50 26.34
N TRP E 64 13.79 22.45 26.35
CA TRP E 64 13.94 21.36 27.31
C TRP E 64 15.40 20.91 27.42
N LEU E 65 15.91 20.30 26.36
CA LEU E 65 17.25 19.72 26.39
C LEU E 65 18.37 20.74 26.61
N LEU E 66 18.20 21.97 26.13
CA LEU E 66 19.26 22.94 26.40
C LEU E 66 19.11 23.52 27.78
N GLY E 67 17.91 23.39 28.35
CA GLY E 67 17.58 24.10 29.57
C GLY E 67 17.42 25.60 29.37
N ASN E 68 16.57 25.96 28.44
CA ASN E 68 16.08 27.33 28.33
C ASN E 68 15.43 27.70 29.66
N PRO E 69 15.73 28.91 30.17
CA PRO E 69 15.32 29.39 31.49
C PRO E 69 13.80 29.39 31.71
N GLU E 70 13.02 29.40 30.62
CA GLU E 70 11.57 29.35 30.72
C GLU E 70 11.02 27.93 30.86
N CYS E 71 11.91 26.95 30.74
CA CYS E 71 11.57 25.53 30.88
C CYS E 71 11.86 24.94 32.27
N ASP E 72 12.23 25.78 33.24
CA ASP E 72 12.69 25.26 34.54
C ASP E 72 11.79 24.22 35.24
N LEU E 73 10.48 24.25 35.04
CA LEU E 73 9.60 23.16 35.49
C LEU E 73 10.12 21.79 35.04
N LEU E 74 10.71 21.74 33.85
CA LEU E 74 11.14 20.47 33.28
C LEU E 74 12.41 19.91 33.90
N LEU E 75 13.15 20.74 34.65
CA LEU E 75 14.43 20.31 35.18
C LEU E 75 14.40 18.95 35.90
N THR E 76 13.30 18.62 36.56
CA THR E 76 13.26 17.45 37.44
C THR E 76 12.74 16.20 36.76
N ALA E 77 12.26 16.34 35.52
CA ALA E 77 11.74 15.21 34.76
C ALA E 77 12.74 14.07 34.63
N SER E 78 12.23 12.84 34.72
CA SER E 78 13.05 11.63 34.77
C SER E 78 12.60 10.64 33.70
N SER E 79 11.33 10.27 33.78
CA SER E 79 10.71 9.31 32.89
C SER E 79 9.35 9.84 32.43
N TRP E 80 8.86 9.36 31.30
CA TRP E 80 7.57 9.80 30.77
C TRP E 80 7.00 8.72 29.87
N SER E 81 5.70 8.74 29.68
CA SER E 81 5.09 7.75 28.81
C SER E 81 5.25 8.17 27.35
N TYR E 82 5.10 9.47 27.11
CA TYR E 82 5.29 10.07 25.81
C TYR E 82 5.53 11.56 26.00
N ILE E 83 6.05 12.23 24.99
CA ILE E 83 6.32 13.66 25.08
C ILE E 83 5.21 14.51 24.46
N VAL E 84 4.86 15.63 25.08
CA VAL E 84 3.81 16.51 24.55
C VAL E 84 4.21 17.97 24.28
N GLU E 85 4.00 18.39 23.02
CA GLU E 85 4.15 19.79 22.65
C GLU E 85 2.79 20.38 22.37
N THR E 86 2.66 21.68 22.58
CA THR E 86 1.39 22.36 22.35
C THR E 86 1.53 23.30 21.16
N SER E 87 0.43 23.97 20.83
CA SER E 87 0.45 24.90 19.73
C SER E 87 1.11 26.15 20.29
N ASN E 88 1.17 26.20 21.61
CA ASN E 88 1.71 27.37 22.28
C ASN E 88 3.18 27.29 22.68
N SER E 89 3.91 26.22 22.33
CA SER E 89 5.28 26.15 22.87
C SER E 89 6.30 26.83 21.97
N GLU E 90 6.49 28.13 22.19
CA GLU E 90 7.39 28.91 21.35
C GLU E 90 8.79 29.05 21.92
N ASN E 91 9.04 28.49 23.10
CA ASN E 91 10.33 28.68 23.74
C ASN E 91 11.31 27.57 23.40
N GLY E 92 12.33 27.92 22.62
CA GLY E 92 13.35 26.99 22.18
C GLY E 92 14.72 27.55 22.49
N THR E 93 15.52 27.74 21.45
CA THR E 93 16.83 28.32 21.63
C THR E 93 16.54 29.80 21.85
N CYS E 94 16.98 30.32 22.98
CA CYS E 94 16.75 31.73 23.26
C CYS E 94 17.80 32.61 22.57
N TYR E 95 19.01 32.09 22.36
CA TYR E 95 20.02 32.83 21.60
C TYR E 95 19.98 32.35 20.16
N PRO E 96 19.81 33.27 19.21
CA PRO E 96 19.56 32.92 17.80
C PRO E 96 20.65 32.06 17.14
N GLY E 97 20.23 31.00 16.46
CA GLY E 97 21.17 30.19 15.68
C GLY E 97 20.55 28.91 15.16
N ASP E 98 21.39 28.00 14.66
CA ASP E 98 20.90 26.73 14.13
C ASP E 98 21.07 25.65 15.19
N PHE E 99 20.05 24.80 15.36
CA PHE E 99 20.19 23.55 16.07
C PHE E 99 20.47 22.43 15.05
N ILE E 100 21.65 21.84 15.09
CA ILE E 100 22.04 20.95 14.00
C ILE E 100 21.52 19.50 14.15
N ASP E 101 20.88 19.01 13.11
CA ASP E 101 20.24 17.70 13.15
C ASP E 101 19.23 17.63 14.28
N TYR E 102 18.60 18.77 14.54
CA TYR E 102 17.57 18.88 15.53
C TYR E 102 16.48 17.83 15.31
N GLU E 103 15.96 17.75 14.11
CA GLU E 103 14.92 16.78 13.82
C GLU E 103 15.39 15.33 14.05
N GLU E 104 16.69 15.07 13.86
CA GLU E 104 17.23 13.73 14.13
C GLU E 104 17.29 13.48 15.63
N LEU E 105 17.66 14.51 16.38
CA LEU E 105 17.64 14.47 17.83
C LEU E 105 16.24 14.13 18.31
N ARG E 106 15.25 14.82 17.74
CA ARG E 106 13.88 14.51 18.05
C ARG E 106 13.54 13.03 17.85
N GLU E 107 13.81 12.49 16.66
CA GLU E 107 13.57 11.08 16.39
C GLU E 107 14.28 10.13 17.37
N GLN E 108 15.50 10.50 17.79
CA GLN E 108 16.20 9.83 18.87
C GLN E 108 15.35 9.79 20.15
N LEU E 109 14.93 10.98 20.60
CA LEU E 109 14.09 11.11 21.80
C LEU E 109 12.79 10.29 21.78
N SER E 110 12.27 9.96 20.60
CA SER E 110 11.05 9.18 20.46
C SER E 110 11.22 7.71 20.91
N SER E 111 12.47 7.25 20.93
CA SER E 111 12.78 5.94 21.48
C SER E 111 13.27 5.99 22.95
N VAL E 112 13.24 7.19 23.56
CA VAL E 112 13.76 7.37 24.92
C VAL E 112 12.67 7.37 25.99
N SER E 113 12.64 6.33 26.82
CA SER E 113 11.59 6.21 27.84
C SER E 113 11.86 7.03 29.12
N SER E 114 13.14 7.27 29.41
CA SER E 114 13.57 7.97 30.62
C SER E 114 15.08 8.19 30.61
N PHE E 115 15.55 9.15 31.41
CA PHE E 115 16.99 9.35 31.54
C PHE E 115 17.41 9.75 32.94
N GLU E 116 18.71 9.66 33.22
CA GLU E 116 19.23 10.33 34.40
C GLU E 116 20.12 11.47 33.93
N LYS E 117 19.78 12.67 34.36
CA LYS E 117 20.57 13.85 34.02
C LYS E 117 21.72 14.01 34.98
N PHE E 118 22.89 14.36 34.47
CA PHE E 118 24.05 14.46 35.36
C PHE E 118 25.02 15.55 34.95
N GLU E 119 25.76 16.06 35.92
CA GLU E 119 26.79 17.04 35.60
C GLU E 119 27.89 16.28 34.87
N ILE E 120 28.22 16.73 33.67
CA ILE E 120 29.25 16.05 32.88
C ILE E 120 30.58 16.75 33.15
N PHE E 121 30.72 18.00 32.73
CA PHE E 121 31.81 18.80 33.25
C PHE E 121 31.22 19.81 34.20
N PRO E 122 31.41 19.61 35.52
CA PRO E 122 30.79 20.50 36.50
C PRO E 122 31.44 21.89 36.49
N LYS E 123 30.61 22.92 36.50
CA LYS E 123 31.02 24.30 36.26
C LYS E 123 32.09 24.88 37.20
N THR E 124 32.10 24.41 38.46
CA THR E 124 33.05 24.91 39.47
C THR E 124 34.46 24.30 39.37
N SER E 125 34.53 22.99 39.13
CA SER E 125 35.81 22.26 38.99
C SER E 125 36.50 22.46 37.65
N SER E 126 35.71 22.39 36.58
CA SER E 126 36.22 21.96 35.28
C SER E 126 37.06 22.98 34.54
N TRP E 127 36.84 24.27 34.79
CA TRP E 127 37.47 25.27 33.92
C TRP E 127 38.33 26.30 34.65
N PRO E 128 39.41 25.83 35.31
CA PRO E 128 40.20 26.69 36.19
C PRO E 128 40.90 27.84 35.47
N ASN E 129 41.25 27.64 34.20
CA ASN E 129 41.96 28.65 33.45
C ASN E 129 41.01 29.54 32.65
N HIS E 130 39.72 29.28 32.82
CA HIS E 130 38.71 29.97 32.04
C HIS E 130 37.68 30.71 32.91
N GLU E 131 37.03 31.72 32.34
CA GLU E 131 36.03 32.46 33.08
C GLU E 131 34.65 31.85 32.92
N THR E 132 34.11 31.32 34.02
CA THR E 132 32.80 30.70 34.05
C THR E 132 31.60 31.60 34.42
N THR E 133 31.84 32.83 34.87
CA THR E 133 30.74 33.67 35.39
C THR E 133 30.12 34.73 34.48
N LYS E 134 30.68 34.93 33.29
CA LYS E 134 30.30 36.01 32.34
C LYS E 134 29.26 35.62 31.26
N GLY E 135 28.78 34.39 31.39
CA GLY E 135 28.17 33.56 30.35
C GLY E 135 26.68 33.78 30.16
N VAL E 136 26.22 35.01 30.38
CA VAL E 136 24.81 35.40 30.30
C VAL E 136 24.49 36.42 29.18
N THR E 137 23.23 36.48 28.77
CA THR E 137 22.79 37.35 27.68
C THR E 137 21.33 37.79 27.83
N ALA E 138 20.99 38.95 27.26
CA ALA E 138 19.62 39.48 27.35
C ALA E 138 18.63 38.68 26.49
N ALA E 139 19.14 37.82 25.62
CA ALA E 139 18.27 37.01 24.79
C ALA E 139 17.76 35.77 25.54
N CYS E 140 18.43 35.46 26.64
CA CYS E 140 18.07 34.40 27.57
C CYS E 140 17.34 34.86 28.83
N SER E 141 16.97 36.14 28.86
CA SER E 141 16.58 36.80 30.11
C SER E 141 15.56 36.02 30.91
N TYR E 142 15.80 35.99 32.22
CA TYR E 142 14.87 35.35 33.14
C TYR E 142 14.94 36.01 34.54
N ALA E 143 13.78 36.13 35.18
CA ALA E 143 13.63 36.79 36.49
C ALA E 143 14.26 38.18 36.59
N GLY E 144 13.99 39.05 35.62
CA GLY E 144 14.54 40.39 35.60
C GLY E 144 16.02 40.57 35.28
N ALA E 145 16.67 39.51 34.79
CA ALA E 145 18.12 39.55 34.53
C ALA E 145 18.53 38.83 33.25
N SER E 146 19.75 39.11 32.81
CA SER E 146 20.39 38.26 31.80
C SER E 146 20.72 36.92 32.43
N SER E 147 20.65 35.88 31.61
CA SER E 147 20.86 34.50 32.01
C SER E 147 21.35 33.72 30.79
N PHE E 148 21.33 32.39 30.90
CA PHE E 148 21.71 31.51 29.82
C PHE E 148 21.06 30.15 30.04
N TYR E 149 21.32 29.22 29.12
CA TYR E 149 20.82 27.85 29.23
C TYR E 149 21.32 27.21 30.54
N ARG E 150 20.51 26.31 31.09
CA ARG E 150 20.86 25.61 32.33
C ARG E 150 21.83 24.46 32.07
N ASN E 151 21.73 23.85 30.89
CA ASN E 151 22.49 22.65 30.60
C ASN E 151 23.79 22.88 29.85
N LEU E 152 24.09 24.15 29.55
CA LEU E 152 25.35 24.50 28.89
C LEU E 152 25.99 25.65 29.64
N LEU E 153 27.30 25.80 29.47
CA LEU E 153 28.07 26.83 30.11
C LEU E 153 28.87 27.61 29.08
N TRP E 154 28.70 28.93 29.06
CA TRP E 154 29.39 29.78 28.08
C TRP E 154 30.72 30.27 28.66
N LEU E 155 31.82 29.75 28.12
CA LEU E 155 33.16 30.07 28.61
C LEU E 155 33.67 31.32 27.93
N THR E 156 34.37 32.17 28.67
CA THR E 156 35.00 33.36 28.09
C THR E 156 36.38 33.48 28.67
N LYS E 157 37.13 34.47 28.22
CA LYS E 157 38.49 34.67 28.70
C LYS E 157 38.52 35.00 30.19
N LYS E 158 39.37 34.31 30.92
CA LYS E 158 39.69 34.68 32.29
C LYS E 158 40.79 35.75 32.19
N GLY E 159 40.54 36.93 32.73
CA GLY E 159 41.46 38.04 32.60
C GLY E 159 41.64 38.45 31.14
N SER E 160 42.89 38.49 30.68
CA SER E 160 43.22 38.71 29.27
C SER E 160 43.47 37.40 28.52
N SER E 161 43.33 36.28 29.21
CA SER E 161 43.88 35.02 28.71
C SER E 161 42.81 33.97 28.42
N TYR E 162 42.87 33.41 27.22
CA TYR E 162 42.07 32.24 26.89
C TYR E 162 43.02 31.17 26.33
N PRO E 163 43.55 30.33 27.22
CA PRO E 163 44.43 29.24 26.81
C PRO E 163 43.62 28.18 26.06
N LYS E 164 44.29 27.33 25.27
CA LYS E 164 43.64 26.16 24.67
C LYS E 164 43.09 25.24 25.77
N LEU E 165 41.83 24.83 25.66
CA LEU E 165 41.27 23.97 26.67
C LEU E 165 41.07 22.58 26.11
N SER E 166 41.35 21.58 26.93
CA SER E 166 41.15 20.20 26.52
C SER E 166 40.53 19.49 27.68
N LYS E 167 39.39 18.86 27.45
CA LYS E 167 38.64 18.22 28.49
C LYS E 167 37.92 17.03 27.90
N SER E 168 37.85 15.94 28.64
CA SER E 168 37.29 14.70 28.13
C SER E 168 36.35 14.11 29.16
N TYR E 169 35.44 13.28 28.72
CA TYR E 169 34.55 12.62 29.64
C TYR E 169 34.49 11.19 29.14
N VAL E 170 34.69 10.25 30.05
CA VAL E 170 34.59 8.86 29.66
C VAL E 170 33.24 8.37 30.12
N ASN E 171 32.51 7.71 29.24
CA ASN E 171 31.21 7.21 29.62
C ASN E 171 31.27 5.78 30.09
N ASN E 172 30.90 5.63 31.36
CA ASN E 172 30.41 4.38 31.88
C ASN E 172 29.13 4.57 32.71
N LYS E 173 28.02 4.97 32.08
CA LYS E 173 26.76 4.84 32.77
C LYS E 173 26.26 3.46 32.39
N GLY E 174 27.05 2.80 31.55
CA GLY E 174 26.62 1.61 30.81
C GLY E 174 25.40 1.86 29.92
N LYS E 175 25.31 3.06 29.35
CA LYS E 175 24.20 3.39 28.46
C LYS E 175 24.59 4.56 27.55
N GLU E 176 23.83 4.76 26.46
CA GLU E 176 24.00 5.96 25.64
C GLU E 176 23.92 7.20 26.52
N VAL E 177 24.86 8.11 26.32
CA VAL E 177 24.81 9.42 26.94
C VAL E 177 24.68 10.53 25.91
N LEU E 178 23.58 11.29 25.98
CA LEU E 178 23.37 12.44 25.11
C LEU E 178 24.17 13.65 25.58
N VAL E 179 25.05 14.16 24.71
CA VAL E 179 25.88 15.32 25.03
C VAL E 179 25.57 16.48 24.07
N LEU E 180 25.29 17.65 24.65
CA LEU E 180 24.98 18.82 23.86
C LEU E 180 26.00 19.89 24.10
N TRP E 181 26.23 20.72 23.10
CA TRP E 181 27.12 21.87 23.24
C TRP E 181 26.78 22.83 22.15
N GLY E 182 27.55 23.90 22.11
CA GLY E 182 27.32 24.94 21.14
C GLY E 182 28.63 25.60 20.77
N VAL E 183 28.61 26.28 19.62
CA VAL E 183 29.71 27.11 19.13
C VAL E 183 29.11 28.47 18.88
N HIS E 184 29.88 29.53 19.12
CA HIS E 184 29.34 30.87 19.06
C HIS E 184 30.07 31.70 18.00
N HIS E 185 29.30 32.54 17.30
CA HIS E 185 29.81 33.34 16.21
C HIS E 185 29.51 34.81 16.41
N PRO E 186 30.39 35.52 17.11
CA PRO E 186 30.28 36.97 17.31
C PRO E 186 30.26 37.78 15.99
N PRO E 187 29.58 38.93 15.99
CA PRO E 187 29.44 39.76 14.79
C PRO E 187 30.69 40.53 14.36
N THR E 188 31.57 40.86 15.31
CA THR E 188 32.81 41.57 14.96
C THR E 188 34.05 40.91 15.58
N GLY E 189 35.20 41.22 15.00
CA GLY E 189 36.45 40.68 15.51
C GLY E 189 36.68 41.18 16.91
N THR E 190 36.34 42.45 17.12
CA THR E 190 36.49 43.10 18.42
C THR E 190 35.70 42.37 19.53
N ASP E 191 34.51 41.90 19.18
CA ASP E 191 33.70 41.13 20.10
C ASP E 191 34.34 39.80 20.40
N GLN E 192 34.98 39.23 19.37
CA GLN E 192 35.68 37.96 19.49
C GLN E 192 36.84 38.17 20.48
N GLN E 193 37.58 39.26 20.27
CA GLN E 193 38.66 39.66 21.18
C GLN E 193 38.09 39.88 22.58
N SER E 194 36.90 40.49 22.64
CA SER E 194 36.30 40.85 23.91
C SER E 194 35.86 39.63 24.73
N LEU E 195 35.48 38.55 24.05
CA LEU E 195 35.01 37.37 24.75
C LEU E 195 36.11 36.31 24.93
N TYR E 196 36.57 35.77 23.81
CA TYR E 196 37.57 34.71 23.81
C TYR E 196 39.02 35.15 23.54
N GLN E 197 39.21 36.43 23.21
CA GLN E 197 40.52 37.09 23.13
C GLN E 197 41.37 36.69 21.92
N ASN E 198 41.06 35.55 21.30
CA ASN E 198 41.94 35.04 20.27
C ASN E 198 41.30 35.15 18.89
N ALA E 199 41.85 36.04 18.06
CA ALA E 199 41.25 36.41 16.78
C ALA E 199 40.90 35.23 15.87
N ASP E 200 41.86 34.32 15.67
CA ASP E 200 41.56 33.14 14.87
C ASP E 200 41.52 31.97 15.82
N ALA E 201 40.34 31.42 16.06
CA ALA E 201 40.21 30.31 16.99
C ALA E 201 39.39 29.16 16.41
N TYR E 202 39.27 28.09 17.18
CA TYR E 202 38.61 26.89 16.71
C TYR E 202 38.08 26.05 17.88
N VAL E 203 37.20 25.11 17.56
CA VAL E 203 36.65 24.16 18.52
C VAL E 203 36.73 22.79 17.86
N SER E 204 37.32 21.82 18.55
CA SER E 204 37.41 20.46 18.03
C SER E 204 36.63 19.59 19.01
N VAL E 205 35.78 18.74 18.47
CA VAL E 205 35.03 17.82 19.28
C VAL E 205 35.21 16.48 18.63
N GLY E 206 35.71 15.51 19.39
CA GLY E 206 36.05 14.24 18.80
C GLY E 206 35.76 13.12 19.77
N SER E 207 35.68 11.93 19.22
CA SER E 207 35.02 10.80 19.83
C SER E 207 35.56 9.59 19.06
N SER E 208 34.95 8.43 19.27
CA SER E 208 35.12 7.32 18.34
C SER E 208 34.26 7.62 17.12
N LYS E 209 32.95 7.63 17.32
CA LYS E 209 32.01 7.79 16.21
C LYS E 209 31.85 9.25 15.73
N TYR E 210 32.36 10.22 16.48
CA TYR E 210 32.11 11.63 16.16
C TYR E 210 33.36 12.52 16.05
N ASN E 211 33.50 13.19 14.92
CA ASN E 211 34.64 14.10 14.71
C ASN E 211 34.18 15.35 13.95
N ARG E 212 34.44 16.52 14.52
CA ARG E 212 34.10 17.77 13.82
C ARG E 212 34.97 18.96 14.26
N ARG E 213 35.26 19.88 13.35
CA ARG E 213 36.03 21.07 13.68
C ARG E 213 35.25 22.31 13.23
N PHE E 214 35.18 23.31 14.10
CA PHE E 214 34.38 24.51 13.84
C PHE E 214 35.30 25.73 13.90
N THR E 215 35.09 26.66 12.98
CA THR E 215 35.79 27.92 13.03
C THR E 215 34.66 28.93 13.10
N PRO E 216 34.86 30.02 13.84
CA PRO E 216 33.86 31.09 13.92
C PRO E 216 33.74 31.87 12.63
N GLU E 217 32.49 32.05 12.19
CA GLU E 217 32.20 32.91 11.08
C GLU E 217 31.84 34.28 11.66
N ILE E 218 32.72 35.27 11.46
CA ILE E 218 32.48 36.62 12.00
C ILE E 218 31.96 37.57 10.92
N ALA E 219 30.69 37.94 11.06
CA ALA E 219 30.03 38.76 10.06
C ALA E 219 28.86 39.52 10.66
N ALA E 220 28.47 40.60 9.98
CA ALA E 220 27.29 41.37 10.36
C ALA E 220 26.02 40.57 10.07
N ARG E 221 25.10 40.53 11.04
CA ARG E 221 23.81 39.90 10.86
C ARG E 221 22.68 40.81 11.29
N PRO E 222 21.48 40.60 10.70
CA PRO E 222 20.29 41.24 11.28
C PRO E 222 20.11 40.72 12.70
N LYS E 223 19.65 41.60 13.59
CA LYS E 223 19.51 41.26 14.98
C LYS E 223 18.29 40.36 15.15
N VAL E 224 18.43 39.34 15.97
CA VAL E 224 17.30 38.55 16.41
C VAL E 224 17.42 38.50 17.92
N ARG E 225 16.34 38.88 18.62
CA ARG E 225 16.40 39.09 20.06
C ARG E 225 17.62 39.93 20.41
N ASP E 226 17.81 41.00 19.64
CA ASP E 226 18.87 41.99 19.84
C ASP E 226 20.29 41.43 19.77
N GLN E 227 20.48 40.38 18.95
CA GLN E 227 21.81 39.78 18.79
C GLN E 227 22.25 39.73 17.33
N ALA E 228 23.30 40.48 17.00
CA ALA E 228 23.90 40.33 15.67
C ALA E 228 24.72 39.03 15.57
N GLY E 229 25.15 38.51 16.71
CA GLY E 229 25.87 37.25 16.70
C GLY E 229 24.95 36.07 16.47
N ARG E 230 25.53 34.88 16.43
CA ARG E 230 24.75 33.64 16.31
C ARG E 230 25.42 32.55 17.13
N MET E 231 24.64 31.54 17.46
CA MET E 231 25.18 30.42 18.21
C MET E 231 24.63 29.12 17.64
N ASN E 232 25.51 28.26 17.11
CA ASN E 232 25.06 26.94 16.65
C ASN E 232 25.11 25.89 17.78
N TYR E 233 24.13 24.98 17.81
CA TYR E 233 23.94 23.99 18.87
C TYR E 233 24.12 22.59 18.31
N TYR E 234 24.92 21.77 18.98
CA TYR E 234 25.24 20.45 18.46
C TYR E 234 25.05 19.34 19.48
N TRP E 235 25.03 18.11 18.99
CA TRP E 235 24.87 16.98 19.89
C TRP E 235 25.42 15.65 19.36
N THR E 236 25.75 14.76 20.29
CA THR E 236 26.09 13.40 19.88
C THR E 236 25.61 12.34 20.88
N LEU E 237 25.44 11.11 20.40
CA LEU E 237 25.19 10.00 21.31
C LEU E 237 26.52 9.31 21.59
N LEU E 238 26.92 9.33 22.86
CA LEU E 238 28.21 8.82 23.26
C LEU E 238 28.05 7.44 23.86
N GLU E 239 28.63 6.45 23.18
CA GLU E 239 28.37 5.04 23.51
C GLU E 239 29.06 4.61 24.79
N PRO E 240 28.48 3.64 25.51
CA PRO E 240 29.15 3.19 26.74
C PRO E 240 30.58 2.66 26.48
N GLY E 241 31.51 3.18 27.27
CA GLY E 241 32.91 2.84 27.11
C GLY E 241 33.68 3.89 26.38
N ASP E 242 32.96 4.69 25.60
CA ASP E 242 33.55 5.72 24.76
C ASP E 242 34.06 6.94 25.53
N THR E 243 34.93 7.71 24.90
CA THR E 243 35.38 8.97 25.45
C THR E 243 34.98 10.05 24.44
N ILE E 244 34.67 11.25 24.95
CA ILE E 244 34.52 12.42 24.09
C ILE E 244 35.50 13.49 24.57
N THR E 245 36.11 14.19 23.63
CA THR E 245 37.17 15.12 23.95
C THR E 245 36.85 16.41 23.24
N PHE E 246 36.83 17.50 24.00
CA PHE E 246 36.58 18.83 23.47
C PHE E 246 37.89 19.55 23.54
N GLU E 247 38.22 20.30 22.50
CA GLU E 247 39.38 21.17 22.55
C GLU E 247 39.09 22.48 21.82
N ALA E 248 39.40 23.61 22.45
CA ALA E 248 39.06 24.92 21.92
C ALA E 248 40.06 26.01 22.28
N THR E 249 40.30 26.92 21.33
CA THR E 249 40.98 28.19 21.57
C THR E 249 39.99 29.32 21.69
N GLY E 250 38.70 28.97 21.69
CA GLY E 250 37.64 29.95 21.90
C GLY E 250 36.28 29.51 21.38
N ASN E 251 35.25 30.30 21.71
CA ASN E 251 33.93 30.08 21.13
C ASN E 251 33.15 28.82 21.54
N LEU E 252 33.72 28.01 22.42
CA LEU E 252 32.98 26.83 22.89
C LEU E 252 31.91 27.15 23.92
N ILE E 253 30.66 26.78 23.66
CA ILE E 253 29.65 26.90 24.67
C ILE E 253 29.61 25.50 25.20
N ALA E 254 30.18 25.29 26.38
CA ALA E 254 30.56 23.94 26.77
C ALA E 254 29.41 23.15 27.36
N PRO E 255 29.46 21.83 27.23
CA PRO E 255 28.45 21.04 27.93
C PRO E 255 28.60 21.29 29.44
N TRP E 256 27.47 21.26 30.14
CA TRP E 256 27.41 21.35 31.60
C TRP E 256 26.66 20.11 32.08
N TYR E 257 25.40 19.98 31.67
CA TYR E 257 24.66 18.77 32.00
C TYR E 257 24.42 17.84 30.79
N ALA E 258 24.48 16.54 31.02
CA ALA E 258 24.28 15.57 29.97
C ALA E 258 23.26 14.56 30.42
N PHE E 259 22.77 13.79 29.48
CA PHE E 259 21.68 12.89 29.74
C PHE E 259 22.10 11.47 29.47
N ALA E 260 22.02 10.62 30.50
CA ALA E 260 22.24 9.19 30.30
C ALA E 260 20.91 8.59 29.91
N LEU E 261 20.82 8.00 28.72
CA LEU E 261 19.52 7.64 28.12
C LEU E 261 19.06 6.19 28.37
N ASN E 262 17.75 6.04 28.56
CA ASN E 262 17.13 4.72 28.70
C ASN E 262 16.09 4.46 27.60
N ARG E 263 16.38 3.48 26.74
CA ARG E 263 15.54 3.17 25.59
C ARG E 263 14.32 2.34 25.99
N GLY E 264 13.24 2.56 25.26
CA GLY E 264 12.00 1.84 25.43
C GLY E 264 11.23 2.04 24.15
N SER E 265 10.10 1.34 24.03
CA SER E 265 9.32 1.41 22.80
C SER E 265 7.88 1.78 23.11
N GLY E 266 7.18 2.29 22.10
CA GLY E 266 5.81 2.72 22.27
C GLY E 266 5.69 4.20 22.60
N SER E 267 6.82 4.88 22.74
CA SER E 267 6.82 6.30 23.05
C SER E 267 6.79 7.15 21.77
N GLY E 268 6.78 8.45 21.94
CA GLY E 268 6.74 9.36 20.81
C GLY E 268 6.47 10.79 21.24
N ILE E 269 6.38 11.68 20.26
CA ILE E 269 6.08 13.07 20.51
C ILE E 269 4.84 13.49 19.74
N ILE E 270 3.82 13.94 20.47
CA ILE E 270 2.61 14.39 19.83
C ILE E 270 2.37 15.85 20.11
N THR E 271 1.61 16.48 19.21
CA THR E 271 1.26 17.86 19.38
C THR E 271 -0.19 17.97 19.80
N SER E 272 -0.41 18.43 21.04
CA SER E 272 -1.74 18.48 21.62
C SER E 272 -1.94 19.67 22.59
N ASP E 273 -3.11 20.30 22.51
CA ASP E 273 -3.49 21.33 23.47
C ASP E 273 -4.40 20.79 24.58
N ALA E 274 -4.75 19.52 24.45
CA ALA E 274 -5.66 18.87 25.40
C ALA E 274 -5.01 18.78 26.77
N PRO E 275 -5.84 18.82 27.83
CA PRO E 275 -5.33 18.78 29.20
C PRO E 275 -4.93 17.37 29.65
N VAL E 276 -3.97 17.31 30.57
CA VAL E 276 -3.56 16.08 31.22
C VAL E 276 -4.61 15.62 32.25
N HIS E 277 -4.57 14.34 32.59
CA HIS E 277 -5.43 13.79 33.64
C HIS E 277 -4.74 12.61 34.30
N ASP E 278 -5.27 12.22 35.46
CA ASP E 278 -4.67 11.12 36.22
C ASP E 278 -5.15 9.77 35.67
N CYS E 279 -5.99 9.83 34.64
CA CYS E 279 -6.58 8.64 34.07
C CYS E 279 -5.55 7.79 33.29
N ASN E 280 -5.98 6.65 32.74
CA ASN E 280 -5.05 5.68 32.17
C ASN E 280 -5.70 5.05 30.93
N THR E 281 -4.89 4.64 29.94
CA THR E 281 -5.44 3.93 28.79
C THR E 281 -4.41 3.06 28.08
N LYS E 282 -4.86 2.28 27.09
CA LYS E 282 -3.96 1.52 26.22
C LYS E 282 -3.82 2.25 24.89
N CYS E 283 -4.59 3.33 24.74
CA CYS E 283 -4.70 4.03 23.46
C CYS E 283 -4.79 5.53 23.62
N GLN E 284 -3.89 6.23 22.95
CA GLN E 284 -3.85 7.68 23.10
C GLN E 284 -3.73 8.44 21.78
N THR E 285 -4.56 9.45 21.60
CA THR E 285 -4.45 10.35 20.44
C THR E 285 -4.34 11.78 20.96
N PRO E 286 -3.85 12.70 20.13
CA PRO E 286 -3.75 14.08 20.61
C PRO E 286 -5.11 14.73 20.86
N HIS E 287 -6.17 14.24 20.25
CA HIS E 287 -7.52 14.68 20.62
C HIS E 287 -7.85 14.17 22.03
N GLY E 288 -7.51 12.92 22.32
CA GLY E 288 -7.66 12.36 23.66
C GLY E 288 -7.68 10.84 23.69
N ALA E 289 -7.79 10.25 24.89
CA ALA E 289 -7.70 8.79 25.08
C ALA E 289 -8.84 7.98 24.46
N ILE E 290 -8.56 6.69 24.19
CA ILE E 290 -9.55 5.76 23.63
C ILE E 290 -9.64 4.43 24.42
N ASN E 291 -10.83 4.12 24.91
CA ASN E 291 -11.13 2.77 25.41
C ASN E 291 -12.17 2.16 24.48
N SER E 292 -11.75 1.18 23.68
CA SER E 292 -12.64 0.58 22.69
C SER E 292 -12.22 -0.85 22.37
N SER E 293 -13.19 -1.67 21.99
CA SER E 293 -12.89 -3.02 21.53
C SER E 293 -12.85 -3.02 20.01
N LEU E 294 -13.14 -1.86 19.42
CA LEU E 294 -13.38 -1.77 17.98
C LEU E 294 -12.09 -1.81 17.16
N PRO E 295 -12.18 -2.38 15.94
CA PRO E 295 -11.10 -2.44 14.95
C PRO E 295 -10.69 -1.08 14.37
N PHE E 296 -11.64 -0.17 14.19
CA PHE E 296 -11.37 1.09 13.51
C PHE E 296 -11.65 2.35 14.34
N GLN E 297 -11.01 3.45 13.94
CA GLN E 297 -11.30 4.76 14.50
C GLN E 297 -11.11 5.91 13.48
N ASN E 298 -12.03 6.87 13.50
CA ASN E 298 -11.86 8.09 12.73
C ASN E 298 -11.33 9.27 13.54
N ILE E 299 -10.97 9.02 14.79
CA ILE E 299 -10.48 10.12 15.64
C ILE E 299 -9.16 10.79 15.21
N HIS E 300 -8.08 10.01 15.14
CA HIS E 300 -6.79 10.53 14.68
C HIS E 300 -5.91 9.49 13.97
N PRO E 301 -5.11 9.92 12.97
CA PRO E 301 -4.05 9.07 12.42
C PRO E 301 -2.86 8.87 13.39
N VAL E 302 -2.64 9.86 14.27
CA VAL E 302 -1.56 9.76 15.26
C VAL E 302 -2.01 9.09 16.56
N THR E 303 -1.35 7.99 16.91
CA THR E 303 -1.74 7.19 18.07
C THR E 303 -0.53 6.73 18.90
N ILE E 304 -0.77 6.51 20.18
CA ILE E 304 0.28 5.96 21.03
C ILE E 304 -0.26 4.78 21.84
N GLY E 305 0.46 3.66 21.79
CA GLY E 305 0.02 2.43 22.41
C GLY E 305 -0.75 1.49 21.49
N GLU E 306 -1.61 0.68 22.08
CA GLU E 306 -2.35 -0.32 21.33
C GLU E 306 -3.71 0.24 20.96
N CYS E 307 -3.98 0.32 19.66
CA CYS E 307 -4.98 1.25 19.15
C CYS E 307 -5.75 0.74 17.93
N PRO E 308 -7.01 1.15 17.80
CA PRO E 308 -7.72 0.84 16.54
C PRO E 308 -7.10 1.56 15.37
N LYS E 309 -7.35 0.97 14.23
CA LYS E 309 -6.75 1.40 13.01
C LYS E 309 -7.50 2.57 12.39
N TYR E 310 -6.77 3.63 12.08
CA TYR E 310 -7.41 4.86 11.58
C TYR E 310 -7.99 4.72 10.17
N VAL E 311 -9.10 5.39 9.92
CA VAL E 311 -9.76 5.39 8.61
C VAL E 311 -10.55 6.66 8.45
N ARG E 312 -10.82 7.05 7.21
CA ARG E 312 -11.52 8.29 6.90
C ARG E 312 -13.04 8.09 6.95
N SER E 313 -13.47 6.88 7.31
CA SER E 313 -14.88 6.53 7.29
C SER E 313 -15.71 7.25 8.35
N THR E 314 -16.86 7.78 7.93
CA THR E 314 -17.83 8.40 8.84
C THR E 314 -18.69 7.33 9.51
N LYS E 315 -19.14 6.34 8.73
CA LYS E 315 -19.93 5.24 9.26
C LYS E 315 -19.51 3.88 8.71
N LEU E 316 -19.17 2.97 9.59
CA LEU E 316 -18.88 1.61 9.17
C LEU E 316 -19.73 0.70 10.01
N ARG E 317 -20.73 0.09 9.37
CA ARG E 317 -21.71 -0.73 10.10
C ARG E 317 -21.93 -2.04 9.36
N MET E 318 -21.68 -3.14 10.07
CA MET E 318 -21.71 -4.47 9.50
C MET E 318 -22.97 -5.23 9.94
N ALA E 319 -23.58 -5.94 9.00
CA ALA E 319 -24.84 -6.66 9.28
C ALA E 319 -24.63 -8.03 9.95
N THR E 320 -25.22 -8.19 11.13
CA THR E 320 -25.35 -9.50 11.80
C THR E 320 -26.68 -10.16 11.42
N GLY E 321 -27.76 -9.48 11.80
CA GLY E 321 -29.10 -9.97 11.55
C GLY E 321 -29.57 -9.77 10.12
N LEU E 322 -30.90 -9.79 9.94
CA LEU E 322 -31.49 -9.69 8.61
C LEU E 322 -32.43 -8.49 8.46
N ARG E 323 -33.01 -8.33 7.27
CA ARG E 323 -33.87 -7.19 7.02
C ARG E 323 -35.05 -7.18 8.00
N ASN E 324 -35.49 -6.00 8.40
CA ASN E 324 -36.67 -5.89 9.25
C ASN E 324 -37.90 -5.67 8.39
N ILE E 325 -38.81 -6.65 8.37
CA ILE E 325 -40.05 -6.49 7.61
C ILE E 325 -41.33 -6.73 8.44
N PRO E 326 -41.86 -5.68 9.08
CA PRO E 326 -43.24 -5.73 9.58
C PRO E 326 -44.24 -5.91 8.44
N GLY F 1 -34.80 -12.82 -1.72
CA GLY F 1 -33.72 -11.92 -2.07
C GLY F 1 -32.95 -12.39 -3.30
N LEU F 2 -31.82 -13.05 -3.08
CA LEU F 2 -31.09 -13.72 -4.14
C LEU F 2 -31.67 -15.10 -4.45
N PHE F 3 -32.09 -15.79 -3.38
CA PHE F 3 -32.75 -17.09 -3.50
C PHE F 3 -34.28 -16.95 -3.49
N GLY F 4 -34.75 -15.72 -3.33
CA GLY F 4 -36.17 -15.41 -3.41
C GLY F 4 -37.02 -15.94 -2.28
N ALA F 5 -36.52 -15.86 -1.05
CA ALA F 5 -37.29 -16.22 0.14
C ALA F 5 -37.71 -14.98 0.91
N ILE F 6 -36.75 -14.25 1.45
CA ILE F 6 -37.07 -12.98 2.13
C ILE F 6 -37.37 -11.90 1.08
N ALA F 7 -38.56 -11.31 1.17
CA ALA F 7 -39.14 -10.52 0.08
C ALA F 7 -39.23 -11.37 -1.17
N GLY F 8 -39.38 -12.68 -0.95
CA GLY F 8 -39.62 -13.66 -1.98
C GLY F 8 -41.09 -14.04 -2.04
N PHE F 9 -41.37 -15.30 -2.37
CA PHE F 9 -42.73 -15.82 -2.31
C PHE F 9 -43.33 -15.69 -0.90
N ILE F 10 -42.46 -15.66 0.12
CA ILE F 10 -42.87 -15.16 1.43
C ILE F 10 -42.48 -13.67 1.55
N GLU F 11 -43.51 -12.84 1.70
CA GLU F 11 -43.40 -11.40 1.50
C GLU F 11 -42.94 -10.57 2.70
N GLY F 12 -42.98 -11.14 3.91
CA GLY F 12 -42.68 -10.36 5.10
C GLY F 12 -42.34 -11.24 6.28
N GLY F 13 -42.27 -10.66 7.46
CA GLY F 13 -41.76 -11.37 8.63
C GLY F 13 -42.45 -10.99 9.94
N TRP F 14 -42.13 -11.72 10.99
CA TRP F 14 -42.95 -11.75 12.20
C TRP F 14 -42.34 -11.05 13.40
N THR F 15 -43.06 -10.07 13.95
CA THR F 15 -42.71 -9.43 15.21
C THR F 15 -42.95 -10.42 16.35
N GLY F 16 -43.88 -11.33 16.13
CA GLY F 16 -44.37 -12.23 17.17
C GLY F 16 -43.39 -13.29 17.65
N MET F 17 -42.30 -13.47 16.91
CA MET F 17 -41.22 -14.32 17.38
C MET F 17 -40.18 -13.44 18.05
N ILE F 18 -40.04 -13.58 19.37
CA ILE F 18 -38.94 -12.94 20.10
C ILE F 18 -37.78 -13.92 20.33
N ASP F 19 -37.97 -15.16 19.91
CA ASP F 19 -37.09 -16.26 20.33
C ASP F 19 -35.90 -16.52 19.41
N GLY F 20 -35.81 -15.80 18.29
CA GLY F 20 -34.74 -16.02 17.34
C GLY F 20 -34.99 -15.61 15.89
N TRP F 21 -34.10 -16.08 15.02
CA TRP F 21 -34.08 -15.67 13.60
C TRP F 21 -35.09 -16.36 12.69
N TYR F 22 -35.31 -17.65 12.93
CA TYR F 22 -36.21 -18.44 12.09
C TYR F 22 -37.25 -19.15 12.96
N GLY F 23 -38.31 -19.66 12.35
CA GLY F 23 -39.37 -20.29 13.12
C GLY F 23 -40.68 -20.46 12.39
N TYR F 24 -41.62 -21.14 13.04
CA TYR F 24 -42.86 -21.53 12.37
C TYR F 24 -44.11 -20.84 12.93
N HIS F 25 -45.24 -21.12 12.30
CA HIS F 25 -46.53 -20.63 12.78
C HIS F 25 -47.58 -21.72 12.84
N HIS F 26 -48.03 -22.01 14.06
CA HIS F 26 -49.18 -22.90 14.25
C HIS F 26 -50.21 -22.15 15.07
N GLN F 27 -51.45 -22.17 14.61
CA GLN F 27 -52.56 -21.87 15.52
C GLN F 27 -53.35 -23.16 15.61
N ASN F 28 -53.44 -23.68 16.82
CA ASN F 28 -53.81 -25.07 17.03
C ASN F 28 -55.15 -25.21 17.76
N GLU F 29 -55.51 -26.43 18.07
CA GLU F 29 -56.65 -26.71 18.93
C GLU F 29 -56.51 -26.01 20.29
N GLN F 30 -55.57 -26.50 21.10
CA GLN F 30 -55.39 -26.03 22.47
C GLN F 30 -54.39 -24.86 22.60
N GLY F 31 -53.70 -24.52 21.51
CA GLY F 31 -52.61 -23.58 21.61
C GLY F 31 -52.41 -22.67 20.42
N SER F 32 -51.53 -21.69 20.60
CA SER F 32 -51.35 -20.58 19.65
C SER F 32 -49.88 -20.24 19.44
N GLY F 33 -49.64 -19.42 18.43
CA GLY F 33 -48.46 -18.56 18.40
C GLY F 33 -47.17 -19.06 17.81
N TYR F 34 -46.11 -18.35 18.17
CA TYR F 34 -44.84 -18.43 17.49
C TYR F 34 -43.78 -19.15 18.32
N ALA F 35 -43.09 -20.10 17.71
CA ALA F 35 -41.83 -20.59 18.25
C ALA F 35 -40.85 -20.88 17.11
N ALA F 36 -39.63 -21.25 17.47
CA ALA F 36 -38.49 -21.09 16.55
C ALA F 36 -38.08 -22.36 15.79
N ASP F 37 -37.06 -22.21 14.97
CA ASP F 37 -36.23 -23.34 14.54
C ASP F 37 -34.84 -23.06 15.14
N GLN F 38 -34.48 -23.84 16.15
CA GLN F 38 -33.33 -23.49 16.98
C GLN F 38 -32.01 -23.82 16.28
N LYS F 39 -32.01 -24.92 15.53
CA LYS F 39 -30.82 -25.36 14.79
C LYS F 39 -30.27 -24.33 13.79
N SER F 40 -31.02 -24.11 12.71
CA SER F 40 -30.55 -23.29 11.60
C SER F 40 -30.43 -21.81 11.95
N THR F 41 -31.05 -21.39 13.06
CA THR F 41 -30.83 -20.05 13.61
C THR F 41 -29.45 -19.97 14.27
N GLN F 42 -29.15 -20.94 15.14
CA GLN F 42 -27.84 -21.02 15.76
C GLN F 42 -26.75 -21.31 14.72
N ASN F 43 -27.01 -22.28 13.85
CA ASN F 43 -26.07 -22.61 12.78
CA ASN F 43 -26.07 -22.61 12.78
C ASN F 43 -25.86 -21.45 11.81
N ALA F 44 -26.73 -20.45 11.89
CA ALA F 44 -26.54 -19.21 11.17
C ALA F 44 -25.67 -18.31 12.04
N ILE F 45 -26.19 -17.93 13.20
CA ILE F 45 -25.53 -17.02 14.12
C ILE F 45 -24.06 -17.36 14.38
N ASP F 46 -23.76 -18.64 14.56
CA ASP F 46 -22.38 -19.07 14.77
C ASP F 46 -21.45 -18.64 13.63
N GLY F 47 -21.88 -18.88 12.40
CA GLY F 47 -21.14 -18.51 11.22
C GLY F 47 -20.92 -17.02 10.94
N ILE F 48 -21.88 -16.17 11.31
CA ILE F 48 -21.77 -14.72 11.10
C ILE F 48 -20.87 -14.07 12.14
N THR F 49 -21.02 -14.47 13.40
CA THR F 49 -20.11 -14.01 14.44
C THR F 49 -18.70 -14.56 14.19
N ASN F 50 -18.61 -15.66 13.44
CA ASN F 50 -17.34 -16.16 12.93
C ASN F 50 -16.89 -15.35 11.74
N LYS F 51 -17.86 -14.87 10.97
CA LYS F 51 -17.60 -14.02 9.82
C LYS F 51 -17.17 -12.63 10.32
N VAL F 52 -17.64 -12.25 11.49
CA VAL F 52 -17.20 -11.00 12.12
C VAL F 52 -15.70 -11.06 12.46
N ASN F 53 -15.31 -12.06 13.24
CA ASN F 53 -13.96 -12.12 13.75
C ASN F 53 -12.91 -12.53 12.72
N SER F 54 -13.31 -13.24 11.68
CA SER F 54 -12.39 -13.63 10.62
C SER F 54 -12.01 -12.42 9.78
N VAL F 55 -12.91 -11.43 9.73
CA VAL F 55 -12.66 -10.16 9.06
C VAL F 55 -11.85 -9.13 9.89
N ILE F 56 -11.97 -9.17 11.23
CA ILE F 56 -11.15 -8.32 12.13
C ILE F 56 -9.77 -8.87 12.54
N GLU F 57 -9.55 -10.17 12.35
CA GLU F 57 -8.36 -10.83 12.93
C GLU F 57 -7.12 -10.59 12.09
N LYS F 58 -7.38 -10.23 10.85
CA LYS F 58 -6.34 -9.97 9.88
C LYS F 58 -6.03 -8.45 9.84
N MET F 59 -6.72 -7.69 10.69
CA MET F 59 -6.32 -6.36 11.16
C MET F 59 -5.45 -6.56 12.36
N ASN F 60 -4.20 -6.10 12.31
CA ASN F 60 -3.56 -5.74 13.56
C ASN F 60 -4.38 -4.58 14.15
N THR F 61 -4.42 -4.47 15.47
CA THR F 61 -4.77 -3.18 16.06
C THR F 61 -3.50 -2.37 15.82
N GLN F 62 -3.64 -1.06 15.57
CA GLN F 62 -2.47 -0.20 15.36
C GLN F 62 -1.54 -0.18 16.57
N PHE F 63 -0.25 -0.43 16.35
CA PHE F 63 0.73 -0.11 17.38
C PHE F 63 1.23 1.31 17.15
N THR F 64 2.10 1.80 18.01
CA THR F 64 2.34 3.25 18.09
C THR F 64 2.75 3.89 16.75
N ALA F 65 1.97 4.87 16.32
CA ALA F 65 2.18 5.54 15.04
C ALA F 65 2.28 7.05 15.27
N VAL F 66 3.47 7.61 15.04
CA VAL F 66 3.73 9.01 15.31
C VAL F 66 4.55 9.64 14.20
N GLY F 67 4.13 10.84 13.78
CA GLY F 67 4.77 11.53 12.69
C GLY F 67 6.22 11.98 12.91
N LYS F 68 6.82 12.51 11.86
CA LYS F 68 8.20 12.96 11.92
C LYS F 68 8.31 14.42 11.53
N GLU F 69 9.35 15.08 12.00
CA GLU F 69 9.59 16.46 11.66
C GLU F 69 10.68 16.58 10.59
N PHE F 70 10.56 17.60 9.74
CA PHE F 70 11.55 17.88 8.69
C PHE F 70 11.82 19.39 8.63
N ASN F 71 13.08 19.79 8.53
CA ASN F 71 13.43 21.18 8.28
C ASN F 71 13.10 21.62 6.84
N ASN F 72 13.42 22.87 6.51
CA ASN F 72 12.91 23.49 5.29
C ASN F 72 13.70 23.19 3.99
N LEU F 73 14.83 22.47 4.12
CA LEU F 73 15.52 21.84 2.97
C LEU F 73 15.22 20.34 2.79
N GLU F 74 14.34 19.84 3.63
CA GLU F 74 13.85 18.45 3.63
C GLU F 74 12.50 18.24 2.95
N ARG F 75 12.00 19.26 2.26
CA ARG F 75 10.68 19.16 1.66
C ARG F 75 10.44 17.93 0.80
N ARG F 76 11.44 17.52 0.00
CA ARG F 76 11.25 16.31 -0.82
C ARG F 76 10.92 15.06 0.01
N ILE F 77 11.70 14.76 1.06
CA ILE F 77 11.38 13.59 1.86
C ILE F 77 10.16 13.79 2.75
N GLU F 78 9.94 15.02 3.21
CA GLU F 78 8.69 15.35 3.86
C GLU F 78 7.50 14.99 2.98
N ASN F 79 7.51 15.38 1.72
CA ASN F 79 6.45 14.93 0.85
C ASN F 79 6.44 13.44 0.58
N LEU F 80 7.60 12.78 0.69
CA LEU F 80 7.67 11.33 0.58
C LEU F 80 6.93 10.68 1.73
N ASN F 81 7.32 11.07 2.94
CA ASN F 81 6.65 10.60 4.14
C ASN F 81 5.14 10.79 4.00
N LYS F 82 4.74 11.98 3.58
CA LYS F 82 3.32 12.26 3.42
C LYS F 82 2.68 11.33 2.39
N LYS F 83 3.38 11.09 1.29
CA LYS F 83 2.88 10.20 0.25
C LYS F 83 2.69 8.78 0.77
N VAL F 84 3.56 8.35 1.67
CA VAL F 84 3.44 7.03 2.29
C VAL F 84 2.20 6.97 3.20
N ASP F 85 2.15 7.86 4.19
CA ASP F 85 1.02 7.95 5.13
C ASP F 85 -0.36 8.02 4.44
N ASP F 86 -0.47 8.85 3.42
CA ASP F 86 -1.75 9.04 2.72
C ASP F 86 -2.13 7.81 1.89
N GLY F 87 -1.11 7.14 1.35
CA GLY F 87 -1.32 5.96 0.51
C GLY F 87 -1.95 4.82 1.29
N PHE F 88 -1.36 4.49 2.42
CA PHE F 88 -1.81 3.38 3.24
C PHE F 88 -3.23 3.63 3.73
N LEU F 89 -3.41 4.85 4.26
CA LEU F 89 -4.71 5.32 4.69
C LEU F 89 -5.76 5.20 3.58
N ASP F 90 -5.45 5.68 2.39
CA ASP F 90 -6.31 5.49 1.22
C ASP F 90 -6.75 4.02 1.08
N ILE F 91 -5.79 3.14 0.85
CA ILE F 91 -5.97 1.69 0.67
C ILE F 91 -6.77 0.99 1.79
N TRP F 92 -6.46 1.33 3.04
CA TRP F 92 -7.19 0.78 4.17
C TRP F 92 -8.65 1.24 4.22
N THR F 93 -8.86 2.55 4.22
CA THR F 93 -10.21 3.11 4.18
C THR F 93 -10.99 2.47 3.03
N TYR F 94 -10.38 2.36 1.86
CA TYR F 94 -10.96 1.60 0.75
C TYR F 94 -11.19 0.15 1.14
N ASN F 95 -10.22 -0.44 1.82
CA ASN F 95 -10.36 -1.85 2.21
C ASN F 95 -11.52 -2.04 3.20
N ALA F 96 -11.54 -1.24 4.24
CA ALA F 96 -12.58 -1.39 5.25
C ALA F 96 -13.99 -1.13 4.69
N GLU F 97 -14.16 -0.02 3.98
CA GLU F 97 -15.48 0.33 3.45
C GLU F 97 -16.06 -0.68 2.46
N LEU F 98 -15.29 -1.04 1.44
CA LEU F 98 -15.79 -1.93 0.39
C LEU F 98 -16.05 -3.32 0.93
N LEU F 99 -15.33 -3.70 1.97
CA LEU F 99 -15.48 -5.06 2.47
C LEU F 99 -16.82 -5.19 3.18
N VAL F 100 -17.10 -4.22 4.04
CA VAL F 100 -18.38 -4.12 4.71
C VAL F 100 -19.55 -4.18 3.72
N LEU F 101 -19.45 -3.40 2.63
CA LEU F 101 -20.50 -3.36 1.60
C LEU F 101 -20.79 -4.70 0.91
N LEU F 102 -19.73 -5.38 0.51
CA LEU F 102 -19.86 -6.66 -0.17
C LEU F 102 -20.36 -7.71 0.80
N GLU F 103 -19.78 -7.71 1.99
CA GLU F 103 -20.05 -8.79 2.93
C GLU F 103 -21.39 -8.56 3.64
N ASN F 104 -21.96 -7.36 3.50
CA ASN F 104 -23.34 -7.13 3.90
C ASN F 104 -24.29 -7.81 2.91
N GLU F 105 -23.98 -7.70 1.62
CA GLU F 105 -24.77 -8.35 0.59
C GLU F 105 -24.68 -9.86 0.71
N ARG F 106 -23.55 -10.35 1.24
CA ARG F 106 -23.36 -11.78 1.44
C ARG F 106 -24.18 -12.32 2.63
N THR F 107 -24.10 -11.68 3.81
CA THR F 107 -24.93 -12.12 4.93
C THR F 107 -26.43 -11.88 4.69
N LEU F 108 -26.79 -10.92 3.83
CA LEU F 108 -28.20 -10.71 3.56
C LEU F 108 -28.69 -11.87 2.70
N ASP F 109 -27.86 -12.27 1.75
CA ASP F 109 -28.18 -13.40 0.89
C ASP F 109 -28.03 -14.70 1.69
N PHE F 110 -27.52 -14.60 2.91
CA PHE F 110 -27.33 -15.77 3.74
C PHE F 110 -28.64 -16.26 4.31
N HIS F 111 -29.23 -15.44 5.18
CA HIS F 111 -30.56 -15.72 5.74
C HIS F 111 -31.57 -16.05 4.63
N ASP F 112 -31.51 -15.33 3.52
CA ASP F 112 -32.39 -15.61 2.38
C ASP F 112 -32.21 -17.03 1.83
N SER F 113 -31.02 -17.60 1.95
CA SER F 113 -30.86 -19.01 1.65
C SER F 113 -31.38 -19.88 2.80
N ASN F 114 -31.09 -19.46 4.04
CA ASN F 114 -31.45 -20.24 5.23
C ASN F 114 -32.96 -20.41 5.40
N VAL F 115 -33.69 -19.32 5.18
CA VAL F 115 -35.15 -19.35 5.13
C VAL F 115 -35.64 -20.35 4.09
N ARG F 116 -35.31 -20.09 2.82
CA ARG F 116 -35.66 -20.98 1.72
C ARG F 116 -35.25 -22.44 1.95
N ASN F 117 -34.11 -22.64 2.59
CA ASN F 117 -33.69 -23.97 2.98
C ASN F 117 -34.69 -24.57 3.96
N LEU F 118 -35.11 -23.75 4.92
CA LEU F 118 -36.00 -24.16 5.99
C LEU F 118 -37.40 -24.54 5.52
N TYR F 119 -37.84 -23.88 4.45
CA TYR F 119 -39.11 -24.19 3.80
C TYR F 119 -39.01 -25.39 2.85
N GLU F 120 -37.84 -25.56 2.25
CA GLU F 120 -37.64 -26.61 1.25
C GLU F 120 -37.44 -27.99 1.87
N LYS F 121 -37.18 -28.01 3.17
CA LYS F 121 -37.06 -29.28 3.88
C LYS F 121 -38.43 -29.90 4.18
N VAL F 122 -39.37 -29.09 4.66
CA VAL F 122 -40.70 -29.54 5.06
C VAL F 122 -41.60 -29.86 3.87
N LYS F 123 -41.25 -29.30 2.72
CA LYS F 123 -41.86 -29.68 1.45
C LYS F 123 -41.36 -31.10 1.07
N SER F 124 -40.13 -31.42 1.47
CA SER F 124 -39.56 -32.76 1.31
C SER F 124 -39.74 -33.65 2.55
N GLN F 125 -40.46 -33.12 3.55
CA GLN F 125 -40.80 -33.87 4.77
C GLN F 125 -42.22 -34.49 4.68
N LEU F 126 -43.23 -33.64 4.59
CA LEU F 126 -44.63 -34.09 4.53
C LEU F 126 -45.10 -34.39 3.09
N LYS F 127 -44.24 -34.11 2.12
CA LYS F 127 -44.37 -34.57 0.73
C LYS F 127 -45.72 -34.38 0.02
N ASN F 128 -46.15 -35.43 -0.68
CA ASN F 128 -47.33 -35.41 -1.56
C ASN F 128 -48.68 -35.30 -0.84
N ASN F 129 -48.71 -35.62 0.45
CA ASN F 129 -49.94 -35.58 1.22
C ASN F 129 -50.52 -34.16 1.33
N ALA F 130 -49.65 -33.17 1.30
CA ALA F 130 -50.08 -31.78 1.32
C ALA F 130 -49.71 -31.06 0.01
N LYS F 131 -50.10 -29.79 -0.08
CA LYS F 131 -49.70 -28.92 -1.18
C LYS F 131 -49.49 -27.51 -0.64
N GLU F 132 -48.89 -26.63 -1.44
CA GLU F 132 -48.67 -25.27 -1.01
C GLU F 132 -49.90 -24.39 -1.17
N ILE F 133 -50.38 -23.85 -0.07
CA ILE F 133 -51.43 -22.85 -0.16
C ILE F 133 -50.78 -21.57 -0.65
N GLY F 134 -49.70 -21.17 0.01
CA GLY F 134 -48.85 -20.11 -0.50
C GLY F 134 -48.09 -19.41 0.59
N ASN F 135 -47.19 -18.53 0.18
CA ASN F 135 -46.51 -17.61 1.10
C ASN F 135 -45.77 -18.27 2.26
N GLY F 136 -45.27 -19.48 2.06
CA GLY F 136 -44.59 -20.19 3.12
C GLY F 136 -45.54 -20.57 4.23
N CYS F 137 -46.80 -20.78 3.86
CA CYS F 137 -47.77 -21.43 4.72
C CYS F 137 -47.99 -22.80 4.10
N PHE F 138 -47.92 -23.85 4.90
CA PHE F 138 -48.10 -25.21 4.40
C PHE F 138 -49.39 -25.74 4.98
N GLU F 139 -50.41 -25.95 4.17
CA GLU F 139 -51.66 -26.46 4.72
C GLU F 139 -51.52 -27.92 5.13
N PHE F 140 -52.17 -28.26 6.24
CA PHE F 140 -51.97 -29.55 6.87
C PHE F 140 -53.07 -30.53 6.49
N TYR F 141 -52.64 -31.63 5.89
CA TYR F 141 -53.54 -32.63 5.35
C TYR F 141 -54.25 -33.48 6.40
N HIS F 142 -53.62 -33.61 7.58
CA HIS F 142 -54.17 -34.36 8.70
C HIS F 142 -54.74 -33.44 9.77
N LYS F 143 -55.21 -34.06 10.84
CA LYS F 143 -55.29 -33.37 12.11
C LYS F 143 -53.90 -33.55 12.70
N CYS F 144 -53.32 -32.49 13.24
CA CYS F 144 -52.08 -32.69 13.99
C CYS F 144 -51.96 -31.80 15.23
N ASP F 145 -50.90 -32.01 15.99
CA ASP F 145 -50.96 -31.77 17.42
C ASP F 145 -49.78 -31.01 18.02
N ASP F 146 -49.81 -30.88 19.34
CA ASP F 146 -48.72 -30.28 20.07
C ASP F 146 -47.61 -31.31 20.25
N ALA F 147 -47.93 -32.58 20.01
CA ALA F 147 -46.91 -33.60 19.78
C ALA F 147 -46.37 -33.50 18.36
N CYS F 148 -47.30 -33.42 17.41
CA CYS F 148 -46.98 -33.48 15.98
C CYS F 148 -46.33 -32.20 15.45
N MET F 149 -46.68 -31.06 16.04
CA MET F 149 -46.03 -29.81 15.64
C MET F 149 -44.87 -29.45 16.60
N GLU F 150 -44.60 -30.35 17.53
CA GLU F 150 -43.33 -30.39 18.24
C GLU F 150 -42.38 -31.25 17.43
N SER F 151 -42.96 -31.96 16.47
CA SER F 151 -42.25 -32.97 15.70
C SER F 151 -41.30 -32.35 14.67
N VAL F 152 -41.71 -31.24 14.07
CA VAL F 152 -40.85 -30.51 13.14
C VAL F 152 -39.71 -29.80 13.91
N ARG F 153 -40.02 -29.36 15.12
CA ARG F 153 -39.04 -28.77 16.04
C ARG F 153 -37.88 -29.73 16.30
N ASN F 154 -38.21 -30.88 16.89
CA ASN F 154 -37.21 -31.88 17.25
C ASN F 154 -36.83 -32.71 16.03
N GLY F 155 -37.45 -32.40 14.89
CA GLY F 155 -37.14 -33.03 13.61
C GLY F 155 -37.78 -34.39 13.51
N THR F 156 -38.26 -34.88 14.67
CA THR F 156 -38.69 -36.25 14.88
C THR F 156 -39.94 -36.56 14.08
N TYR F 157 -39.86 -37.59 13.23
CA TYR F 157 -40.93 -37.80 12.26
C TYR F 157 -41.34 -39.25 11.99
N ASP F 158 -42.64 -39.53 12.11
CA ASP F 158 -43.22 -40.74 11.56
C ASP F 158 -44.20 -40.41 10.41
N TYR F 159 -43.79 -40.71 9.18
CA TYR F 159 -44.72 -40.80 8.06
C TYR F 159 -45.66 -42.00 8.23
N PRO F 160 -45.12 -43.20 8.53
CA PRO F 160 -46.03 -44.35 8.66
C PRO F 160 -47.22 -44.15 9.60
N LYS F 161 -46.98 -43.56 10.77
CA LYS F 161 -47.99 -43.37 11.81
C LYS F 161 -49.27 -42.69 11.33
N TYR F 162 -49.12 -41.41 11.00
CA TYR F 162 -50.22 -40.50 10.68
C TYR F 162 -50.92 -40.74 9.34
N SER F 163 -50.19 -41.33 8.40
CA SER F 163 -50.45 -41.18 6.96
C SER F 163 -51.81 -41.54 6.34
N GLU F 164 -52.62 -42.35 7.01
CA GLU F 164 -53.83 -42.90 6.39
C GLU F 164 -54.94 -41.87 6.10
N GLU F 165 -55.07 -40.89 6.99
CA GLU F 165 -56.18 -39.95 6.94
C GLU F 165 -56.27 -39.06 5.69
N SER F 166 -55.17 -38.95 4.93
CA SER F 166 -55.17 -38.08 3.74
C SER F 166 -55.57 -38.82 2.48
N LYS F 167 -55.82 -40.12 2.61
CA LYS F 167 -56.37 -40.91 1.53
C LYS F 167 -57.73 -40.33 1.15
N LEU F 168 -58.36 -39.68 2.14
CA LEU F 168 -59.61 -38.97 1.94
C LEU F 168 -59.36 -37.54 1.48
N ASN F 169 -58.81 -36.76 2.40
CA ASN F 169 -59.18 -35.36 2.57
C ASN F 169 -59.03 -34.36 1.42
N ARG F 170 -58.31 -34.72 0.36
CA ARG F 170 -58.31 -33.87 -0.83
C ARG F 170 -59.63 -33.96 -1.62
N GLU F 171 -60.01 -35.19 -1.95
CA GLU F 171 -61.09 -35.44 -2.91
C GLU F 171 -62.49 -35.25 -2.32
N PRO G 22 5.33 -26.27 -22.02
CA PRO G 22 4.54 -25.38 -21.18
C PRO G 22 3.72 -26.11 -20.12
N TRP G 23 4.08 -25.93 -18.85
CA TRP G 23 3.30 -26.48 -17.75
C TRP G 23 3.18 -25.46 -16.61
N LYS G 24 1.94 -25.23 -16.15
CA LYS G 24 1.62 -24.15 -15.22
C LYS G 24 1.06 -24.67 -13.91
N PHE G 25 1.09 -23.83 -12.88
CA PHE G 25 0.56 -24.18 -11.56
C PHE G 25 -0.90 -24.59 -11.67
N SER G 26 -1.66 -23.84 -12.46
CA SER G 26 -3.08 -24.11 -12.67
C SER G 26 -3.36 -25.38 -13.47
N GLU G 27 -2.44 -25.76 -14.36
CA GLU G 27 -2.57 -27.00 -15.12
C GLU G 27 -2.15 -28.21 -14.31
N ASN G 28 -1.36 -27.96 -13.27
CA ASN G 28 -1.00 -28.96 -12.27
C ASN G 28 -2.09 -28.90 -11.20
N ILE G 29 -3.15 -28.16 -11.53
CA ILE G 29 -4.44 -28.18 -10.82
C ILE G 29 -5.55 -29.06 -11.49
N ALA G 30 -5.83 -28.87 -12.78
CA ALA G 30 -6.69 -29.82 -13.53
C ALA G 30 -6.08 -31.24 -13.58
N PHE G 31 -4.76 -31.34 -13.50
CA PHE G 31 -4.08 -32.64 -13.54
C PHE G 31 -4.29 -33.54 -12.31
N GLU G 32 -3.88 -33.10 -11.13
CA GLU G 32 -3.91 -33.97 -9.95
C GLU G 32 -5.32 -34.30 -9.45
N ILE G 33 -6.29 -33.46 -9.78
CA ILE G 33 -7.66 -33.81 -9.42
C ILE G 33 -8.09 -34.99 -10.29
N ALA G 34 -7.63 -34.99 -11.53
CA ALA G 34 -7.95 -36.04 -12.50
C ALA G 34 -7.15 -37.31 -12.27
N LEU G 35 -6.12 -37.21 -11.43
CA LEU G 35 -5.33 -38.38 -11.04
C LEU G 35 -5.87 -38.94 -9.73
N SER G 36 -6.85 -38.25 -9.16
CA SER G 36 -7.62 -38.79 -8.05
C SER G 36 -8.75 -39.63 -8.66
N PHE G 37 -8.94 -39.43 -9.96
CA PHE G 37 -9.96 -40.11 -10.74
C PHE G 37 -9.38 -41.35 -11.46
N THR G 38 -8.08 -41.59 -11.29
CA THR G 38 -7.44 -42.76 -11.89
C THR G 38 -6.85 -43.70 -10.83
N ASN G 39 -6.67 -44.98 -11.19
CA ASN G 39 -6.49 -46.06 -10.20
C ASN G 39 -5.14 -46.78 -10.23
N LYS G 40 -4.76 -47.37 -9.09
CA LYS G 40 -3.50 -48.09 -8.93
C LYS G 40 -3.38 -49.39 -9.74
N ASP G 41 -4.51 -50.05 -9.97
CA ASP G 41 -4.59 -51.01 -11.07
C ASP G 41 -5.46 -50.30 -12.07
N THR G 42 -4.87 -49.78 -13.15
CA THR G 42 -5.49 -48.68 -13.88
C THR G 42 -6.83 -49.05 -14.52
N PRO G 43 -7.92 -48.50 -13.97
CA PRO G 43 -9.23 -48.98 -14.41
C PRO G 43 -9.76 -48.17 -15.58
N ASP G 44 -9.02 -48.11 -16.68
CA ASP G 44 -9.38 -47.16 -17.73
C ASP G 44 -8.54 -47.28 -19.00
N ARG G 45 -9.03 -46.62 -20.04
CA ARG G 45 -8.21 -46.34 -21.20
C ARG G 45 -7.40 -45.08 -20.90
N TRP G 46 -7.55 -44.59 -19.67
CA TRP G 46 -6.64 -43.63 -19.01
C TRP G 46 -6.61 -42.18 -19.50
N LYS G 47 -7.40 -41.86 -20.53
CA LYS G 47 -7.53 -40.47 -20.98
C LYS G 47 -8.57 -39.76 -20.13
N LYS G 48 -9.05 -40.47 -19.12
CA LYS G 48 -10.00 -39.94 -18.14
C LYS G 48 -9.35 -38.84 -17.30
N VAL G 49 -8.03 -38.76 -17.37
CA VAL G 49 -7.29 -37.58 -16.93
C VAL G 49 -7.25 -36.48 -18.00
N ALA G 50 -7.04 -36.89 -19.25
CA ALA G 50 -6.81 -35.97 -20.39
C ALA G 50 -8.02 -35.11 -20.83
N GLN G 51 -9.25 -35.57 -20.60
CA GLN G 51 -10.43 -34.81 -20.97
C GLN G 51 -10.68 -33.64 -20.01
N TYR G 52 -10.03 -33.72 -18.85
CA TYR G 52 -10.15 -32.71 -17.80
C TYR G 52 -9.02 -31.68 -17.81
N VAL G 53 -8.07 -31.85 -18.73
CA VAL G 53 -6.92 -30.96 -18.81
C VAL G 53 -7.14 -29.78 -19.74
N LYS G 54 -8.27 -29.79 -20.45
CA LYS G 54 -8.51 -28.84 -21.53
C LYS G 54 -7.27 -28.89 -22.43
N GLY G 55 -6.84 -27.72 -22.92
CA GLY G 55 -5.44 -27.43 -23.16
C GLY G 55 -4.53 -28.47 -23.79
N ARG G 56 -3.40 -28.71 -23.11
CA ARG G 56 -2.38 -29.66 -23.55
C ARG G 56 -2.95 -31.06 -23.67
N THR G 57 -2.37 -31.84 -24.58
CA THR G 57 -2.97 -33.05 -25.13
C THR G 57 -3.05 -34.26 -24.19
N PRO G 58 -3.57 -35.38 -24.72
CA PRO G 58 -3.39 -36.69 -24.10
C PRO G 58 -1.93 -37.09 -24.26
N GLU G 59 -1.34 -36.60 -25.36
CA GLU G 59 0.10 -36.69 -25.59
C GLU G 59 0.90 -35.98 -24.48
N GLU G 60 0.73 -34.66 -24.40
CA GLU G 60 1.41 -33.82 -23.40
C GLU G 60 1.11 -34.24 -21.95
N VAL G 61 -0.03 -34.88 -21.73
CA VAL G 61 -0.41 -35.38 -20.41
C VAL G 61 0.38 -36.64 -20.09
N LYS G 62 0.62 -37.45 -21.12
CA LYS G 62 1.14 -38.80 -20.99
C LYS G 62 2.46 -38.92 -20.23
N LYS G 63 3.47 -38.17 -20.65
CA LYS G 63 4.80 -38.30 -20.05
C LYS G 63 4.85 -37.74 -18.63
N HIS G 64 3.88 -36.91 -18.33
CA HIS G 64 3.93 -35.99 -17.21
C HIS G 64 3.61 -36.66 -15.87
N TYR G 65 3.30 -37.94 -15.90
CA TYR G 65 3.03 -38.67 -14.65
C TYR G 65 4.32 -39.13 -13.95
N GLU G 66 5.45 -39.06 -14.65
CA GLU G 66 6.70 -39.69 -14.22
C GLU G 66 6.56 -41.22 -14.14
N GLY H 20 -30.12 18.43 -9.54
CA GLY H 20 -30.10 19.44 -10.59
C GLY H 20 -29.94 18.80 -11.95
N ARG H 21 -29.05 19.35 -12.76
CA ARG H 21 -28.55 18.66 -13.95
C ARG H 21 -27.62 17.47 -13.66
N PRO H 22 -26.55 17.70 -12.87
CA PRO H 22 -25.30 16.97 -13.09
C PRO H 22 -25.38 15.45 -13.04
N TRP H 23 -24.85 14.81 -14.08
CA TRP H 23 -24.84 13.36 -14.20
C TRP H 23 -23.74 12.72 -13.36
N LYS H 24 -24.12 11.82 -12.47
CA LYS H 24 -23.17 10.88 -11.89
C LYS H 24 -22.91 9.82 -12.95
N PHE H 25 -21.78 9.13 -12.85
CA PHE H 25 -21.41 8.14 -13.86
C PHE H 25 -22.34 6.92 -13.81
N SER H 26 -22.86 6.62 -12.63
CA SER H 26 -23.81 5.54 -12.45
C SER H 26 -25.09 5.74 -13.28
N GLU H 27 -25.69 6.93 -13.16
CA GLU H 27 -26.86 7.30 -13.96
C GLU H 27 -26.65 7.11 -15.46
N ASN H 28 -25.54 7.65 -15.99
CA ASN H 28 -25.26 7.56 -17.41
C ASN H 28 -25.12 6.12 -17.89
N ILE H 29 -24.87 5.20 -16.96
CA ILE H 29 -24.82 3.77 -17.27
C ILE H 29 -26.24 3.22 -17.42
N ALA H 30 -27.08 3.51 -16.44
CA ALA H 30 -28.48 3.15 -16.49
C ALA H 30 -29.13 3.74 -17.76
N PHE H 31 -28.69 4.95 -18.12
CA PHE H 31 -29.12 5.65 -19.34
C PHE H 31 -28.85 4.81 -20.59
N GLU H 32 -27.58 4.57 -20.87
CA GLU H 32 -27.19 3.84 -22.07
C GLU H 32 -27.83 2.45 -22.15
N ILE H 33 -28.11 1.85 -20.98
CA ILE H 33 -28.83 0.57 -20.90
C ILE H 33 -30.32 0.69 -21.25
N ALA H 34 -31.01 1.62 -20.61
CA ALA H 34 -32.41 1.86 -20.89
C ALA H 34 -32.60 2.39 -22.32
N LEU H 35 -31.76 3.32 -22.75
CA LEU H 35 -31.89 3.88 -24.09
C LEU H 35 -31.49 2.89 -25.17
N SER H 36 -30.97 1.72 -24.77
CA SER H 36 -30.74 0.63 -25.72
C SER H 36 -32.05 -0.15 -25.94
N PHE H 37 -33.08 0.21 -25.17
CA PHE H 37 -34.44 -0.26 -25.43
C PHE H 37 -35.11 0.88 -26.16
N THR H 38 -35.26 0.67 -27.47
CA THR H 38 -35.20 1.77 -28.41
C THR H 38 -35.20 1.22 -29.81
N ASN H 39 -34.96 2.12 -30.75
CA ASN H 39 -34.44 1.74 -32.06
C ASN H 39 -35.55 1.27 -32.98
N LYS H 40 -36.73 1.11 -32.40
CA LYS H 40 -37.96 1.39 -33.12
C LYS H 40 -38.15 2.85 -32.72
N ASP H 41 -38.71 3.68 -33.58
CA ASP H 41 -39.25 4.93 -33.05
C ASP H 41 -40.35 4.45 -32.12
N THR H 42 -40.33 4.90 -30.86
CA THR H 42 -41.27 4.35 -29.86
C THR H 42 -42.01 5.43 -29.07
N PRO H 43 -43.24 5.11 -28.63
CA PRO H 43 -44.08 6.08 -27.93
C PRO H 43 -43.50 6.47 -26.58
N ASP H 44 -43.55 7.77 -26.26
CA ASP H 44 -43.10 8.29 -24.97
C ASP H 44 -41.69 7.81 -24.59
N ARG H 45 -40.75 7.99 -25.52
CA ARG H 45 -39.38 7.49 -25.36
C ARG H 45 -38.66 8.01 -24.12
N TRP H 46 -39.15 9.12 -23.55
CA TRP H 46 -38.55 9.66 -22.33
C TRP H 46 -38.84 8.78 -21.12
N LYS H 47 -40.14 8.51 -20.90
CA LYS H 47 -40.58 7.72 -19.77
C LYS H 47 -40.35 6.22 -19.99
N LYS H 48 -40.24 5.80 -21.25
CA LYS H 48 -39.95 4.40 -21.56
C LYS H 48 -38.57 4.03 -21.05
N VAL H 49 -37.67 5.01 -21.08
CA VAL H 49 -36.35 4.91 -20.48
C VAL H 49 -36.35 5.19 -18.97
N ALA H 50 -37.09 6.22 -18.56
CA ALA H 50 -36.95 6.83 -17.24
C ALA H 50 -37.65 6.08 -16.11
N GLN H 51 -38.28 4.95 -16.43
CA GLN H 51 -38.68 4.02 -15.38
C GLN H 51 -37.41 3.45 -14.76
N TYR H 52 -36.51 3.04 -15.65
CA TYR H 52 -35.29 2.32 -15.29
C TYR H 52 -34.18 3.21 -14.70
N VAL H 53 -34.31 4.52 -14.85
CA VAL H 53 -33.37 5.44 -14.19
C VAL H 53 -33.98 5.95 -12.90
N LYS H 54 -33.28 5.76 -11.78
CA LYS H 54 -33.80 6.22 -10.49
C LYS H 54 -33.81 7.74 -10.43
N GLY H 55 -34.92 8.29 -9.94
CA GLY H 55 -35.06 9.73 -9.72
C GLY H 55 -34.85 10.64 -10.92
N ARG H 56 -35.23 10.18 -12.11
CA ARG H 56 -35.05 10.99 -13.30
C ARG H 56 -36.39 11.48 -13.87
N THR H 57 -36.47 12.78 -14.14
CA THR H 57 -37.61 13.33 -14.84
C THR H 57 -37.50 12.93 -16.29
N PRO H 58 -38.64 12.58 -16.92
CA PRO H 58 -38.63 12.20 -18.34
C PRO H 58 -38.12 13.34 -19.20
N GLU H 59 -38.41 14.57 -18.77
CA GLU H 59 -37.89 15.75 -19.42
C GLU H 59 -36.37 15.85 -19.23
N GLU H 60 -35.91 15.52 -18.02
CA GLU H 60 -34.49 15.55 -17.67
C GLU H 60 -33.67 14.47 -18.39
N VAL H 61 -34.31 13.34 -18.67
CA VAL H 61 -33.67 12.24 -19.40
C VAL H 61 -33.52 12.55 -20.89
N LYS H 62 -34.28 13.55 -21.36
CA LYS H 62 -34.36 13.85 -22.79
C LYS H 62 -33.11 14.53 -23.36
N LYS H 63 -32.87 15.77 -22.94
CA LYS H 63 -31.82 16.61 -23.54
C LYS H 63 -30.41 16.01 -23.44
N HIS H 64 -30.23 15.02 -22.57
CA HIS H 64 -28.93 14.38 -22.44
C HIS H 64 -28.52 13.66 -23.73
N TYR H 65 -29.51 13.25 -24.52
CA TYR H 65 -29.26 12.65 -25.82
C TYR H 65 -28.48 13.66 -26.68
N GLU H 66 -28.80 14.93 -26.48
CA GLU H 66 -28.07 16.02 -27.09
C GLU H 66 -27.14 16.70 -26.07
N GLY I 20 -7.85 -19.88 25.48
CA GLY I 20 -7.75 -19.15 26.73
C GLY I 20 -9.08 -18.85 27.36
N ARG I 21 -9.10 -17.97 28.36
CA ARG I 21 -10.34 -17.37 28.86
C ARG I 21 -11.00 -16.34 27.93
N PRO I 22 -10.20 -15.36 27.46
CA PRO I 22 -10.58 -13.95 27.49
C PRO I 22 -11.80 -13.55 26.69
N TRP I 23 -12.47 -12.51 27.18
CA TRP I 23 -13.69 -12.03 26.57
C TRP I 23 -13.35 -11.26 25.30
N LYS I 24 -13.88 -11.74 24.18
CA LYS I 24 -13.54 -11.20 22.86
C LYS I 24 -14.62 -10.28 22.31
N PHE I 25 -14.35 -9.73 21.13
CA PHE I 25 -15.27 -8.81 20.47
C PHE I 25 -16.40 -9.50 19.68
N SER I 26 -16.05 -10.57 18.98
CA SER I 26 -17.02 -11.33 18.20
C SER I 26 -18.03 -12.05 19.08
N GLU I 27 -17.58 -12.54 20.22
CA GLU I 27 -18.48 -13.18 21.17
C GLU I 27 -19.33 -12.15 21.91
N ASN I 28 -18.80 -10.93 22.03
CA ASN I 28 -19.52 -9.82 22.64
C ASN I 28 -20.68 -9.38 21.77
N ILE I 29 -20.55 -9.59 20.46
CA ILE I 29 -21.63 -9.34 19.51
C ILE I 29 -22.78 -10.33 19.71
N ALA I 30 -22.45 -11.62 19.74
CA ALA I 30 -23.43 -12.67 20.03
C ALA I 30 -24.03 -12.54 21.43
N PHE I 31 -23.25 -12.01 22.37
CA PHE I 31 -23.75 -11.69 23.71
C PHE I 31 -24.87 -10.65 23.65
N GLU I 32 -24.84 -9.79 22.62
CA GLU I 32 -25.88 -8.79 22.41
C GLU I 32 -27.12 -9.39 21.74
N ILE I 33 -26.92 -10.46 20.98
CA ILE I 33 -28.01 -11.19 20.35
C ILE I 33 -28.65 -12.12 21.39
N ALA I 34 -28.04 -12.20 22.57
CA ALA I 34 -28.60 -12.93 23.68
C ALA I 34 -29.71 -12.13 24.35
N LEU I 35 -29.32 -11.05 25.03
CA LEU I 35 -30.26 -10.18 25.75
C LEU I 35 -31.26 -9.51 24.80
N SER I 36 -30.94 -9.52 23.52
CA SER I 36 -31.90 -9.21 22.48
C SER I 36 -33.00 -10.27 22.53
N PHE I 37 -32.57 -11.53 22.45
CA PHE I 37 -33.46 -12.68 22.39
C PHE I 37 -34.20 -12.98 23.70
N THR I 38 -33.75 -12.42 24.82
CA THR I 38 -34.36 -12.72 26.11
C THR I 38 -34.75 -11.47 26.88
N ASN I 39 -36.04 -11.36 27.21
CA ASN I 39 -36.54 -10.23 27.98
C ASN I 39 -36.21 -10.37 29.47
N LYS I 40 -36.80 -9.50 30.28
CA LYS I 40 -36.69 -9.62 31.74
C LYS I 40 -37.22 -10.98 32.19
N ASP I 41 -38.22 -11.47 31.47
CA ASP I 41 -38.76 -12.81 31.70
C ASP I 41 -38.58 -13.71 30.48
N THR I 42 -37.76 -14.74 30.62
CA THR I 42 -37.69 -15.82 29.65
C THR I 42 -37.37 -17.12 30.37
N PRO I 43 -37.94 -18.24 29.90
CA PRO I 43 -37.62 -19.56 30.48
C PRO I 43 -36.22 -19.99 30.07
N ASP I 44 -35.44 -20.51 31.00
CA ASP I 44 -34.04 -20.86 30.74
C ASP I 44 -33.30 -19.66 30.13
N ARG I 45 -33.46 -18.50 30.75
CA ARG I 45 -32.95 -17.23 30.24
C ARG I 45 -31.45 -17.20 29.93
N TRP I 46 -30.62 -17.27 30.97
CA TRP I 46 -29.17 -17.28 30.78
C TRP I 46 -28.72 -18.52 30.02
N LYS I 47 -29.56 -19.55 30.02
CA LYS I 47 -29.32 -20.74 29.22
C LYS I 47 -29.65 -20.48 27.75
N LYS I 48 -30.69 -19.67 27.51
CA LYS I 48 -31.03 -19.23 26.16
C LYS I 48 -30.27 -17.96 25.78
N VAL I 49 -29.45 -17.46 26.69
CA VAL I 49 -28.42 -16.50 26.33
C VAL I 49 -27.24 -17.25 25.71
N ALA I 50 -26.77 -18.26 26.42
CA ALA I 50 -25.55 -18.96 26.06
C ALA I 50 -25.76 -20.10 25.06
N GLN I 51 -27.01 -20.40 24.72
CA GLN I 51 -27.30 -21.44 23.74
C GLN I 51 -26.78 -21.02 22.36
N TYR I 52 -27.03 -19.76 22.01
CA TYR I 52 -26.65 -19.18 20.73
C TYR I 52 -25.14 -18.98 20.62
N VAL I 53 -24.53 -18.49 21.71
CA VAL I 53 -23.09 -18.33 21.77
C VAL I 53 -22.38 -19.69 21.83
N LYS I 54 -21.29 -19.83 21.08
CA LYS I 54 -20.47 -21.02 21.17
C LYS I 54 -19.45 -20.79 22.28
N GLY I 55 -18.51 -21.73 22.45
CA GLY I 55 -17.27 -21.44 23.14
C GLY I 55 -17.31 -21.07 24.62
N ARG I 56 -18.50 -20.95 25.19
CA ARG I 56 -18.60 -20.61 26.61
C ARG I 56 -19.72 -21.42 27.22
N THR I 57 -19.76 -21.46 28.56
CA THR I 57 -20.86 -22.11 29.24
C THR I 57 -21.64 -21.05 30.02
N PRO I 58 -22.94 -21.27 30.22
CA PRO I 58 -23.97 -20.36 30.76
C PRO I 58 -23.63 -19.66 32.08
N GLU I 59 -22.71 -20.19 32.87
CA GLU I 59 -22.29 -19.53 34.11
C GLU I 59 -21.57 -18.21 33.82
N GLU I 60 -20.95 -18.14 32.63
CA GLU I 60 -20.32 -16.92 32.14
C GLU I 60 -21.31 -15.89 31.56
N VAL I 61 -22.17 -16.35 30.65
CA VAL I 61 -22.98 -15.48 29.77
C VAL I 61 -23.88 -14.45 30.46
N LYS I 62 -24.41 -14.81 31.63
CA LYS I 62 -25.20 -13.86 32.41
C LYS I 62 -24.27 -12.90 33.17
N LYS I 63 -23.20 -13.47 33.73
CA LYS I 63 -22.32 -12.81 34.68
C LYS I 63 -21.55 -11.58 34.17
N HIS I 64 -21.55 -11.36 32.85
CA HIS I 64 -20.93 -10.16 32.29
C HIS I 64 -21.86 -8.95 32.43
N TYR I 65 -23.15 -9.23 32.22
CA TYR I 65 -24.11 -8.27 31.69
C TYR I 65 -24.20 -6.95 32.46
N GLU I 66 -23.56 -6.86 33.62
CA GLU I 66 -23.31 -5.53 34.19
C GLU I 66 -22.61 -4.69 33.12
C1 NAG J . 40.16 -7.94 10.97
C2 NAG J . 41.12 -7.01 11.68
C3 NAG J . 41.53 -7.50 13.07
C4 NAG J . 40.28 -7.72 13.93
C5 NAG J . 39.24 -8.54 13.19
C6 NAG J . 37.90 -8.38 13.92
C7 NAG J . 42.46 -5.65 10.21
C8 NAG J . 43.70 -5.48 9.39
N2 NAG J . 42.32 -6.78 10.89
O3 NAG J . 42.38 -6.51 13.60
O4 NAG J . 40.51 -8.49 15.11
O5 NAG J . 39.06 -8.22 11.82
O6 NAG J . 37.24 -9.60 14.00
O7 NAG J . 41.61 -4.77 10.23
C1 NAG J . 40.36 -7.79 16.37
C2 NAG J . 40.59 -8.72 17.56
C3 NAG J . 40.17 -7.92 18.78
C4 NAG J . 41.04 -6.69 18.93
C5 NAG J . 41.19 -5.88 17.64
C6 NAG J . 42.52 -5.13 17.68
C7 NAG J . 40.29 -11.05 16.83
C8 NAG J . 39.26 -11.95 16.22
N2 NAG J . 39.84 -9.96 17.48
O3 NAG J . 40.25 -8.67 19.97
O4 NAG J . 40.42 -5.91 19.91
O5 NAG J . 41.22 -6.67 16.45
O6 NAG J . 42.39 -4.01 18.51
O7 NAG J . 41.48 -11.32 16.67
C1 BMA J . 41.31 -5.68 21.02
C2 BMA J . 41.06 -4.26 21.51
C3 BMA J . 42.02 -3.86 22.62
C4 BMA J . 42.04 -4.95 23.69
C5 BMA J . 42.15 -6.35 23.08
C6 BMA J . 42.06 -7.45 24.15
O2 BMA J . 39.74 -4.18 22.01
O3 BMA J . 41.62 -2.63 23.18
O4 BMA J . 43.12 -4.67 24.55
O5 BMA J . 41.15 -6.58 22.11
O6 BMA J . 41.87 -8.72 23.54
C1 NAG K . 22.46 25.62 -24.69
C2 NAG K . 23.95 25.98 -24.46
C3 NAG K . 24.81 25.57 -25.66
C4 NAG K . 24.62 24.11 -26.05
C5 NAG K . 23.15 23.73 -26.11
C6 NAG K . 23.09 22.22 -26.00
C7 NAG K . 24.32 27.99 -23.04
C8 NAG K . 24.56 29.49 -22.95
N2 NAG K . 24.15 27.41 -24.24
O3 NAG K . 26.18 25.78 -25.39
O4 NAG K . 25.17 23.87 -27.33
O5 NAG K . 22.45 24.24 -25.00
O6 NAG K . 21.89 21.78 -26.55
O7 NAG K . 24.28 27.35 -21.98
C1 NAG K . 26.23 22.89 -27.24
C2 NAG K . 26.59 22.36 -28.62
C3 NAG K . 27.60 21.23 -28.44
C4 NAG K . 28.83 21.80 -27.75
C5 NAG K . 28.50 22.65 -26.53
C6 NAG K . 29.63 23.62 -26.25
C7 NAG K . 24.82 22.73 -30.20
C8 NAG K . 23.57 22.22 -30.84
N2 NAG K . 25.42 21.91 -29.35
O3 NAG K . 27.96 20.72 -29.70
O4 NAG K . 29.63 20.72 -27.35
O5 NAG K . 27.38 23.48 -26.70
O6 NAG K . 30.62 22.95 -25.50
O7 NAG K . 25.25 23.87 -30.47
C1 BMA K . 30.95 20.83 -27.92
C2 BMA K . 31.77 19.60 -27.53
C3 BMA K . 33.24 19.91 -27.87
C4 BMA K . 33.36 20.27 -29.35
C5 BMA K . 32.30 21.32 -29.77
C6 BMA K . 32.23 21.46 -31.28
O2 BMA K . 31.29 18.46 -28.22
O3 BMA K . 34.13 18.85 -27.47
O4 BMA K . 34.65 20.77 -29.59
O5 BMA K . 31.00 20.98 -29.32
O6 BMA K . 33.47 21.93 -31.77
C1 NAG L . 9.75 32.29 25.57
C2 NAG L . 10.74 33.39 25.23
C3 NAG L . 10.01 34.71 25.26
C4 NAG L . 8.87 34.75 24.26
C5 NAG L . 7.99 33.53 24.44
C6 NAG L . 6.93 33.59 23.35
C7 NAG L . 12.90 32.85 26.17
C8 NAG L . 13.87 33.06 27.29
N2 NAG L . 11.74 33.49 26.26
O3 NAG L . 10.93 35.74 25.01
O4 NAG L . 8.09 35.91 24.50
O5 NAG L . 8.71 32.30 24.56
O6 NAG L . 5.92 32.69 23.71
O7 NAG L . 13.19 32.11 25.24
C1 NAG L . 8.24 36.92 23.47
C2 NAG L . 7.16 38.01 23.63
C3 NAG L . 7.26 39.03 22.50
C4 NAG L . 8.70 39.46 22.27
C5 NAG L . 9.72 38.32 22.37
C6 NAG L . 11.15 38.86 22.46
C7 NAG L . 5.26 37.32 24.87
C8 NAG L . 4.03 36.46 24.96
N2 NAG L . 5.83 37.47 23.68
O3 NAG L . 6.48 40.14 22.85
O4 NAG L . 8.76 40.04 20.98
O5 NAG L . 9.52 37.51 23.50
O6 NAG L . 11.55 39.19 21.15
O7 NAG L . 5.74 37.86 25.89
C1 BMA L . 9.05 41.43 21.13
C2 BMA L . 9.38 42.01 19.76
C3 BMA L . 9.81 43.46 19.89
C4 BMA L . 8.79 44.23 20.72
C5 BMA L . 8.48 43.49 22.03
C6 BMA L . 7.47 44.25 22.91
O2 BMA L . 8.23 41.93 18.95
O3 BMA L . 9.95 44.06 18.63
O4 BMA L . 9.30 45.52 20.98
O5 BMA L . 8.03 42.19 21.74
O6 BMA L . 6.25 44.49 22.22
#